data_2E6M
# 
_entry.id   2E6M 
# 
_audit_conform.dict_name       mmcif_pdbx.dic 
_audit_conform.dict_version    5.380 
_audit_conform.dict_location   http://mmcif.pdb.org/dictionaries/ascii/mmcif_pdbx.dic 
# 
loop_
_database_2.database_id 
_database_2.database_code 
_database_2.pdbx_database_accession 
_database_2.pdbx_DOI 
PDB   2E6M         pdb_00002e6m 10.2210/pdb2e6m/pdb 
RCSB  RCSB026290   ?            ?                   
WWPDB D_1000026290 ?            ?                   
# 
_pdbx_database_related.db_name        PDB 
_pdbx_database_related.db_id          2E6L 
_pdbx_database_related.details        'the same protein with Zinc ions' 
_pdbx_database_related.content_type   unspecified 
# 
_pdbx_database_status.status_code                     REL 
_pdbx_database_status.entry_id                        2E6M 
_pdbx_database_status.recvd_initial_deposition_date   2006-12-27 
_pdbx_database_status.deposit_site                    PDBJ 
_pdbx_database_status.process_site                    PDBJ 
_pdbx_database_status.status_code_sf                  REL 
_pdbx_database_status.status_code_mr                  ? 
_pdbx_database_status.SG_entry                        ? 
_pdbx_database_status.pdb_format_compatible           Y 
_pdbx_database_status.status_code_cs                  ? 
_pdbx_database_status.status_code_nmr_data            ? 
_pdbx_database_status.methods_development_category    ? 
# 
loop_
_audit_author.name 
_audit_author.pdbx_ordinal 
'Cho, Y.'    1 
'Choi, J.M.' 2 
# 
_citation.id                        primary 
_citation.title                     
;probing the roles of active site residues in 3'-5' exonuclease of werner syndrome protein
;
_citation.journal_abbrev            'TO BE PUBLISHED' 
_citation.journal_volume            ? 
_citation.page_first                ? 
_citation.page_last                 ? 
_citation.year                      ? 
_citation.journal_id_ASTM           ? 
_citation.country                   ? 
_citation.journal_id_ISSN           ? 
_citation.journal_id_CSD            0353 
_citation.book_publisher            ? 
_citation.pdbx_database_id_PubMed   ? 
_citation.pdbx_database_id_DOI      ? 
# 
loop_
_citation_author.citation_id 
_citation_author.name 
_citation_author.ordinal 
_citation_author.identifier_ORCID 
primary 'Cho, Y.'    1 ? 
primary 'Choi, J.M.' 2 ? 
# 
_cell.entry_id           2E6M 
_cell.length_a           54.925 
_cell.length_b           59.189 
_cell.length_c           60.466 
_cell.angle_alpha        90.00 
_cell.angle_beta         90.00 
_cell.angle_gamma        90.00 
_cell.Z_PDB              4 
_cell.pdbx_unique_axis   ? 
_cell.length_a_esd       ? 
_cell.length_b_esd       ? 
_cell.length_c_esd       ? 
_cell.angle_alpha_esd    ? 
_cell.angle_beta_esd     ? 
_cell.angle_gamma_esd    ? 
# 
_symmetry.entry_id                         2E6M 
_symmetry.space_group_name_H-M             'P 21 21 21' 
_symmetry.pdbx_full_space_group_name_H-M   ? 
_symmetry.cell_setting                     ? 
_symmetry.Int_Tables_number                19 
_symmetry.space_group_name_Hall            ? 
# 
loop_
_entity.id 
_entity.type 
_entity.src_method 
_entity.pdbx_description 
_entity.formula_weight 
_entity.pdbx_number_of_molecules 
_entity.pdbx_ec 
_entity.pdbx_mutation 
_entity.pdbx_fragment 
_entity.details 
1 polymer     man 'Werner syndrome ATP-dependent helicase homolog' 23401.854 1   3.6.1.- ? 
'wrn exonuclease domain, residues 31-238' ? 
2 non-polymer syn 'SULFATE ION'                                    96.063    1   ?       ? ? ? 
3 water       nat water                                            18.015    125 ?       ? ? ? 
# 
_entity_poly.entity_id                      1 
_entity_poly.type                           'polypeptide(L)' 
_entity_poly.nstd_linkage                   no 
_entity_poly.nstd_monomer                   no 
_entity_poly.pdbx_seq_one_letter_code       
;KSVLEDNLPFLEFPGSIVYSYEASDCSFLSEDISMRLSDGDVVGFDMEWPPIYKPGKRSRVAVIQLCVSESKCYLFHISS
MSVFPQGLKMLLENKSIKKAGVGIEGDQWKLLRDFDVKLESFVELTDVANEKLKCAETWSLNGLVKHVLGKQLLKDKSIR
CSNWSNFPLTEDQKLYAATDAYAGLIIYQKLGNLGDTVQVFALNKAEE
;
_entity_poly.pdbx_seq_one_letter_code_can   
;KSVLEDNLPFLEFPGSIVYSYEASDCSFLSEDISMRLSDGDVVGFDMEWPPIYKPGKRSRVAVIQLCVSESKCYLFHISS
MSVFPQGLKMLLENKSIKKAGVGIEGDQWKLLRDFDVKLESFVELTDVANEKLKCAETWSLNGLVKHVLGKQLLKDKSIR
CSNWSNFPLTEDQKLYAATDAYAGLIIYQKLGNLGDTVQVFALNKAEE
;
_entity_poly.pdbx_strand_id                 A 
_entity_poly.pdbx_target_identifier         ? 
# 
loop_
_entity_poly_seq.entity_id 
_entity_poly_seq.num 
_entity_poly_seq.mon_id 
_entity_poly_seq.hetero 
1 1   LYS n 
1 2   SER n 
1 3   VAL n 
1 4   LEU n 
1 5   GLU n 
1 6   ASP n 
1 7   ASN n 
1 8   LEU n 
1 9   PRO n 
1 10  PHE n 
1 11  LEU n 
1 12  GLU n 
1 13  PHE n 
1 14  PRO n 
1 15  GLY n 
1 16  SER n 
1 17  ILE n 
1 18  VAL n 
1 19  TYR n 
1 20  SER n 
1 21  TYR n 
1 22  GLU n 
1 23  ALA n 
1 24  SER n 
1 25  ASP n 
1 26  CYS n 
1 27  SER n 
1 28  PHE n 
1 29  LEU n 
1 30  SER n 
1 31  GLU n 
1 32  ASP n 
1 33  ILE n 
1 34  SER n 
1 35  MET n 
1 36  ARG n 
1 37  LEU n 
1 38  SER n 
1 39  ASP n 
1 40  GLY n 
1 41  ASP n 
1 42  VAL n 
1 43  VAL n 
1 44  GLY n 
1 45  PHE n 
1 46  ASP n 
1 47  MET n 
1 48  GLU n 
1 49  TRP n 
1 50  PRO n 
1 51  PRO n 
1 52  ILE n 
1 53  TYR n 
1 54  LYS n 
1 55  PRO n 
1 56  GLY n 
1 57  LYS n 
1 58  ARG n 
1 59  SER n 
1 60  ARG n 
1 61  VAL n 
1 62  ALA n 
1 63  VAL n 
1 64  ILE n 
1 65  GLN n 
1 66  LEU n 
1 67  CYS n 
1 68  VAL n 
1 69  SER n 
1 70  GLU n 
1 71  SER n 
1 72  LYS n 
1 73  CYS n 
1 74  TYR n 
1 75  LEU n 
1 76  PHE n 
1 77  HIS n 
1 78  ILE n 
1 79  SER n 
1 80  SER n 
1 81  MET n 
1 82  SER n 
1 83  VAL n 
1 84  PHE n 
1 85  PRO n 
1 86  GLN n 
1 87  GLY n 
1 88  LEU n 
1 89  LYS n 
1 90  MET n 
1 91  LEU n 
1 92  LEU n 
1 93  GLU n 
1 94  ASN n 
1 95  LYS n 
1 96  SER n 
1 97  ILE n 
1 98  LYS n 
1 99  LYS n 
1 100 ALA n 
1 101 GLY n 
1 102 VAL n 
1 103 GLY n 
1 104 ILE n 
1 105 GLU n 
1 106 GLY n 
1 107 ASP n 
1 108 GLN n 
1 109 TRP n 
1 110 LYS n 
1 111 LEU n 
1 112 LEU n 
1 113 ARG n 
1 114 ASP n 
1 115 PHE n 
1 116 ASP n 
1 117 VAL n 
1 118 LYS n 
1 119 LEU n 
1 120 GLU n 
1 121 SER n 
1 122 PHE n 
1 123 VAL n 
1 124 GLU n 
1 125 LEU n 
1 126 THR n 
1 127 ASP n 
1 128 VAL n 
1 129 ALA n 
1 130 ASN n 
1 131 GLU n 
1 132 LYS n 
1 133 LEU n 
1 134 LYS n 
1 135 CYS n 
1 136 ALA n 
1 137 GLU n 
1 138 THR n 
1 139 TRP n 
1 140 SER n 
1 141 LEU n 
1 142 ASN n 
1 143 GLY n 
1 144 LEU n 
1 145 VAL n 
1 146 LYS n 
1 147 HIS n 
1 148 VAL n 
1 149 LEU n 
1 150 GLY n 
1 151 LYS n 
1 152 GLN n 
1 153 LEU n 
1 154 LEU n 
1 155 LYS n 
1 156 ASP n 
1 157 LYS n 
1 158 SER n 
1 159 ILE n 
1 160 ARG n 
1 161 CYS n 
1 162 SER n 
1 163 ASN n 
1 164 TRP n 
1 165 SER n 
1 166 ASN n 
1 167 PHE n 
1 168 PRO n 
1 169 LEU n 
1 170 THR n 
1 171 GLU n 
1 172 ASP n 
1 173 GLN n 
1 174 LYS n 
1 175 LEU n 
1 176 TYR n 
1 177 ALA n 
1 178 ALA n 
1 179 THR n 
1 180 ASP n 
1 181 ALA n 
1 182 TYR n 
1 183 ALA n 
1 184 GLY n 
1 185 LEU n 
1 186 ILE n 
1 187 ILE n 
1 188 TYR n 
1 189 GLN n 
1 190 LYS n 
1 191 LEU n 
1 192 GLY n 
1 193 ASN n 
1 194 LEU n 
1 195 GLY n 
1 196 ASP n 
1 197 THR n 
1 198 VAL n 
1 199 GLN n 
1 200 VAL n 
1 201 PHE n 
1 202 ALA n 
1 203 LEU n 
1 204 ASN n 
1 205 LYS n 
1 206 ALA n 
1 207 GLU n 
1 208 GLU n 
# 
_entity_src_gen.entity_id                          1 
_entity_src_gen.pdbx_src_id                        1 
_entity_src_gen.pdbx_alt_source_flag               sample 
_entity_src_gen.pdbx_seq_type                      ? 
_entity_src_gen.pdbx_beg_seq_num                   ? 
_entity_src_gen.pdbx_end_seq_num                   ? 
_entity_src_gen.gene_src_common_name               'house mouse' 
_entity_src_gen.gene_src_genus                     Mus 
_entity_src_gen.pdbx_gene_src_gene                 Wrn 
_entity_src_gen.gene_src_species                   ? 
_entity_src_gen.gene_src_strain                    ? 
_entity_src_gen.gene_src_tissue                    ? 
_entity_src_gen.gene_src_tissue_fraction           ? 
_entity_src_gen.gene_src_details                   ? 
_entity_src_gen.pdbx_gene_src_fragment             ? 
_entity_src_gen.pdbx_gene_src_scientific_name      'Mus musculus' 
_entity_src_gen.pdbx_gene_src_ncbi_taxonomy_id     10090 
_entity_src_gen.pdbx_gene_src_variant              ? 
_entity_src_gen.pdbx_gene_src_cell_line            ? 
_entity_src_gen.pdbx_gene_src_atcc                 ? 
_entity_src_gen.pdbx_gene_src_organ                ? 
_entity_src_gen.pdbx_gene_src_organelle            ? 
_entity_src_gen.pdbx_gene_src_cell                 ? 
_entity_src_gen.pdbx_gene_src_cellular_location    ? 
_entity_src_gen.host_org_common_name               ? 
_entity_src_gen.pdbx_host_org_scientific_name      'Escherichia coli BL21(DE3)' 
_entity_src_gen.pdbx_host_org_ncbi_taxonomy_id     469008 
_entity_src_gen.host_org_genus                     Escherichia 
_entity_src_gen.pdbx_host_org_gene                 ? 
_entity_src_gen.pdbx_host_org_organ                ? 
_entity_src_gen.host_org_species                   'Escherichia coli' 
_entity_src_gen.pdbx_host_org_tissue               ? 
_entity_src_gen.pdbx_host_org_tissue_fraction      ? 
_entity_src_gen.pdbx_host_org_strain               'BL21(DE3)' 
_entity_src_gen.pdbx_host_org_variant              ? 
_entity_src_gen.pdbx_host_org_cell_line            ? 
_entity_src_gen.pdbx_host_org_atcc                 ? 
_entity_src_gen.pdbx_host_org_culture_collection   ? 
_entity_src_gen.pdbx_host_org_cell                 ? 
_entity_src_gen.pdbx_host_org_organelle            ? 
_entity_src_gen.pdbx_host_org_cellular_location    ? 
_entity_src_gen.pdbx_host_org_vector_type          plasmid 
_entity_src_gen.pdbx_host_org_vector               ? 
_entity_src_gen.host_org_details                   ? 
_entity_src_gen.expression_system_id               ? 
_entity_src_gen.plasmid_name                       pET-28a 
_entity_src_gen.plasmid_details                    ? 
_entity_src_gen.pdbx_description                   ? 
# 
_struct_ref.id                         1 
_struct_ref.db_name                    UNP 
_struct_ref.db_code                    WRN_MOUSE 
_struct_ref.pdbx_db_accession          O09053 
_struct_ref.entity_id                  1 
_struct_ref.pdbx_seq_one_letter_code   
;KSVLEDNLPFLEFPGSIVYSYEASDCSFLSEDISMRLSDGDVVGFDMEWPPIYKPGKRSRVAVIQLCVSENKCYLFHISS
MSVFPQGLKMLLENKSIKKAGVGIEGDQWKLLRDFDVKLESFVELTDVANEKLKCAETWSLNGLVKHVLGKQLLKDKSIR
CSNWSNFPLTEDQKLYAATDAYAGLIIYQKLGNLGDTVQVFALNKAEE
;
_struct_ref.pdbx_align_begin           31 
_struct_ref.pdbx_db_isoform            ? 
# 
_struct_ref_seq.align_id                      1 
_struct_ref_seq.ref_id                        1 
_struct_ref_seq.pdbx_PDB_id_code              2E6M 
_struct_ref_seq.pdbx_strand_id                A 
_struct_ref_seq.seq_align_beg                 1 
_struct_ref_seq.pdbx_seq_align_beg_ins_code   ? 
_struct_ref_seq.seq_align_end                 208 
_struct_ref_seq.pdbx_seq_align_end_ins_code   ? 
_struct_ref_seq.pdbx_db_accession             O09053 
_struct_ref_seq.db_align_beg                  31 
_struct_ref_seq.pdbx_db_align_beg_ins_code    ? 
_struct_ref_seq.db_align_end                  238 
_struct_ref_seq.pdbx_db_align_end_ins_code    ? 
_struct_ref_seq.pdbx_auth_seq_align_beg       31 
_struct_ref_seq.pdbx_auth_seq_align_end       238 
# 
_struct_ref_seq_dif.align_id                     1 
_struct_ref_seq_dif.pdbx_pdb_id_code             2E6M 
_struct_ref_seq_dif.mon_id                       SER 
_struct_ref_seq_dif.pdbx_pdb_strand_id           A 
_struct_ref_seq_dif.seq_num                      71 
_struct_ref_seq_dif.pdbx_pdb_ins_code            ? 
_struct_ref_seq_dif.pdbx_seq_db_name             UNP 
_struct_ref_seq_dif.pdbx_seq_db_accession_code   O09053 
_struct_ref_seq_dif.db_mon_id                    ASN 
_struct_ref_seq_dif.pdbx_seq_db_seq_num          101 
_struct_ref_seq_dif.details                      'SEE REMARK 999' 
_struct_ref_seq_dif.pdbx_auth_seq_num            101 
_struct_ref_seq_dif.pdbx_ordinal                 1 
# 
loop_
_chem_comp.id 
_chem_comp.type 
_chem_comp.mon_nstd_flag 
_chem_comp.name 
_chem_comp.pdbx_synonyms 
_chem_comp.formula 
_chem_comp.formula_weight 
ALA 'L-peptide linking' y ALANINE         ? 'C3 H7 N O2'     89.093  
ARG 'L-peptide linking' y ARGININE        ? 'C6 H15 N4 O2 1' 175.209 
ASN 'L-peptide linking' y ASPARAGINE      ? 'C4 H8 N2 O3'    132.118 
ASP 'L-peptide linking' y 'ASPARTIC ACID' ? 'C4 H7 N O4'     133.103 
CYS 'L-peptide linking' y CYSTEINE        ? 'C3 H7 N O2 S'   121.158 
GLN 'L-peptide linking' y GLUTAMINE       ? 'C5 H10 N2 O3'   146.144 
GLU 'L-peptide linking' y 'GLUTAMIC ACID' ? 'C5 H9 N O4'     147.129 
GLY 'peptide linking'   y GLYCINE         ? 'C2 H5 N O2'     75.067  
HIS 'L-peptide linking' y HISTIDINE       ? 'C6 H10 N3 O2 1' 156.162 
HOH non-polymer         . WATER           ? 'H2 O'           18.015  
ILE 'L-peptide linking' y ISOLEUCINE      ? 'C6 H13 N O2'    131.173 
LEU 'L-peptide linking' y LEUCINE         ? 'C6 H13 N O2'    131.173 
LYS 'L-peptide linking' y LYSINE          ? 'C6 H15 N2 O2 1' 147.195 
MET 'L-peptide linking' y METHIONINE      ? 'C5 H11 N O2 S'  149.211 
PHE 'L-peptide linking' y PHENYLALANINE   ? 'C9 H11 N O2'    165.189 
PRO 'L-peptide linking' y PROLINE         ? 'C5 H9 N O2'     115.130 
SER 'L-peptide linking' y SERINE          ? 'C3 H7 N O3'     105.093 
SO4 non-polymer         . 'SULFATE ION'   ? 'O4 S -2'        96.063  
THR 'L-peptide linking' y THREONINE       ? 'C4 H9 N O3'     119.119 
TRP 'L-peptide linking' y TRYPTOPHAN      ? 'C11 H12 N2 O2'  204.225 
TYR 'L-peptide linking' y TYROSINE        ? 'C9 H11 N O3'    181.189 
VAL 'L-peptide linking' y VALINE          ? 'C5 H11 N O2'    117.146 
# 
_exptl.entry_id          2E6M 
_exptl.method            'X-RAY DIFFRACTION' 
_exptl.crystals_number   1 
# 
_exptl_crystal.id                    1 
_exptl_crystal.density_meas          ? 
_exptl_crystal.density_Matthews      2.10 
_exptl_crystal.density_percent_sol   41.41 
_exptl_crystal.description           ? 
_exptl_crystal.F_000                 ? 
_exptl_crystal.preparation           ? 
# 
_exptl_crystal_grow.crystal_id      1 
_exptl_crystal_grow.method          'VAPOR DIFFUSION, HANGING DROP' 
_exptl_crystal_grow.temp            291.15 
_exptl_crystal_grow.temp_details    ? 
_exptl_crystal_grow.pH              8.5 
_exptl_crystal_grow.pdbx_details    'pH 8.5, VAPOR DIFFUSION, HANGING DROP, temperature 291.15K' 
_exptl_crystal_grow.pdbx_pH_range   . 
# 
_diffrn.id                     1 
_diffrn.ambient_temp           93.15 
_diffrn.ambient_temp_details   ? 
_diffrn.crystal_id             1 
# 
_diffrn_detector.diffrn_id              1 
_diffrn_detector.detector               CCD 
_diffrn_detector.type                   ? 
_diffrn_detector.pdbx_collection_date   2005-02-14 
_diffrn_detector.details                ? 
# 
_diffrn_radiation.diffrn_id                        1 
_diffrn_radiation.wavelength_id                    1 
_diffrn_radiation.pdbx_monochromatic_or_laue_m_l   M 
_diffrn_radiation.monochromator                    ? 
_diffrn_radiation.pdbx_diffrn_protocol             'SINGLE WAVELENGTH' 
_diffrn_radiation.pdbx_scattering_type             x-ray 
# 
_diffrn_radiation_wavelength.id           1 
_diffrn_radiation_wavelength.wavelength   1.0 
_diffrn_radiation_wavelength.wt           1.0 
# 
_diffrn_source.diffrn_id                   1 
_diffrn_source.source                      SYNCHROTRON 
_diffrn_source.type                        'PAL/PLS BEAMLINE 4A' 
_diffrn_source.pdbx_synchrotron_site       PAL/PLS 
_diffrn_source.pdbx_synchrotron_beamline   4A 
_diffrn_source.pdbx_wavelength             ? 
_diffrn_source.pdbx_wavelength_list        1.0 
# 
_reflns.entry_id                     2E6M 
_reflns.observed_criterion_sigma_I   ? 
_reflns.observed_criterion_sigma_F   ? 
_reflns.d_resolution_low             50 
_reflns.d_resolution_high            2.0 
_reflns.number_obs                   14814 
_reflns.number_all                   14814 
_reflns.percent_possible_obs         96 
_reflns.pdbx_Rmerge_I_obs            ? 
_reflns.pdbx_Rsym_value              0.092 
_reflns.pdbx_netI_over_sigmaI        29 
_reflns.B_iso_Wilson_estimate        7.0 
_reflns.pdbx_redundancy              5.2 
_reflns.R_free_details               ? 
_reflns.limit_h_max                  ? 
_reflns.limit_h_min                  ? 
_reflns.limit_k_max                  ? 
_reflns.limit_k_min                  ? 
_reflns.limit_l_max                  ? 
_reflns.limit_l_min                  ? 
_reflns.observed_criterion_F_max     ? 
_reflns.observed_criterion_F_min     ? 
_reflns.pdbx_chi_squared             ? 
_reflns.pdbx_scaling_rejects         ? 
_reflns.pdbx_diffrn_id               1 
_reflns.pdbx_ordinal                 1 
# 
_reflns_shell.d_res_high             2.0 
_reflns_shell.d_res_low              2.11 
_reflns_shell.percent_possible_all   96 
_reflns_shell.Rmerge_I_obs           ? 
_reflns_shell.pdbx_Rsym_value        0.092 
_reflns_shell.meanI_over_sigI_obs    29 
_reflns_shell.pdbx_redundancy        4.7 
_reflns_shell.percent_possible_obs   ? 
_reflns_shell.number_unique_all      14814 
_reflns_shell.number_measured_all    ? 
_reflns_shell.number_measured_obs    ? 
_reflns_shell.number_unique_obs      ? 
_reflns_shell.pdbx_chi_squared       ? 
_reflns_shell.pdbx_diffrn_id         ? 
_reflns_shell.pdbx_ordinal           1 
# 
_refine.entry_id                                 2E6M 
_refine.ls_number_reflns_obs                     13095 
_refine.ls_number_reflns_all                     14814 
_refine.pdbx_ls_sigma_I                          ? 
_refine.pdbx_ls_sigma_F                          1.0 
_refine.pdbx_data_cutoff_high_absF               77755.73 
_refine.pdbx_data_cutoff_low_absF                0.000000 
_refine.pdbx_data_cutoff_high_rms_absF           ? 
_refine.ls_d_res_low                             29.60 
_refine.ls_d_res_high                            2.00 
_refine.ls_percent_reflns_obs                    94.5 
_refine.ls_R_factor_obs                          0.209 
_refine.ls_R_factor_all                          ? 
_refine.ls_R_factor_R_work                       0.209 
_refine.ls_R_factor_R_free                       0.243 
_refine.ls_R_factor_R_free_error                 0.010 
_refine.ls_R_factor_R_free_error_details         ? 
_refine.ls_percent_reflns_R_free                 5.0 
_refine.ls_number_reflns_R_free                  652 
_refine.ls_number_parameters                     ? 
_refine.ls_number_restraints                     ? 
_refine.occupancy_min                            ? 
_refine.occupancy_max                            ? 
_refine.correlation_coeff_Fo_to_Fc               ? 
_refine.correlation_coeff_Fo_to_Fc_free          ? 
_refine.B_iso_mean                               25.0 
_refine.aniso_B[1][1]                            0.07 
_refine.aniso_B[2][2]                            -6.57 
_refine.aniso_B[3][3]                            6.51 
_refine.aniso_B[1][2]                            0.00 
_refine.aniso_B[1][3]                            0.00 
_refine.aniso_B[2][3]                            0.00 
_refine.solvent_model_details                    'FLAT MODEL' 
_refine.solvent_model_param_ksol                 0.390643 
_refine.solvent_model_param_bsol                 51.3719 
_refine.pdbx_solvent_vdw_probe_radii             ? 
_refine.pdbx_solvent_ion_probe_radii             ? 
_refine.pdbx_solvent_shrinkage_radii             ? 
_refine.pdbx_ls_cross_valid_method               THROUGHOUT 
_refine.details                                  ? 
_refine.pdbx_starting_model                      2E6L 
_refine.pdbx_method_to_determine_struct          'MOLECULAR REPLACEMENT' 
_refine.pdbx_isotropic_thermal_model             RESTRAINED 
_refine.pdbx_stereochemistry_target_values       ? 
_refine.pdbx_stereochem_target_val_spec_case     ? 
_refine.pdbx_R_Free_selection_details            RANDOM 
_refine.pdbx_overall_ESU_R                       ? 
_refine.pdbx_overall_ESU_R_Free                  ? 
_refine.overall_SU_ML                            ? 
_refine.overall_SU_B                             ? 
_refine.ls_redundancy_reflns_obs                 ? 
_refine.B_iso_min                                ? 
_refine.B_iso_max                                ? 
_refine.overall_SU_R_Cruickshank_DPI             ? 
_refine.overall_SU_R_free                        ? 
_refine.ls_wR_factor_R_free                      ? 
_refine.ls_wR_factor_R_work                      ? 
_refine.overall_FOM_free_R_set                   ? 
_refine.overall_FOM_work_R_set                   ? 
_refine.pdbx_refine_id                           'X-RAY DIFFRACTION' 
_refine.pdbx_diffrn_id                           1 
_refine.pdbx_TLS_residual_ADP_flag               ? 
_refine.pdbx_overall_phase_error                 ? 
_refine.pdbx_overall_SU_R_free_Cruickshank_DPI   ? 
_refine.pdbx_overall_SU_R_Blow_DPI               ? 
_refine.pdbx_overall_SU_R_free_Blow_DPI          ? 
# 
_refine_analyze.entry_id                        2E6M 
_refine_analyze.Luzzati_coordinate_error_obs    0.23 
_refine_analyze.Luzzati_sigma_a_obs             0.19 
_refine_analyze.Luzzati_d_res_low_obs           5.00 
_refine_analyze.Luzzati_coordinate_error_free   0.28 
_refine_analyze.Luzzati_sigma_a_free            0.21 
_refine_analyze.Luzzati_d_res_low_free          ? 
_refine_analyze.number_disordered_residues      ? 
_refine_analyze.occupancy_sum_hydrogen          ? 
_refine_analyze.occupancy_sum_non_hydrogen      ? 
_refine_analyze.pdbx_Luzzati_d_res_high_obs     ? 
_refine_analyze.pdbx_refine_id                  'X-RAY DIFFRACTION' 
# 
_refine_hist.pdbx_refine_id                   'X-RAY DIFFRACTION' 
_refine_hist.cycle_id                         LAST 
_refine_hist.pdbx_number_atoms_protein        1465 
_refine_hist.pdbx_number_atoms_nucleic_acid   0 
_refine_hist.pdbx_number_atoms_ligand         5 
_refine_hist.number_atoms_solvent             125 
_refine_hist.number_atoms_total               1595 
_refine_hist.d_res_high                       2.00 
_refine_hist.d_res_low                        29.60 
# 
loop_
_refine_ls_restr.type 
_refine_ls_restr.dev_ideal 
_refine_ls_restr.dev_ideal_target 
_refine_ls_restr.weight 
_refine_ls_restr.number 
_refine_ls_restr.pdbx_refine_id 
_refine_ls_restr.pdbx_restraint_function 
c_bond_d           0.006 ?    ? ? 'X-RAY DIFFRACTION' ? 
c_angle_deg        1.2   ?    ? ? 'X-RAY DIFFRACTION' ? 
c_dihedral_angle_d 22.5  ?    ? ? 'X-RAY DIFFRACTION' ? 
c_improper_angle_d 0.68  ?    ? ? 'X-RAY DIFFRACTION' ? 
c_mcbond_it        1.50  1.50 ? ? 'X-RAY DIFFRACTION' ? 
c_mcangle_it       2.20  2.00 ? ? 'X-RAY DIFFRACTION' ? 
c_scbond_it        2.43  2.00 ? ? 'X-RAY DIFFRACTION' ? 
c_scangle_it       3.48  2.50 ? ? 'X-RAY DIFFRACTION' ? 
# 
_refine_ls_shell.pdbx_total_number_of_bins_used   6 
_refine_ls_shell.d_res_high                       2.00 
_refine_ls_shell.d_res_low                        2.13 
_refine_ls_shell.number_reflns_R_work             2000 
_refine_ls_shell.R_factor_R_work                  0.247 
_refine_ls_shell.percent_reflns_obs               92.7 
_refine_ls_shell.R_factor_R_free                  0.287 
_refine_ls_shell.R_factor_R_free_error            0.028 
_refine_ls_shell.percent_reflns_R_free            4.9 
_refine_ls_shell.number_reflns_R_free             104 
_refine_ls_shell.number_reflns_all                ? 
_refine_ls_shell.R_factor_all                     ? 
_refine_ls_shell.number_reflns_obs                ? 
_refine_ls_shell.redundancy_reflns_obs            ? 
_refine_ls_shell.pdbx_refine_id                   'X-RAY DIFFRACTION' 
# 
loop_
_pdbx_xplor_file.serial_no 
_pdbx_xplor_file.param_file 
_pdbx_xplor_file.topol_file 
_pdbx_xplor_file.pdbx_refine_id 
1 protein_rep.param protein.top 'X-RAY DIFFRACTION' 
2 water_rep.param   water.top   'X-RAY DIFFRACTION' 
3 ion.param         ion.top     'X-RAY DIFFRACTION' 
# 
_struct.entry_id                  2E6M 
_struct.title                     'structure of mouse werner exonuclease domain' 
_struct.pdbx_model_details        ? 
_struct.pdbx_CASP_flag            ? 
_struct.pdbx_model_type_details   ? 
# 
_struct_keywords.entry_id        2E6M 
_struct_keywords.pdbx_keywords   HYDROLASE 
_struct_keywords.text            'apo form, HYDROLASE' 
# 
loop_
_struct_asym.id 
_struct_asym.pdbx_blank_PDB_chainid_flag 
_struct_asym.pdbx_modified 
_struct_asym.entity_id 
_struct_asym.details 
A N N 1 ? 
B N N 2 ? 
C N N 3 ? 
# 
loop_
_struct_conf.conf_type_id 
_struct_conf.id 
_struct_conf.pdbx_PDB_helix_id 
_struct_conf.beg_label_comp_id 
_struct_conf.beg_label_asym_id 
_struct_conf.beg_label_seq_id 
_struct_conf.pdbx_beg_PDB_ins_code 
_struct_conf.end_label_comp_id 
_struct_conf.end_label_asym_id 
_struct_conf.end_label_seq_id 
_struct_conf.pdbx_end_PDB_ins_code 
_struct_conf.beg_auth_comp_id 
_struct_conf.beg_auth_asym_id 
_struct_conf.beg_auth_seq_id 
_struct_conf.end_auth_comp_id 
_struct_conf.end_auth_asym_id 
_struct_conf.end_auth_seq_id 
_struct_conf.pdbx_PDB_helix_class 
_struct_conf.details 
_struct_conf.pdbx_PDB_helix_length 
HELX_P HELX_P1 1 GLU A 22  ? LEU A 37  ? GLU A 52  LEU A 67  1 ? 16 
HELX_P HELX_P2 2 ILE A 78  ? MET A 81  ? ILE A 108 MET A 111 5 ? 4  
HELX_P HELX_P3 3 PRO A 85  ? GLU A 93  ? PRO A 115 GLU A 123 1 ? 9  
HELX_P HELX_P4 4 GLY A 103 ? ASP A 116 ? GLY A 133 ASP A 146 1 ? 14 
HELX_P HELX_P5 5 LEU A 125 ? LEU A 133 ? LEU A 155 LEU A 163 1 ? 9  
HELX_P HELX_P6 6 SER A 140 ? GLY A 150 ? SER A 170 GLY A 180 1 ? 11 
HELX_P HELX_P7 7 ASP A 156 ? CYS A 161 ? ASP A 186 CYS A 191 1 ? 6  
HELX_P HELX_P8 8 THR A 170 ? ASN A 193 ? THR A 200 ASN A 223 1 ? 24 
# 
_struct_conf_type.id          HELX_P 
_struct_conf_type.criteria    ? 
_struct_conf_type.reference   ? 
# 
_struct_mon_prot_cis.pdbx_id                1 
_struct_mon_prot_cis.label_comp_id          PHE 
_struct_mon_prot_cis.label_seq_id           167 
_struct_mon_prot_cis.label_asym_id          A 
_struct_mon_prot_cis.label_alt_id           . 
_struct_mon_prot_cis.pdbx_PDB_ins_code      ? 
_struct_mon_prot_cis.auth_comp_id           PHE 
_struct_mon_prot_cis.auth_seq_id            197 
_struct_mon_prot_cis.auth_asym_id           A 
_struct_mon_prot_cis.pdbx_label_comp_id_2   PRO 
_struct_mon_prot_cis.pdbx_label_seq_id_2    168 
_struct_mon_prot_cis.pdbx_label_asym_id_2   A 
_struct_mon_prot_cis.pdbx_PDB_ins_code_2    ? 
_struct_mon_prot_cis.pdbx_auth_comp_id_2    PRO 
_struct_mon_prot_cis.pdbx_auth_seq_id_2     198 
_struct_mon_prot_cis.pdbx_auth_asym_id_2    A 
_struct_mon_prot_cis.pdbx_PDB_model_num     1 
_struct_mon_prot_cis.pdbx_omega_angle       0.18 
# 
_struct_sheet.id               A 
_struct_sheet.type             ? 
_struct_sheet.number_strands   6 
_struct_sheet.details          ? 
# 
loop_
_struct_sheet_order.sheet_id 
_struct_sheet_order.range_id_1 
_struct_sheet_order.range_id_2 
_struct_sheet_order.offset 
_struct_sheet_order.sense 
A 1 2 ? parallel      
A 2 3 ? anti-parallel 
A 3 4 ? anti-parallel 
A 4 5 ? parallel      
A 5 6 ? parallel      
# 
loop_
_struct_sheet_range.sheet_id 
_struct_sheet_range.id 
_struct_sheet_range.beg_label_comp_id 
_struct_sheet_range.beg_label_asym_id 
_struct_sheet_range.beg_label_seq_id 
_struct_sheet_range.pdbx_beg_PDB_ins_code 
_struct_sheet_range.end_label_comp_id 
_struct_sheet_range.end_label_asym_id 
_struct_sheet_range.end_label_seq_id 
_struct_sheet_range.pdbx_end_PDB_ins_code 
_struct_sheet_range.beg_auth_comp_id 
_struct_sheet_range.beg_auth_asym_id 
_struct_sheet_range.beg_auth_seq_id 
_struct_sheet_range.end_auth_comp_id 
_struct_sheet_range.end_auth_asym_id 
_struct_sheet_range.end_auth_seq_id 
A 1 SER A 16  ? SER A 20  ? SER A 46  SER A 50  
A 2 LYS A 72  ? PHE A 76  ? LYS A 102 PHE A 106 
A 3 VAL A 63  ? CYS A 67  ? VAL A 93  CYS A 97  
A 4 VAL A 42  ? GLU A 48  ? VAL A 72  GLU A 78  
A 5 LYS A 98  ? GLY A 101 ? LYS A 128 GLY A 131 
A 6 PHE A 122 ? GLU A 124 ? PHE A 152 GLU A 154 
# 
loop_
_pdbx_struct_sheet_hbond.sheet_id 
_pdbx_struct_sheet_hbond.range_id_1 
_pdbx_struct_sheet_hbond.range_id_2 
_pdbx_struct_sheet_hbond.range_1_label_atom_id 
_pdbx_struct_sheet_hbond.range_1_label_comp_id 
_pdbx_struct_sheet_hbond.range_1_label_asym_id 
_pdbx_struct_sheet_hbond.range_1_label_seq_id 
_pdbx_struct_sheet_hbond.range_1_PDB_ins_code 
_pdbx_struct_sheet_hbond.range_1_auth_atom_id 
_pdbx_struct_sheet_hbond.range_1_auth_comp_id 
_pdbx_struct_sheet_hbond.range_1_auth_asym_id 
_pdbx_struct_sheet_hbond.range_1_auth_seq_id 
_pdbx_struct_sheet_hbond.range_2_label_atom_id 
_pdbx_struct_sheet_hbond.range_2_label_comp_id 
_pdbx_struct_sheet_hbond.range_2_label_asym_id 
_pdbx_struct_sheet_hbond.range_2_label_seq_id 
_pdbx_struct_sheet_hbond.range_2_PDB_ins_code 
_pdbx_struct_sheet_hbond.range_2_auth_atom_id 
_pdbx_struct_sheet_hbond.range_2_auth_comp_id 
_pdbx_struct_sheet_hbond.range_2_auth_asym_id 
_pdbx_struct_sheet_hbond.range_2_auth_seq_id 
A 1 2 N VAL A 18 ? N VAL A 48  O LEU A 75  ? O LEU A 105 
A 2 3 O TYR A 74 ? O TYR A 104 N LEU A 66  ? N LEU A 96  
A 3 4 O CYS A 67 ? O CYS A 97  N GLY A 44  ? N GLY A 74  
A 4 5 N PHE A 45 ? N PHE A 75  O ALA A 100 ? O ALA A 130 
A 5 6 N LYS A 99 ? N LYS A 129 O VAL A 123 ? O VAL A 153 
# 
_struct_site.id                   AC1 
_struct_site.pdbx_evidence_code   Software 
_struct_site.pdbx_auth_asym_id    A 
_struct_site.pdbx_auth_comp_id    SO4 
_struct_site.pdbx_auth_seq_id     501 
_struct_site.pdbx_auth_ins_code   ? 
_struct_site.pdbx_num_residues    7 
_struct_site.details              'BINDING SITE FOR RESIDUE SO4 A 501' 
# 
loop_
_struct_site_gen.id 
_struct_site_gen.site_id 
_struct_site_gen.pdbx_num_res 
_struct_site_gen.label_comp_id 
_struct_site_gen.label_asym_id 
_struct_site_gen.label_seq_id 
_struct_site_gen.pdbx_auth_ins_code 
_struct_site_gen.auth_comp_id 
_struct_site_gen.auth_asym_id 
_struct_site_gen.auth_seq_id 
_struct_site_gen.label_atom_id 
_struct_site_gen.label_alt_id 
_struct_site_gen.symmetry 
_struct_site_gen.details 
1 AC1 7 LYS A 89  ? LYS A 119 . ? 4_456 ? 
2 AC1 7 LEU A 141 ? LEU A 171 . ? 1_555 ? 
3 AC1 7 ASN A 142 ? ASN A 172 . ? 1_555 ? 
4 AC1 7 LYS A 155 ? LYS A 185 . ? 1_555 ? 
5 AC1 7 HOH C .   ? HOH A 620 . ? 1_555 ? 
6 AC1 7 HOH C .   ? HOH A 621 . ? 1_555 ? 
7 AC1 7 HOH C .   ? HOH A 622 . ? 1_555 ? 
# 
_atom_sites.entry_id                    2E6M 
_atom_sites.fract_transf_matrix[1][1]   0.00511482 
_atom_sites.fract_transf_matrix[1][2]   0.01451766 
_atom_sites.fract_transf_matrix[1][3]   -0.00972476 
_atom_sites.fract_transf_matrix[2][1]   0.00126393 
_atom_sites.fract_transf_matrix[2][2]   0.00906666 
_atom_sites.fract_transf_matrix[2][3]   0.01419997 
_atom_sites.fract_transf_matrix[3][1]   0.01582371 
_atom_sites.fract_transf_matrix[3][2]   -0.00456567 
_atom_sites.fract_transf_matrix[3][3]   0.00150672 
_atom_sites.fract_transf_vector[1]      0.413664 
_atom_sites.fract_transf_vector[2]      0.178132 
_atom_sites.fract_transf_vector[3]      0.623891 
# 
loop_
_atom_type.symbol 
C 
N 
O 
S 
# 
loop_
_atom_site.group_PDB 
_atom_site.id 
_atom_site.type_symbol 
_atom_site.label_atom_id 
_atom_site.label_alt_id 
_atom_site.label_comp_id 
_atom_site.label_asym_id 
_atom_site.label_entity_id 
_atom_site.label_seq_id 
_atom_site.pdbx_PDB_ins_code 
_atom_site.Cartn_x 
_atom_site.Cartn_y 
_atom_site.Cartn_z 
_atom_site.occupancy 
_atom_site.B_iso_or_equiv 
_atom_site.pdbx_formal_charge 
_atom_site.auth_seq_id 
_atom_site.auth_comp_id 
_atom_site.auth_asym_id 
_atom_site.auth_atom_id 
_atom_site.pdbx_PDB_model_num 
ATOM   1    N N   . ASN A 1 7   ? 9.543   -22.419 10.992  1.00 51.48 ? 37  ASN A N   1 
ATOM   2    C CA  . ASN A 1 7   ? 10.266  -21.129 10.805  1.00 50.80 ? 37  ASN A CA  1 
ATOM   3    C C   . ASN A 1 7   ? 10.241  -20.667 9.353   1.00 49.36 ? 37  ASN A C   1 
ATOM   4    O O   . ASN A 1 7   ? 11.032  -21.138 8.531   1.00 49.89 ? 37  ASN A O   1 
ATOM   5    C CB  . ASN A 1 7   ? 11.727  -21.262 11.250  1.00 52.28 ? 37  ASN A CB  1 
ATOM   6    C CG  . ASN A 1 7   ? 11.873  -21.403 12.751  1.00 53.85 ? 37  ASN A CG  1 
ATOM   7    O OD1 . ASN A 1 7   ? 11.471  -20.522 13.512  1.00 54.31 ? 37  ASN A OD1 1 
ATOM   8    N ND2 . ASN A 1 7   ? 12.459  -22.514 13.186  1.00 54.66 ? 37  ASN A ND2 1 
ATOM   9    N N   . LEU A 1 8   ? 9.327   -19.757 9.035   1.00 46.52 ? 38  LEU A N   1 
ATOM   10   C CA  . LEU A 1 8   ? 9.237   -19.224 7.681   1.00 43.40 ? 38  LEU A CA  1 
ATOM   11   C C   . LEU A 1 8   ? 10.033  -17.929 7.606   1.00 40.98 ? 38  LEU A C   1 
ATOM   12   O O   . LEU A 1 8   ? 9.999   -17.112 8.530   1.00 39.79 ? 38  LEU A O   1 
ATOM   13   C CB  . LEU A 1 8   ? 7.781   -18.945 7.288   1.00 42.62 ? 38  LEU A CB  1 
ATOM   14   C CG  . LEU A 1 8   ? 6.923   -20.127 6.834   1.00 43.36 ? 38  LEU A CG  1 
ATOM   15   C CD1 . LEU A 1 8   ? 5.528   -19.636 6.481   1.00 42.83 ? 38  LEU A CD1 1 
ATOM   16   C CD2 . LEU A 1 8   ? 7.567   -20.799 5.628   1.00 43.64 ? 38  LEU A CD2 1 
ATOM   17   N N   . PRO A 1 9   ? 10.776  -17.730 6.507   1.00 39.48 ? 39  PRO A N   1 
ATOM   18   C CA  . PRO A 1 9   ? 11.574  -16.512 6.341   1.00 38.39 ? 39  PRO A CA  1 
ATOM   19   C C   . PRO A 1 9   ? 10.653  -15.296 6.393   1.00 37.65 ? 39  PRO A C   1 
ATOM   20   O O   . PRO A 1 9   ? 9.478   -15.384 6.038   1.00 36.65 ? 39  PRO A O   1 
ATOM   21   C CB  . PRO A 1 9   ? 12.200  -16.693 4.961   1.00 39.01 ? 39  PRO A CB  1 
ATOM   22   C CG  . PRO A 1 9   ? 12.287  -18.183 4.813   1.00 39.42 ? 39  PRO A CG  1 
ATOM   23   C CD  . PRO A 1 9   ? 10.960  -18.638 5.362   1.00 39.14 ? 39  PRO A CD  1 
ATOM   24   N N   . PHE A 1 10  ? 11.184  -14.166 6.842   1.00 36.28 ? 40  PHE A N   1 
ATOM   25   C CA  . PHE A 1 10  ? 10.396  -12.948 6.922   1.00 35.48 ? 40  PHE A CA  1 
ATOM   26   C C   . PHE A 1 10  ? 10.486  -12.165 5.627   1.00 33.79 ? 40  PHE A C   1 
ATOM   27   O O   . PHE A 1 10  ? 11.572  -11.965 5.091   1.00 35.82 ? 40  PHE A O   1 
ATOM   28   C CB  . PHE A 1 10  ? 10.887  -12.079 8.078   1.00 37.52 ? 40  PHE A CB  1 
ATOM   29   C CG  . PHE A 1 10  ? 10.162  -12.322 9.365   1.00 39.45 ? 40  PHE A CG  1 
ATOM   30   C CD1 . PHE A 1 10  ? 8.893   -11.791 9.570   1.00 40.61 ? 40  PHE A CD1 1 
ATOM   31   C CD2 . PHE A 1 10  ? 10.740  -13.095 10.368  1.00 40.88 ? 40  PHE A CD2 1 
ATOM   32   C CE1 . PHE A 1 10  ? 8.204   -12.025 10.756  1.00 40.65 ? 40  PHE A CE1 1 
ATOM   33   C CE2 . PHE A 1 10  ? 10.058  -13.335 11.559  1.00 41.84 ? 40  PHE A CE2 1 
ATOM   34   C CZ  . PHE A 1 10  ? 8.787   -12.799 11.752  1.00 41.13 ? 40  PHE A CZ  1 
ATOM   35   N N   . LEU A 1 11  ? 9.339   -11.735 5.114   1.00 31.68 ? 41  LEU A N   1 
ATOM   36   C CA  . LEU A 1 11  ? 9.312   -10.950 3.888   1.00 28.21 ? 41  LEU A CA  1 
ATOM   37   C C   . LEU A 1 11  ? 9.712   -9.533  4.259   1.00 26.90 ? 41  LEU A C   1 
ATOM   38   O O   . LEU A 1 11  ? 9.209   -8.980  5.237   1.00 25.90 ? 41  LEU A O   1 
ATOM   39   C CB  . LEU A 1 11  ? 7.903   -10.929 3.284   1.00 28.05 ? 41  LEU A CB  1 
ATOM   40   C CG  . LEU A 1 11  ? 7.780   -10.125 1.985   1.00 25.42 ? 41  LEU A CG  1 
ATOM   41   C CD1 . LEU A 1 11  ? 8.513   -10.860 0.875   1.00 26.07 ? 41  LEU A CD1 1 
ATOM   42   C CD2 . LEU A 1 11  ? 6.327   -9.935  1.619   1.00 25.16 ? 41  LEU A CD2 1 
ATOM   43   N N   . GLU A 1 12  ? 10.622  -8.948  3.490   1.00 25.18 ? 42  GLU A N   1 
ATOM   44   C CA  . GLU A 1 12  ? 11.061  -7.580  3.745   1.00 24.35 ? 42  GLU A CA  1 
ATOM   45   C C   . GLU A 1 12  ? 11.338  -6.846  2.445   1.00 22.00 ? 42  GLU A C   1 
ATOM   46   O O   . GLU A 1 12  ? 11.954  -7.408  1.541   1.00 24.35 ? 42  GLU A O   1 
ATOM   47   C CB  . GLU A 1 12  ? 12.329  -7.571  4.601   1.00 25.53 ? 42  GLU A CB  1 
ATOM   48   C CG  . GLU A 1 12  ? 12.139  -8.119  6.002   1.00 29.21 ? 42  GLU A CG  1 
ATOM   49   C CD  . GLU A 1 12  ? 13.374  -7.928  6.860   1.00 32.42 ? 42  GLU A CD  1 
ATOM   50   O OE1 . GLU A 1 12  ? 13.334  -8.286  8.056   1.00 34.95 ? 42  GLU A OE1 1 
ATOM   51   O OE2 . GLU A 1 12  ? 14.386  -7.419  6.332   1.00 32.38 ? 42  GLU A OE2 1 
ATOM   52   N N   . PHE A 1 13  ? 10.875  -5.602  2.341   1.00 19.40 ? 43  PHE A N   1 
ATOM   53   C CA  . PHE A 1 13  ? 11.123  -4.815  1.134   1.00 17.74 ? 43  PHE A CA  1 
ATOM   54   C C   . PHE A 1 13  ? 12.629  -4.604  1.063   1.00 18.70 ? 43  PHE A C   1 
ATOM   55   O O   . PHE A 1 13  ? 13.215  -4.027  1.971   1.00 19.48 ? 43  PHE A O   1 
ATOM   56   C CB  . PHE A 1 13  ? 10.428  -3.457  1.212   1.00 16.13 ? 43  PHE A CB  1 
ATOM   57   C CG  . PHE A 1 13  ? 10.787  -2.534  0.082   1.00 17.13 ? 43  PHE A CG  1 
ATOM   58   C CD1 . PHE A 1 13  ? 10.510  -2.888  -1.236  1.00 16.73 ? 43  PHE A CD1 1 
ATOM   59   C CD2 . PHE A 1 13  ? 11.407  -1.317  0.331   1.00 14.74 ? 43  PHE A CD2 1 
ATOM   60   C CE1 . PHE A 1 13  ? 10.844  -2.038  -2.287  1.00 17.35 ? 43  PHE A CE1 1 
ATOM   61   C CE2 . PHE A 1 13  ? 11.744  -0.462  -0.716  1.00 16.14 ? 43  PHE A CE2 1 
ATOM   62   C CZ  . PHE A 1 13  ? 11.461  -0.826  -2.026  1.00 14.91 ? 43  PHE A CZ  1 
ATOM   63   N N   . PRO A 1 14  ? 13.270  -5.060  -0.025  1.00 20.50 ? 44  PRO A N   1 
ATOM   64   C CA  . PRO A 1 14  ? 14.717  -4.920  -0.188  1.00 20.81 ? 44  PRO A CA  1 
ATOM   65   C C   . PRO A 1 14  ? 15.211  -3.679  -0.928  1.00 20.20 ? 44  PRO A C   1 
ATOM   66   O O   . PRO A 1 14  ? 16.411  -3.422  -0.952  1.00 19.11 ? 44  PRO A O   1 
ATOM   67   C CB  . PRO A 1 14  ? 15.080  -6.189  -0.939  1.00 20.51 ? 44  PRO A CB  1 
ATOM   68   C CG  . PRO A 1 14  ? 13.942  -6.274  -1.920  1.00 21.39 ? 44  PRO A CG  1 
ATOM   69   C CD  . PRO A 1 14  ? 12.713  -5.934  -1.076  1.00 20.40 ? 44  PRO A CD  1 
ATOM   70   N N   . GLY A 1 15  ? 14.300  -2.917  -1.527  1.00 19.26 ? 45  GLY A N   1 
ATOM   71   C CA  . GLY A 1 15  ? 14.715  -1.750  -2.286  1.00 18.35 ? 45  GLY A CA  1 
ATOM   72   C C   . GLY A 1 15  ? 14.882  -0.456  -1.522  1.00 17.97 ? 45  GLY A C   1 
ATOM   73   O O   . GLY A 1 15  ? 15.019  -0.446  -0.300  1.00 17.57 ? 45  GLY A O   1 
ATOM   74   N N   . SER A 1 16  ? 14.873  0.649   -2.258  1.00 18.95 ? 46  SER A N   1 
ATOM   75   C CA  . SER A 1 16  ? 15.017  1.966   -1.658  1.00 18.99 ? 46  SER A CA  1 
ATOM   76   C C   . SER A 1 16  ? 13.665  2.516   -1.236  1.00 18.79 ? 46  SER A C   1 
ATOM   77   O O   . SER A 1 16  ? 12.699  2.476   -2.000  1.00 19.41 ? 46  SER A O   1 
ATOM   78   C CB  . SER A 1 16  ? 15.661  2.933   -2.652  1.00 20.20 ? 46  SER A CB  1 
ATOM   79   O OG  . SER A 1 16  ? 16.924  2.454   -3.076  1.00 27.82 ? 46  SER A OG  1 
ATOM   80   N N   . ILE A 1 17  ? 13.593  3.021   -0.012  1.00 17.27 ? 47  ILE A N   1 
ATOM   81   C CA  . ILE A 1 17  ? 12.361  3.604   0.482   1.00 16.89 ? 47  ILE A CA  1 
ATOM   82   C C   . ILE A 1 17  ? 12.443  5.117   0.310   1.00 18.18 ? 47  ILE A C   1 
ATOM   83   O O   . ILE A 1 17  ? 13.349  5.763   0.840   1.00 19.05 ? 47  ILE A O   1 
ATOM   84   C CB  . ILE A 1 17  ? 12.146  3.284   1.977   1.00 16.74 ? 47  ILE A CB  1 
ATOM   85   C CG1 . ILE A 1 17  ? 11.991  1.777   2.165   1.00 16.36 ? 47  ILE A CG1 1 
ATOM   86   C CG2 . ILE A 1 17  ? 10.920  4.012   2.501   1.00 14.87 ? 47  ILE A CG2 1 
ATOM   87   C CD1 . ILE A 1 17  ? 12.141  1.288   3.605   1.00 24.97 ? 47  ILE A CD1 1 
ATOM   88   N N   . VAL A 1 18  ? 11.511  5.672   -0.458  1.00 17.37 ? 48  VAL A N   1 
ATOM   89   C CA  . VAL A 1 18  ? 11.455  7.111   -0.680  1.00 16.61 ? 48  VAL A CA  1 
ATOM   90   C C   . VAL A 1 18  ? 10.417  7.645   0.297   1.00 16.90 ? 48  VAL A C   1 
ATOM   91   O O   . VAL A 1 18  ? 9.257   7.236   0.257   1.00 16.38 ? 48  VAL A O   1 
ATOM   92   C CB  . VAL A 1 18  ? 11.010  7.450   -2.121  1.00 16.63 ? 48  VAL A CB  1 
ATOM   93   C CG1 . VAL A 1 18  ? 11.016  8.961   -2.325  1.00 16.34 ? 48  VAL A CG1 1 
ATOM   94   C CG2 . VAL A 1 18  ? 11.944  6.769   -3.125  1.00 18.16 ? 48  VAL A CG2 1 
ATOM   95   N N   . TYR A 1 19  ? 10.842  8.547   1.177   1.00 15.69 ? 49  TYR A N   1 
ATOM   96   C CA  . TYR A 1 19  ? 9.962   9.127   2.186   1.00 15.33 ? 49  TYR A CA  1 
ATOM   97   C C   . TYR A 1 19  ? 9.652   10.580  1.819   1.00 16.42 ? 49  TYR A C   1 
ATOM   98   O O   . TYR A 1 19  ? 10.555  11.404  1.693   1.00 14.96 ? 49  TYR A O   1 
ATOM   99   C CB  . TYR A 1 19  ? 10.650  9.031   3.555   1.00 15.06 ? 49  TYR A CB  1 
ATOM   100  C CG  . TYR A 1 19  ? 9.857   9.544   4.737   1.00 14.76 ? 49  TYR A CG  1 
ATOM   101  C CD1 . TYR A 1 19  ? 8.532   9.162   4.941   1.00 14.50 ? 49  TYR A CD1 1 
ATOM   102  C CD2 . TYR A 1 19  ? 10.459  10.374  5.687   1.00 14.09 ? 49  TYR A CD2 1 
ATOM   103  C CE1 . TYR A 1 19  ? 7.823   9.591   6.069   1.00 13.63 ? 49  TYR A CE1 1 
ATOM   104  C CE2 . TYR A 1 19  ? 9.765   10.808  6.810   1.00 14.95 ? 49  TYR A CE2 1 
ATOM   105  C CZ  . TYR A 1 19  ? 8.451   10.414  6.996   1.00 16.83 ? 49  TYR A CZ  1 
ATOM   106  O OH  . TYR A 1 19  ? 7.773   10.851  8.105   1.00 17.58 ? 49  TYR A OH  1 
ATOM   107  N N   . SER A 1 20  ? 8.366   10.876  1.649   1.00 15.00 ? 50  SER A N   1 
ATOM   108  C CA  . SER A 1 20  ? 7.904   12.209  1.270   1.00 14.35 ? 50  SER A CA  1 
ATOM   109  C C   . SER A 1 20  ? 6.842   12.664  2.261   1.00 14.33 ? 50  SER A C   1 
ATOM   110  O O   . SER A 1 20  ? 5.844   11.975  2.466   1.00 12.52 ? 50  SER A O   1 
ATOM   111  C CB  . SER A 1 20  ? 7.314   12.157  -0.146  1.00 13.01 ? 50  SER A CB  1 
ATOM   112  O OG  . SER A 1 20  ? 6.766   13.406  -0.544  1.00 15.48 ? 50  SER A OG  1 
ATOM   113  N N   . TYR A 1 21  ? 7.049   13.824  2.875   1.00 14.21 ? 51  TYR A N   1 
ATOM   114  C CA  . TYR A 1 21  ? 6.098   14.319  3.862   1.00 13.92 ? 51  TYR A CA  1 
ATOM   115  C C   . TYR A 1 21  ? 5.614   15.738  3.582   1.00 13.54 ? 51  TYR A C   1 
ATOM   116  O O   . TYR A 1 21  ? 5.016   16.374  4.449   1.00 14.55 ? 51  TYR A O   1 
ATOM   117  C CB  . TYR A 1 21  ? 6.720   14.228  5.253   1.00 13.24 ? 51  TYR A CB  1 
ATOM   118  C CG  . TYR A 1 21  ? 8.034   14.965  5.374   1.00 14.61 ? 51  TYR A CG  1 
ATOM   119  C CD1 . TYR A 1 21  ? 8.068   16.326  5.679   1.00 13.87 ? 51  TYR A CD1 1 
ATOM   120  C CD2 . TYR A 1 21  ? 9.247   14.300  5.183   1.00 15.53 ? 51  TYR A CD2 1 
ATOM   121  C CE1 . TYR A 1 21  ? 9.278   17.005  5.798   1.00 15.86 ? 51  TYR A CE1 1 
ATOM   122  C CE2 . TYR A 1 21  ? 10.457  14.966  5.300   1.00 16.01 ? 51  TYR A CE2 1 
ATOM   123  C CZ  . TYR A 1 21  ? 10.468  16.315  5.611   1.00 15.43 ? 51  TYR A CZ  1 
ATOM   124  O OH  . TYR A 1 21  ? 11.671  16.964  5.784   1.00 19.20 ? 51  TYR A OH  1 
ATOM   125  N N   . GLU A 1 22  ? 5.886   16.222  2.372   1.00 13.43 ? 52  GLU A N   1 
ATOM   126  C CA  . GLU A 1 22  ? 5.459   17.546  1.933   1.00 14.66 ? 52  GLU A CA  1 
ATOM   127  C C   . GLU A 1 22  ? 4.628   17.363  0.667   1.00 14.63 ? 52  GLU A C   1 
ATOM   128  O O   . GLU A 1 22  ? 4.984   16.589  -0.219  1.00 15.63 ? 52  GLU A O   1 
ATOM   129  C CB  . GLU A 1 22  ? 6.663   18.449  1.649   1.00 16.09 ? 52  GLU A CB  1 
ATOM   130  C CG  . GLU A 1 22  ? 7.545   18.694  2.860   1.00 21.71 ? 52  GLU A CG  1 
ATOM   131  C CD  . GLU A 1 22  ? 8.517   19.845  2.665   1.00 23.76 ? 52  GLU A CD  1 
ATOM   132  O OE1 . GLU A 1 22  ? 9.014   20.026  1.534   1.00 25.14 ? 52  GLU A OE1 1 
ATOM   133  O OE2 . GLU A 1 22  ? 8.792   20.563  3.650   1.00 27.22 ? 52  GLU A OE2 1 
ATOM   134  N N   . ALA A 1 23  ? 3.510   18.074  0.589   1.00 15.80 ? 53  ALA A N   1 
ATOM   135  C CA  . ALA A 1 23  ? 2.601   17.968  -0.545  1.00 14.91 ? 53  ALA A CA  1 
ATOM   136  C C   . ALA A 1 23  ? 3.218   18.205  -1.917  1.00 15.00 ? 53  ALA A C   1 
ATOM   137  O O   . ALA A 1 23  ? 2.964   17.448  -2.853  1.00 13.91 ? 53  ALA A O   1 
ATOM   138  C CB  . ALA A 1 23  ? 1.440   18.913  -0.344  1.00 15.62 ? 53  ALA A CB  1 
ATOM   139  N N   . SER A 1 24  ? 4.014   19.259  -2.051  1.00 16.12 ? 54  SER A N   1 
ATOM   140  C CA  . SER A 1 24  ? 4.618   19.561  -3.347  1.00 17.76 ? 54  SER A CA  1 
ATOM   141  C C   . SER A 1 24  ? 5.525   18.429  -3.797  1.00 17.28 ? 54  SER A C   1 
ATOM   142  O O   . SER A 1 24  ? 5.422   17.958  -4.926  1.00 17.26 ? 54  SER A O   1 
ATOM   143  C CB  . SER A 1 24  ? 5.391   20.878  -3.281  1.00 18.84 ? 54  SER A CB  1 
ATOM   144  O OG  . SER A 1 24  ? 6.365   20.840  -2.256  1.00 26.17 ? 54  SER A OG  1 
ATOM   145  N N   . ASP A 1 25  ? 6.406   17.990  -2.905  1.00 17.48 ? 55  ASP A N   1 
ATOM   146  C CA  . ASP A 1 25  ? 7.322   16.898  -3.195  1.00 17.23 ? 55  ASP A CA  1 
ATOM   147  C C   . ASP A 1 25  ? 6.508   15.668  -3.588  1.00 17.86 ? 55  ASP A C   1 
ATOM   148  O O   . ASP A 1 25  ? 6.773   15.037  -4.610  1.00 18.47 ? 55  ASP A O   1 
ATOM   149  C CB  . ASP A 1 25  ? 8.177   16.596  -1.956  1.00 16.28 ? 55  ASP A CB  1 
ATOM   150  C CG  . ASP A 1 25  ? 9.083   15.391  -2.142  1.00 18.22 ? 55  ASP A CG  1 
ATOM   151  O OD1 . ASP A 1 25  ? 9.861   15.365  -3.123  1.00 18.54 ? 55  ASP A OD1 1 
ATOM   152  O OD2 . ASP A 1 25  ? 9.022   14.469  -1.300  1.00 16.57 ? 55  ASP A OD2 1 
ATOM   153  N N   . CYS A 1 26  ? 5.503   15.345  -2.778  1.00 16.47 ? 56  CYS A N   1 
ATOM   154  C CA  . CYS A 1 26  ? 4.652   14.193  -3.043  1.00 16.13 ? 56  CYS A CA  1 
ATOM   155  C C   . CYS A 1 26  ? 3.991   14.275  -4.419  1.00 15.86 ? 56  CYS A C   1 
ATOM   156  O O   . CYS A 1 26  ? 3.951   13.285  -5.150  1.00 15.07 ? 56  CYS A O   1 
ATOM   157  C CB  . CYS A 1 26  ? 3.574   14.065  -1.968  1.00 15.55 ? 56  CYS A CB  1 
ATOM   158  S SG  . CYS A 1 26  ? 2.442   12.698  -2.260  1.00 19.13 ? 56  CYS A SG  1 
ATOM   159  N N   . SER A 1 27  ? 3.474   15.449  -4.775  1.00 15.81 ? 57  SER A N   1 
ATOM   160  C CA  . SER A 1 27  ? 2.836   15.617  -6.080  1.00 16.46 ? 57  SER A CA  1 
ATOM   161  C C   . SER A 1 27  ? 3.823   15.418  -7.223  1.00 17.25 ? 57  SER A C   1 
ATOM   162  O O   . SER A 1 27  ? 3.488   14.828  -8.252  1.00 17.89 ? 57  SER A O   1 
ATOM   163  C CB  . SER A 1 27  ? 2.190   17.001  -6.188  1.00 18.03 ? 57  SER A CB  1 
ATOM   164  O OG  . SER A 1 27  ? 1.034   17.077  -5.370  1.00 18.60 ? 57  SER A OG  1 
ATOM   165  N N   . PHE A 1 28  ? 5.044   15.912  -7.042  1.00 18.05 ? 58  PHE A N   1 
ATOM   166  C CA  . PHE A 1 28  ? 6.077   15.776  -8.065  1.00 19.63 ? 58  PHE A CA  1 
ATOM   167  C C   . PHE A 1 28  ? 6.433   14.305  -8.273  1.00 17.39 ? 58  PHE A C   1 
ATOM   168  O O   . PHE A 1 28  ? 6.556   13.833  -9.409  1.00 16.96 ? 58  PHE A O   1 
ATOM   169  C CB  . PHE A 1 28  ? 7.337   16.540  -7.657  1.00 21.74 ? 58  PHE A CB  1 
ATOM   170  C CG  . PHE A 1 28  ? 8.512   16.280  -8.558  1.00 28.16 ? 58  PHE A CG  1 
ATOM   171  C CD1 . PHE A 1 28  ? 8.553   16.816  -9.843  1.00 30.01 ? 58  PHE A CD1 1 
ATOM   172  C CD2 . PHE A 1 28  ? 9.554   15.451  -8.143  1.00 30.04 ? 58  PHE A CD2 1 
ATOM   173  C CE1 . PHE A 1 28  ? 9.611   16.530  -10.704 1.00 32.07 ? 58  PHE A CE1 1 
ATOM   174  C CE2 . PHE A 1 28  ? 10.617  15.157  -8.995  1.00 32.17 ? 58  PHE A CE2 1 
ATOM   175  C CZ  . PHE A 1 28  ? 10.644  15.698  -10.279 1.00 31.58 ? 58  PHE A CZ  1 
ATOM   176  N N   . LEU A 1 29  ? 6.606   13.588  -7.166  1.00 15.64 ? 59  LEU A N   1 
ATOM   177  C CA  . LEU A 1 29  ? 6.950   12.170  -7.209  1.00 15.32 ? 59  LEU A CA  1 
ATOM   178  C C   . LEU A 1 29  ? 5.819   11.355  -7.811  1.00 14.45 ? 59  LEU A C   1 
ATOM   179  O O   . LEU A 1 29  ? 6.055   10.437  -8.582  1.00 13.05 ? 59  LEU A O   1 
ATOM   180  C CB  . LEU A 1 29  ? 7.263   11.647  -5.801  1.00 13.30 ? 59  LEU A CB  1 
ATOM   181  C CG  . LEU A 1 29  ? 8.477   12.259  -5.094  1.00 14.08 ? 59  LEU A CG  1 
ATOM   182  C CD1 . LEU A 1 29  ? 8.531   11.757  -3.654  1.00 14.89 ? 59  LEU A CD1 1 
ATOM   183  C CD2 . LEU A 1 29  ? 9.761   11.894  -5.845  1.00 14.51 ? 59  LEU A CD2 1 
ATOM   184  N N   . SER A 1 30  ? 4.587   11.691  -7.448  1.00 15.12 ? 60  SER A N   1 
ATOM   185  C CA  . SER A 1 30  ? 3.437   10.972  -7.973  1.00 16.98 ? 60  SER A CA  1 
ATOM   186  C C   . SER A 1 30  ? 3.317   11.162  -9.481  1.00 18.43 ? 60  SER A C   1 
ATOM   187  O O   . SER A 1 30  ? 2.978   10.227  -10.203 1.00 18.61 ? 60  SER A O   1 
ATOM   188  C CB  . SER A 1 30  ? 2.159   11.433  -7.272  1.00 16.67 ? 60  SER A CB  1 
ATOM   189  O OG  . SER A 1 30  ? 2.141   10.981  -5.928  1.00 18.13 ? 60  SER A OG  1 
ATOM   190  N N   . GLU A 1 31  ? 3.590   12.370  -9.958  1.00 18.58 ? 61  GLU A N   1 
ATOM   191  C CA  . GLU A 1 31  ? 3.520   12.635  -11.389 1.00 20.53 ? 61  GLU A CA  1 
ATOM   192  C C   . GLU A 1 31  ? 4.621   11.847  -12.082 1.00 21.76 ? 61  GLU A C   1 
ATOM   193  O O   . GLU A 1 31  ? 4.432   11.336  -13.181 1.00 19.50 ? 61  GLU A O   1 
ATOM   194  C CB  . GLU A 1 31  ? 3.673   14.131  -11.663 1.00 23.26 ? 61  GLU A CB  1 
ATOM   195  C CG  . GLU A 1 31  ? 2.408   14.930  -11.351 1.00 28.01 ? 61  GLU A CG  1 
ATOM   196  C CD  . GLU A 1 31  ? 2.655   16.427  -11.295 1.00 32.87 ? 61  GLU A CD  1 
ATOM   197  O OE1 . GLU A 1 31  ? 3.514   16.921  -12.055 1.00 35.74 ? 61  GLU A OE1 1 
ATOM   198  O OE2 . GLU A 1 31  ? 1.981   17.111  -10.498 1.00 35.76 ? 61  GLU A OE2 1 
ATOM   199  N N   . ASP A 1 32  ? 5.770   11.741  -11.427 1.00 22.00 ? 62  ASP A N   1 
ATOM   200  C CA  . ASP A 1 32  ? 6.884   10.994  -11.980 1.00 24.40 ? 62  ASP A CA  1 
ATOM   201  C C   . ASP A 1 32  ? 6.473   9.525   -12.137 1.00 24.42 ? 62  ASP A C   1 
ATOM   202  O O   . ASP A 1 32  ? 6.764   8.890   -13.155 1.00 23.14 ? 62  ASP A O   1 
ATOM   203  C CB  . ASP A 1 32  ? 8.099   11.126  -11.064 1.00 28.17 ? 62  ASP A CB  1 
ATOM   204  C CG  . ASP A 1 32  ? 9.234   10.236  -11.483 1.00 33.94 ? 62  ASP A CG  1 
ATOM   205  O OD1 . ASP A 1 32  ? 9.209   9.035   -11.136 1.00 37.73 ? 62  ASP A OD1 1 
ATOM   206  O OD2 . ASP A 1 32  ? 10.147  10.732  -12.173 1.00 38.58 ? 62  ASP A OD2 1 
ATOM   207  N N   . ILE A 1 33  ? 5.776   8.996   -11.135 1.00 22.56 ? 63  ILE A N   1 
ATOM   208  C CA  . ILE A 1 33  ? 5.308   7.618   -11.184 1.00 22.31 ? 63  ILE A CA  1 
ATOM   209  C C   . ILE A 1 33  ? 4.335   7.438   -12.347 1.00 23.75 ? 63  ILE A C   1 
ATOM   210  O O   . ILE A 1 33  ? 4.467   6.501   -13.130 1.00 24.47 ? 63  ILE A O   1 
ATOM   211  C CB  . ILE A 1 33  ? 4.614   7.216   -9.862  1.00 19.67 ? 63  ILE A CB  1 
ATOM   212  C CG1 . ILE A 1 33  ? 5.661   7.115   -8.745  1.00 18.78 ? 63  ILE A CG1 1 
ATOM   213  C CG2 . ILE A 1 33  ? 3.875   5.893   -10.044 1.00 19.58 ? 63  ILE A CG2 1 
ATOM   214  C CD1 . ILE A 1 33  ? 6.826   6.147   -9.064  1.00 24.97 ? 63  ILE A CD1 1 
ATOM   215  N N   . SER A 1 34  ? 3.361   8.337   -12.462 1.00 23.94 ? 64  SER A N   1 
ATOM   216  C CA  . SER A 1 34  ? 2.394   8.270   -13.551 1.00 27.29 ? 64  SER A CA  1 
ATOM   217  C C   . SER A 1 34  ? 3.086   8.365   -14.913 1.00 28.82 ? 64  SER A C   1 
ATOM   218  O O   . SER A 1 34  ? 2.627   7.779   -15.890 1.00 30.17 ? 64  SER A O   1 
ATOM   219  C CB  . SER A 1 34  ? 1.369   9.405   -13.434 1.00 26.41 ? 64  SER A CB  1 
ATOM   220  O OG  . SER A 1 34  ? 0.499   9.210   -12.332 1.00 29.87 ? 64  SER A OG  1 
ATOM   221  N N   . MET A 1 35  ? 4.186   9.111   -14.969 1.00 30.10 ? 65  MET A N   1 
ATOM   222  C CA  . MET A 1 35  ? 4.941   9.297   -16.208 1.00 31.81 ? 65  MET A CA  1 
ATOM   223  C C   . MET A 1 35  ? 5.626   8.025   -16.690 1.00 30.37 ? 65  MET A C   1 
ATOM   224  O O   . MET A 1 35  ? 5.674   7.761   -17.889 1.00 30.19 ? 65  MET A O   1 
ATOM   225  C CB  . MET A 1 35  ? 6.011   10.383  -16.023 1.00 34.65 ? 65  MET A CB  1 
ATOM   226  C CG  . MET A 1 35  ? 5.500   11.814  -16.011 1.00 40.37 ? 65  MET A CG  1 
ATOM   227  S SD  . MET A 1 35  ? 5.148   12.465  -17.656 1.00 46.58 ? 65  MET A SD  1 
ATOM   228  C CE  . MET A 1 35  ? 3.423   12.004  -17.835 1.00 43.92 ? 65  MET A CE  1 
ATOM   229  N N   . ARG A 1 36  ? 6.159   7.245   -15.757 1.00 28.81 ? 66  ARG A N   1 
ATOM   230  C CA  . ARG A 1 36  ? 6.874   6.018   -16.095 1.00 30.88 ? 66  ARG A CA  1 
ATOM   231  C C   . ARG A 1 36  ? 6.023   4.764   -16.299 1.00 30.46 ? 66  ARG A C   1 
ATOM   232  O O   . ARG A 1 36  ? 6.537   3.729   -16.733 1.00 30.73 ? 66  ARG A O   1 
ATOM   233  C CB  . ARG A 1 36  ? 7.938   5.750   -15.033 1.00 33.10 ? 66  ARG A CB  1 
ATOM   234  C CG  . ARG A 1 36  ? 8.966   6.859   -14.949 1.00 37.88 ? 66  ARG A CG  1 
ATOM   235  C CD  . ARG A 1 36  ? 9.858   6.710   -13.740 1.00 41.42 ? 66  ARG A CD  1 
ATOM   236  N NE  . ARG A 1 36  ? 10.817  7.807   -13.664 1.00 44.78 ? 66  ARG A NE  1 
ATOM   237  C CZ  . ARG A 1 36  ? 11.640  8.015   -12.642 1.00 46.84 ? 66  ARG A CZ  1 
ATOM   238  N NH1 . ARG A 1 36  ? 12.480  9.044   -12.667 1.00 48.15 ? 66  ARG A NH1 1 
ATOM   239  N NH2 . ARG A 1 36  ? 11.623  7.200   -11.594 1.00 47.29 ? 66  ARG A NH2 1 
ATOM   240  N N   . LEU A 1 37  ? 4.731   4.851   -15.995 1.00 28.14 ? 67  LEU A N   1 
ATOM   241  C CA  . LEU A 1 37  ? 3.844   3.709   -16.160 1.00 26.68 ? 67  LEU A CA  1 
ATOM   242  C C   . LEU A 1 37  ? 2.797   3.951   -17.246 1.00 28.18 ? 67  LEU A C   1 
ATOM   243  O O   . LEU A 1 37  ? 2.531   5.092   -17.633 1.00 28.14 ? 67  LEU A O   1 
ATOM   244  C CB  . LEU A 1 37  ? 3.142   3.394   -14.836 1.00 23.80 ? 67  LEU A CB  1 
ATOM   245  C CG  . LEU A 1 37  ? 4.054   3.104   -13.641 1.00 22.71 ? 67  LEU A CG  1 
ATOM   246  C CD1 . LEU A 1 37  ? 3.217   2.778   -12.417 1.00 21.88 ? 67  LEU A CD1 1 
ATOM   247  C CD2 . LEU A 1 37  ? 4.975   1.945   -13.977 1.00 22.04 ? 67  LEU A CD2 1 
ATOM   248  N N   . SER A 1 38  ? 2.202   2.872   -17.738 1.00 27.83 ? 68  SER A N   1 
ATOM   249  C CA  . SER A 1 38  ? 1.181   2.986   -18.767 1.00 27.94 ? 68  SER A CA  1 
ATOM   250  C C   . SER A 1 38  ? 0.026   2.069   -18.419 1.00 28.10 ? 68  SER A C   1 
ATOM   251  O O   . SER A 1 38  ? 0.065   1.361   -17.417 1.00 28.03 ? 68  SER A O   1 
ATOM   252  C CB  . SER A 1 38  ? 1.744   2.609   -20.139 1.00 29.02 ? 68  SER A CB  1 
ATOM   253  O OG  . SER A 1 38  ? 1.981   1.218   -20.234 1.00 29.98 ? 68  SER A OG  1 
ATOM   254  N N   . ASP A 1 39  ? -1.001  2.083   -19.255 1.00 27.64 ? 69  ASP A N   1 
ATOM   255  C CA  . ASP A 1 39  ? -2.173  1.254   -19.026 1.00 27.58 ? 69  ASP A CA  1 
ATOM   256  C C   . ASP A 1 39  ? -1.792  -0.205  -18.777 1.00 24.67 ? 69  ASP A C   1 
ATOM   257  O O   . ASP A 1 39  ? -0.992  -0.794  -19.513 1.00 22.73 ? 69  ASP A O   1 
ATOM   258  C CB  . ASP A 1 39  ? -3.114  1.344   -20.231 1.00 30.26 ? 69  ASP A CB  1 
ATOM   259  C CG  . ASP A 1 39  ? -4.435  0.639   -19.993 1.00 34.74 ? 69  ASP A CG  1 
ATOM   260  O OD1 . ASP A 1 39  ? -5.254  1.147   -19.195 1.00 38.16 ? 69  ASP A OD1 1 
ATOM   261  O OD2 . ASP A 1 39  ? -4.657  -0.428  -20.601 1.00 38.88 ? 69  ASP A OD2 1 
ATOM   262  N N   . GLY A 1 40  ? -2.364  -0.783  -17.729 1.00 21.14 ? 70  GLY A N   1 
ATOM   263  C CA  . GLY A 1 40  ? -2.092  -2.172  -17.425 1.00 20.78 ? 70  GLY A CA  1 
ATOM   264  C C   . GLY A 1 40  ? -1.101  -2.376  -16.303 1.00 19.57 ? 70  GLY A C   1 
ATOM   265  O O   . GLY A 1 40  ? -1.080  -3.437  -15.687 1.00 21.08 ? 70  GLY A O   1 
ATOM   266  N N   . ASP A 1 41  ? -0.273  -1.373  -16.035 1.00 18.28 ? 71  ASP A N   1 
ATOM   267  C CA  . ASP A 1 41  ? 0.710   -1.486  -14.967 1.00 18.59 ? 71  ASP A CA  1 
ATOM   268  C C   . ASP A 1 41  ? 0.041   -1.512  -13.604 1.00 18.56 ? 71  ASP A C   1 
ATOM   269  O O   . ASP A 1 41  ? -1.097  -1.048  -13.436 1.00 15.73 ? 71  ASP A O   1 
ATOM   270  C CB  . ASP A 1 41  ? 1.714   -0.333  -15.046 1.00 17.85 ? 71  ASP A CB  1 
ATOM   271  C CG  . ASP A 1 41  ? 2.749   -0.550  -16.131 1.00 19.90 ? 71  ASP A CG  1 
ATOM   272  O OD1 . ASP A 1 41  ? 3.203   0.437   -16.741 1.00 20.59 ? 71  ASP A OD1 1 
ATOM   273  O OD2 . ASP A 1 41  ? 3.115   -1.718  -16.366 1.00 21.39 ? 71  ASP A OD2 1 
ATOM   274  N N   . VAL A 1 42  ? 0.752   -2.072  -12.634 1.00 16.19 ? 72  VAL A N   1 
ATOM   275  C CA  . VAL A 1 42  ? 0.240   -2.183  -11.283 1.00 18.53 ? 72  VAL A CA  1 
ATOM   276  C C   . VAL A 1 42  ? 1.294   -1.723  -10.282 1.00 18.41 ? 72  VAL A C   1 
ATOM   277  O O   . VAL A 1 42  ? 2.497   -1.777  -10.564 1.00 19.65 ? 72  VAL A O   1 
ATOM   278  C CB  . VAL A 1 42  ? -0.147  -3.659  -10.965 1.00 20.61 ? 72  VAL A CB  1 
ATOM   279  C CG1 . VAL A 1 42  ? 1.104   -4.536  -10.961 1.00 22.39 ? 72  VAL A CG1 1 
ATOM   280  C CG2 . VAL A 1 42  ? -0.850  -3.749  -9.621  1.00 20.13 ? 72  VAL A CG2 1 
ATOM   281  N N   . VAL A 1 43  ? 0.834   -1.237  -9.131  1.00 17.19 ? 73  VAL A N   1 
ATOM   282  C CA  . VAL A 1 43  ? 1.719   -0.824  -8.047  1.00 15.76 ? 73  VAL A CA  1 
ATOM   283  C C   . VAL A 1 43  ? 1.180   -1.495  -6.790  1.00 16.57 ? 73  VAL A C   1 
ATOM   284  O O   . VAL A 1 43  ? -0.033  -1.732  -6.683  1.00 14.48 ? 73  VAL A O   1 
ATOM   285  C CB  . VAL A 1 43  ? 1.722   0.716   -7.807  1.00 17.35 ? 73  VAL A CB  1 
ATOM   286  C CG1 . VAL A 1 43  ? 2.289   1.444   -9.014  1.00 15.83 ? 73  VAL A CG1 1 
ATOM   287  C CG2 . VAL A 1 43  ? 0.312   1.206   -7.498  1.00 19.14 ? 73  VAL A CG2 1 
ATOM   288  N N   . GLY A 1 44  ? 2.073   -1.846  -5.865  1.00 14.20 ? 74  GLY A N   1 
ATOM   289  C CA  . GLY A 1 44  ? 1.627   -2.440  -4.616  1.00 13.52 ? 74  GLY A CA  1 
ATOM   290  C C   . GLY A 1 44  ? 1.032   -1.283  -3.836  1.00 14.39 ? 74  GLY A C   1 
ATOM   291  O O   . GLY A 1 44  ? 1.583   -0.178  -3.879  1.00 15.45 ? 74  GLY A O   1 
ATOM   292  N N   . PHE A 1 45  ? -0.072  -1.507  -3.128  1.00 14.69 ? 75  PHE A N   1 
ATOM   293  C CA  . PHE A 1 45  ? -0.722  -0.423  -2.385  1.00 13.74 ? 75  PHE A CA  1 
ATOM   294  C C   . PHE A 1 45  ? -1.214  -0.806  -0.994  1.00 13.98 ? 75  PHE A C   1 
ATOM   295  O O   . PHE A 1 45  ? -1.652  -1.925  -0.770  1.00 13.36 ? 75  PHE A O   1 
ATOM   296  C CB  . PHE A 1 45  ? -1.901  0.108   -3.218  1.00 14.28 ? 75  PHE A CB  1 
ATOM   297  C CG  . PHE A 1 45  ? -2.740  1.161   -2.529  1.00 13.65 ? 75  PHE A CG  1 
ATOM   298  C CD1 . PHE A 1 45  ? -3.669  0.812   -1.552  1.00 14.43 ? 75  PHE A CD1 1 
ATOM   299  C CD2 . PHE A 1 45  ? -2.617  2.501   -2.881  1.00 15.54 ? 75  PHE A CD2 1 
ATOM   300  C CE1 . PHE A 1 45  ? -4.465  1.785   -0.939  1.00 14.99 ? 75  PHE A CE1 1 
ATOM   301  C CE2 . PHE A 1 45  ? -3.405  3.480   -2.273  1.00 16.04 ? 75  PHE A CE2 1 
ATOM   302  C CZ  . PHE A 1 45  ? -4.330  3.118   -1.300  1.00 15.94 ? 75  PHE A CZ  1 
ATOM   303  N N   . ASP A 1 46  ? -1.142  0.148   -0.070  1.00 17.41 ? 76  ASP A N   1 
ATOM   304  C CA  . ASP A 1 46  ? -1.628  -0.025  1.301   1.00 16.45 ? 76  ASP A CA  1 
ATOM   305  C C   . ASP A 1 46  ? -1.615  1.348   1.972   1.00 16.55 ? 76  ASP A C   1 
ATOM   306  O O   . ASP A 1 46  ? -1.050  2.303   1.427   1.00 15.03 ? 76  ASP A O   1 
ATOM   307  C CB  . ASP A 1 46  ? -0.755  -1.017  2.077   1.00 16.83 ? 76  ASP A CB  1 
ATOM   308  C CG  . ASP A 1 46  ? -1.441  -1.545  3.333   1.00 18.96 ? 76  ASP A CG  1 
ATOM   309  O OD1 . ASP A 1 46  ? -2.675  -1.373  3.488   1.00 17.11 ? 76  ASP A OD1 1 
ATOM   310  O OD2 . ASP A 1 46  ? -0.744  -2.149  4.167   1.00 23.88 ? 76  ASP A OD2 1 
ATOM   311  N N   . MET A 1 47  ? -2.253  1.450   3.135   1.00 15.83 ? 77  MET A N   1 
ATOM   312  C CA  . MET A 1 47  ? -2.324  2.711   3.873   1.00 16.72 ? 77  MET A CA  1 
ATOM   313  C C   . MET A 1 47  ? -2.269  2.405   5.353   1.00 16.96 ? 77  MET A C   1 
ATOM   314  O O   . MET A 1 47  ? -2.687  1.330   5.780   1.00 18.12 ? 77  MET A O   1 
ATOM   315  C CB  . MET A 1 47  ? -3.640  3.444   3.609   1.00 16.80 ? 77  MET A CB  1 
ATOM   316  C CG  . MET A 1 47  ? -4.037  3.572   2.160   1.00 20.38 ? 77  MET A CG  1 
ATOM   317  S SD  . MET A 1 47  ? -5.422  4.711   1.972   1.00 22.21 ? 77  MET A SD  1 
ATOM   318  C CE  . MET A 1 47  ? -6.632  4.018   3.047   1.00 16.49 ? 77  MET A CE  1 
ATOM   319  N N   . GLU A 1 48  ? -1.776  3.360   6.135   1.00 15.84 ? 78  GLU A N   1 
ATOM   320  C CA  . GLU A 1 48  ? -1.675  3.185   7.577   1.00 16.68 ? 78  GLU A CA  1 
ATOM   321  C C   . GLU A 1 48  ? -2.313  4.375   8.282   1.00 18.01 ? 78  GLU A C   1 
ATOM   322  O O   . GLU A 1 48  ? -2.446  5.457   7.711   1.00 16.45 ? 78  GLU A O   1 
ATOM   323  C CB  . GLU A 1 48  ? -0.209  3.089   8.015   1.00 15.56 ? 78  GLU A CB  1 
ATOM   324  C CG  . GLU A 1 48  ? 0.649   2.065   7.271   1.00 18.34 ? 78  GLU A CG  1 
ATOM   325  C CD  . GLU A 1 48  ? 0.154   0.632   7.423   1.00 22.57 ? 78  GLU A CD  1 
ATOM   326  O OE1 . GLU A 1 48  ? -0.312  0.271   8.524   1.00 23.00 ? 78  GLU A OE1 1 
ATOM   327  O OE2 . GLU A 1 48  ? 0.248   -0.139  6.441   1.00 24.80 ? 78  GLU A OE2 1 
ATOM   328  N N   . TRP A 1 49  ? -2.719  4.163   9.523   1.00 19.35 ? 79  TRP A N   1 
ATOM   329  C CA  . TRP A 1 49  ? -3.308  5.227   10.320  1.00 21.64 ? 79  TRP A CA  1 
ATOM   330  C C   . TRP A 1 49  ? -3.251  4.812   11.784  1.00 21.53 ? 79  TRP A C   1 
ATOM   331  O O   . TRP A 1 49  ? -3.285  3.622   12.102  1.00 17.22 ? 79  TRP A O   1 
ATOM   332  C CB  . TRP A 1 49  ? -4.748  5.520   9.871   1.00 23.35 ? 79  TRP A CB  1 
ATOM   333  C CG  . TRP A 1 49  ? -5.700  4.359   9.933   1.00 29.51 ? 79  TRP A CG  1 
ATOM   334  C CD1 . TRP A 1 49  ? -6.367  3.897   11.033  1.00 31.10 ? 79  TRP A CD1 1 
ATOM   335  C CD2 . TRP A 1 49  ? -6.093  3.515   8.844   1.00 31.11 ? 79  TRP A CD2 1 
ATOM   336  N NE1 . TRP A 1 49  ? -7.152  2.821   10.696  1.00 32.58 ? 79  TRP A NE1 1 
ATOM   337  C CE2 . TRP A 1 49  ? -7.002  2.563   9.359   1.00 31.99 ? 79  TRP A CE2 1 
ATOM   338  C CE3 . TRP A 1 49  ? -5.764  3.469   7.481   1.00 31.64 ? 79  TRP A CE3 1 
ATOM   339  C CZ2 . TRP A 1 49  ? -7.587  1.574   8.559   1.00 34.17 ? 79  TRP A CZ2 1 
ATOM   340  C CZ3 . TRP A 1 49  ? -6.344  2.485   6.684   1.00 33.83 ? 79  TRP A CZ3 1 
ATOM   341  C CH2 . TRP A 1 49  ? -7.246  1.551   7.227   1.00 34.23 ? 79  TRP A CH2 1 
ATOM   342  N N   . PRO A 1 50  ? -3.126  5.793   12.693  1.00 22.30 ? 80  PRO A N   1 
ATOM   343  C CA  . PRO A 1 50  ? -3.060  5.506   14.129  1.00 25.42 ? 80  PRO A CA  1 
ATOM   344  C C   . PRO A 1 50  ? -4.345  4.878   14.670  1.00 28.50 ? 80  PRO A C   1 
ATOM   345  O O   . PRO A 1 50  ? -5.440  5.133   14.159  1.00 27.65 ? 80  PRO A O   1 
ATOM   346  C CB  . PRO A 1 50  ? -2.764  6.876   14.742  1.00 23.16 ? 80  PRO A CB  1 
ATOM   347  C CG  . PRO A 1 50  ? -3.434  7.819   13.794  1.00 22.16 ? 80  PRO A CG  1 
ATOM   348  C CD  . PRO A 1 50  ? -3.073  7.245   12.442  1.00 21.74 ? 80  PRO A CD  1 
ATOM   349  N N   . PRO A 1 51  ? -4.220  4.027   15.701  1.00 31.92 ? 81  PRO A N   1 
ATOM   350  C CA  . PRO A 1 51  ? -5.376  3.364   16.310  1.00 33.57 ? 81  PRO A CA  1 
ATOM   351  C C   . PRO A 1 51  ? -6.085  4.264   17.321  1.00 35.07 ? 81  PRO A C   1 
ATOM   352  O O   . PRO A 1 51  ? -6.868  5.142   16.949  1.00 36.68 ? 81  PRO A O   1 
ATOM   353  C CB  . PRO A 1 51  ? -4.754  2.140   16.967  1.00 34.70 ? 81  PRO A CB  1 
ATOM   354  C CG  . PRO A 1 51  ? -3.431  2.685   17.447  1.00 34.76 ? 81  PRO A CG  1 
ATOM   355  C CD  . PRO A 1 51  ? -2.959  3.493   16.249  1.00 33.25 ? 81  PRO A CD  1 
ATOM   356  N N   . PRO A 1 55  ? -11.464 9.087   21.552  1.00 65.89 ? 85  PRO A N   1 
ATOM   357  C CA  . PRO A 1 55  ? -12.725 8.718   22.206  1.00 65.73 ? 85  PRO A CA  1 
ATOM   358  C C   . PRO A 1 55  ? -13.944 8.961   21.317  1.00 64.97 ? 85  PRO A C   1 
ATOM   359  O O   . PRO A 1 55  ? -14.789 8.080   21.152  1.00 65.02 ? 85  PRO A O   1 
ATOM   360  C CB  . PRO A 1 55  ? -12.729 9.596   23.455  1.00 66.31 ? 85  PRO A CB  1 
ATOM   361  C CG  . PRO A 1 55  ? -11.272 9.667   23.801  1.00 65.86 ? 85  PRO A CG  1 
ATOM   362  C CD  . PRO A 1 55  ? -10.634 9.915   22.447  1.00 65.89 ? 85  PRO A CD  1 
ATOM   363  N N   . GLY A 1 56  ? -14.027 10.160  20.748  1.00 64.07 ? 86  GLY A N   1 
ATOM   364  C CA  . GLY A 1 56  ? -15.144 10.493  19.884  1.00 62.87 ? 86  GLY A CA  1 
ATOM   365  C C   . GLY A 1 56  ? -14.736 10.763  18.448  1.00 62.11 ? 86  GLY A C   1 
ATOM   366  O O   . GLY A 1 56  ? -15.532 10.580  17.528  1.00 61.93 ? 86  GLY A O   1 
ATOM   367  N N   . LYS A 1 57  ? -13.495 11.199  18.252  1.00 61.63 ? 87  LYS A N   1 
ATOM   368  C CA  . LYS A 1 57  ? -12.992 11.493  16.913  1.00 61.07 ? 87  LYS A CA  1 
ATOM   369  C C   . LYS A 1 57  ? -12.341 10.266  16.286  1.00 60.00 ? 87  LYS A C   1 
ATOM   370  O O   . LYS A 1 57  ? -11.736 9.449   16.984  1.00 60.07 ? 87  LYS A O   1 
ATOM   371  C CB  . LYS A 1 57  ? -11.966 12.630  16.957  1.00 62.21 ? 87  LYS A CB  1 
ATOM   372  C CG  . LYS A 1 57  ? -11.467 13.058  15.579  1.00 62.46 ? 87  LYS A CG  1 
ATOM   373  C CD  . LYS A 1 57  ? -10.333 14.071  15.665  1.00 63.02 ? 87  LYS A CD  1 
ATOM   374  C CE  . LYS A 1 57  ? -9.068  13.444  16.231  1.00 63.58 ? 87  LYS A CE  1 
ATOM   375  N NZ  . LYS A 1 57  ? -7.941  14.416  16.289  1.00 63.64 ? 87  LYS A NZ  1 
ATOM   376  N N   . ARG A 1 58  ? -12.468 10.142  14.969  1.00 57.73 ? 88  ARG A N   1 
ATOM   377  C CA  . ARG A 1 58  ? -11.879 9.016   14.261  1.00 55.43 ? 88  ARG A CA  1 
ATOM   378  C C   . ARG A 1 58  ? -10.511 9.388   13.706  1.00 52.15 ? 88  ARG A C   1 
ATOM   379  O O   . ARG A 1 58  ? -10.198 10.566  13.531  1.00 51.62 ? 88  ARG A O   1 
ATOM   380  C CB  . ARG A 1 58  ? -12.793 8.555   13.123  1.00 57.77 ? 88  ARG A CB  1 
ATOM   381  C CG  . ARG A 1 58  ? -13.086 9.612   12.073  1.00 60.56 ? 88  ARG A CG  1 
ATOM   382  C CD  . ARG A 1 58  ? -13.883 9.005   10.932  1.00 63.47 ? 88  ARG A CD  1 
ATOM   383  N NE  . ARG A 1 58  ? -15.074 8.315   11.422  1.00 66.58 ? 88  ARG A NE  1 
ATOM   384  C CZ  . ARG A 1 58  ? -15.896 7.602   10.658  1.00 67.91 ? 88  ARG A CZ  1 
ATOM   385  N NH1 . ARG A 1 58  ? -15.660 7.479   9.358   1.00 68.87 ? 88  ARG A NH1 1 
ATOM   386  N NH2 . ARG A 1 58  ? -16.951 7.007   11.196  1.00 68.12 ? 88  ARG A NH2 1 
ATOM   387  N N   . SER A 1 59  ? -9.701  8.369   13.434  1.00 48.29 ? 89  SER A N   1 
ATOM   388  C CA  . SER A 1 59  ? -8.355  8.565   12.911  1.00 44.44 ? 89  SER A CA  1 
ATOM   389  C C   . SER A 1 59  ? -8.334  8.564   11.386  1.00 41.15 ? 89  SER A C   1 
ATOM   390  O O   . SER A 1 59  ? -8.830  7.635   10.754  1.00 41.12 ? 89  SER A O   1 
ATOM   391  C CB  . SER A 1 59  ? -7.435  7.463   13.434  1.00 45.19 ? 89  SER A CB  1 
ATOM   392  O OG  . SER A 1 59  ? -6.150  7.565   12.852  1.00 48.03 ? 89  SER A OG  1 
ATOM   393  N N   . ARG A 1 60  ? -7.753  9.605   10.799  1.00 36.65 ? 90  ARG A N   1 
ATOM   394  C CA  . ARG A 1 60  ? -7.678  9.701   9.349   1.00 33.46 ? 90  ARG A CA  1 
ATOM   395  C C   . ARG A 1 60  ? -6.396  9.064   8.825   1.00 29.02 ? 90  ARG A C   1 
ATOM   396  O O   . ARG A 1 60  ? -5.448  8.838   9.580   1.00 27.70 ? 90  ARG A O   1 
ATOM   397  C CB  . ARG A 1 60  ? -7.753  11.160  8.904   1.00 35.82 ? 90  ARG A CB  1 
ATOM   398  C CG  . ARG A 1 60  ? -8.997  11.894  9.377   1.00 40.25 ? 90  ARG A CG  1 
ATOM   399  C CD  . ARG A 1 60  ? -9.110  13.228  8.674   1.00 43.04 ? 90  ARG A CD  1 
ATOM   400  N NE  . ARG A 1 60  ? -7.828  13.924  8.682   1.00 46.84 ? 90  ARG A NE  1 
ATOM   401  C CZ  . ARG A 1 60  ? -7.593  15.075  8.063   1.00 48.44 ? 90  ARG A CZ  1 
ATOM   402  N NH1 . ARG A 1 60  ? -8.558  15.676  7.376   1.00 50.52 ? 90  ARG A NH1 1 
ATOM   403  N NH2 . ARG A 1 60  ? -6.390  15.624  8.129   1.00 48.06 ? 90  ARG A NH2 1 
ATOM   404  N N   . VAL A 1 61  ? -6.376  8.765   7.531   1.00 25.06 ? 91  VAL A N   1 
ATOM   405  C CA  . VAL A 1 61  ? -5.214  8.138   6.911   1.00 21.12 ? 91  VAL A CA  1 
ATOM   406  C C   . VAL A 1 61  ? -3.976  8.990   7.160   1.00 18.05 ? 91  VAL A C   1 
ATOM   407  O O   . VAL A 1 61  ? -3.996  10.207  6.953   1.00 16.97 ? 91  VAL A O   1 
ATOM   408  C CB  . VAL A 1 61  ? -5.439  7.949   5.393   1.00 21.98 ? 91  VAL A CB  1 
ATOM   409  C CG1 . VAL A 1 61  ? -4.244  7.266   4.761   1.00 21.33 ? 91  VAL A CG1 1 
ATOM   410  C CG2 . VAL A 1 61  ? -6.688  7.114   5.165   1.00 21.61 ? 91  VAL A CG2 1 
ATOM   411  N N   . ALA A 1 62  ? -2.907  8.350   7.632   1.00 15.09 ? 92  ALA A N   1 
ATOM   412  C CA  . ALA A 1 62  ? -1.655  9.048   7.923   1.00 13.03 ? 92  ALA A CA  1 
ATOM   413  C C   . ALA A 1 62  ? -0.599  8.773   6.857   1.00 13.36 ? 92  ALA A C   1 
ATOM   414  O O   . ALA A 1 62  ? 0.167   9.659   6.496   1.00 12.99 ? 92  ALA A O   1 
ATOM   415  C CB  . ALA A 1 62  ? -1.124  8.625   9.289   1.00 9.78  ? 92  ALA A CB  1 
ATOM   416  N N   . VAL A 1 63  ? -0.560  7.539   6.363   1.00 13.26 ? 93  VAL A N   1 
ATOM   417  C CA  . VAL A 1 63  ? 0.418   7.159   5.349   1.00 13.21 ? 93  VAL A CA  1 
ATOM   418  C C   . VAL A 1 63  ? -0.191  6.362   4.203   1.00 12.42 ? 93  VAL A C   1 
ATOM   419  O O   . VAL A 1 63  ? -1.071  5.531   4.409   1.00 15.39 ? 93  VAL A O   1 
ATOM   420  C CB  . VAL A 1 63  ? 1.555   6.300   5.968   1.00 13.46 ? 93  VAL A CB  1 
ATOM   421  C CG1 . VAL A 1 63  ? 2.645   6.028   4.931   1.00 12.87 ? 93  VAL A CG1 1 
ATOM   422  C CG2 . VAL A 1 63  ? 2.131   7.001   7.189   1.00 13.33 ? 93  VAL A CG2 1 
ATOM   423  N N   . ILE A 1 64  ? 0.285   6.630   2.993   1.00 11.89 ? 94  ILE A N   1 
ATOM   424  C CA  . ILE A 1 64  ? -0.155  5.909   1.805   1.00 12.19 ? 94  ILE A CA  1 
ATOM   425  C C   . ILE A 1 64  ? 1.129   5.370   1.182   1.00 13.16 ? 94  ILE A C   1 
ATOM   426  O O   . ILE A 1 64  ? 2.073   6.129   0.931   1.00 11.36 ? 94  ILE A O   1 
ATOM   427  C CB  . ILE A 1 64  ? -0.899  6.838   0.810   1.00 12.85 ? 94  ILE A CB  1 
ATOM   428  C CG1 . ILE A 1 64  ? -2.269  7.207   1.387   1.00 13.29 ? 94  ILE A CG1 1 
ATOM   429  C CG2 . ILE A 1 64  ? -1.074  6.144   -0.545  1.00 11.97 ? 94  ILE A CG2 1 
ATOM   430  C CD1 . ILE A 1 64  ? -2.958  8.387   0.705   1.00 24.97 ? 94  ILE A CD1 1 
ATOM   431  N N   . GLN A 1 65  ? 1.176   4.055   0.970   1.00 13.17 ? 95  GLN A N   1 
ATOM   432  C CA  . GLN A 1 65  ? 2.360   3.421   0.400   1.00 12.85 ? 95  GLN A CA  1 
ATOM   433  C C   . GLN A 1 65  ? 2.111   2.921   -1.015  1.00 13.35 ? 95  GLN A C   1 
ATOM   434  O O   . GLN A 1 65  ? 1.094   2.289   -1.288  1.00 13.32 ? 95  GLN A O   1 
ATOM   435  C CB  . GLN A 1 65  ? 2.808   2.235   1.271   1.00 13.80 ? 95  GLN A CB  1 
ATOM   436  C CG  . GLN A 1 65  ? 3.023   2.569   2.738   1.00 14.89 ? 95  GLN A CG  1 
ATOM   437  C CD  . GLN A 1 65  ? 1.856   2.147   3.620   1.00 15.32 ? 95  GLN A CD  1 
ATOM   438  O OE1 . GLN A 1 65  ? 1.774   0.994   4.061   1.00 16.05 ? 95  GLN A OE1 1 
ATOM   439  N NE2 . GLN A 1 65  ? 0.947   3.075   3.873   1.00 10.73 ? 95  GLN A NE2 1 
ATOM   440  N N   . LEU A 1 66  ? 3.047   3.218   -1.911  1.00 12.91 ? 96  LEU A N   1 
ATOM   441  C CA  . LEU A 1 66  ? 2.964   2.770   -3.291  1.00 13.13 ? 96  LEU A CA  1 
ATOM   442  C C   . LEU A 1 66  ? 4.293   2.115   -3.615  1.00 12.21 ? 96  LEU A C   1 
ATOM   443  O O   . LEU A 1 66  ? 5.337   2.770   -3.601  1.00 13.60 ? 96  LEU A O   1 
ATOM   444  C CB  . LEU A 1 66  ? 2.726   3.944   -4.252  1.00 14.23 ? 96  LEU A CB  1 
ATOM   445  C CG  . LEU A 1 66  ? 1.439   4.760   -4.098  1.00 16.14 ? 96  LEU A CG  1 
ATOM   446  C CD1 . LEU A 1 66  ? 1.362   5.804   -5.210  1.00 19.67 ? 96  LEU A CD1 1 
ATOM   447  C CD2 . LEU A 1 66  ? 0.228   3.847   -4.157  1.00 17.42 ? 96  LEU A CD2 1 
ATOM   448  N N   . CYS A 1 67  ? 4.256   0.815   -3.879  1.00 12.82 ? 97  CYS A N   1 
ATOM   449  C CA  . CYS A 1 67  ? 5.462   0.078   -4.228  1.00 14.12 ? 97  CYS A CA  1 
ATOM   450  C C   . CYS A 1 67  ? 5.426   -0.175  -5.735  1.00 14.84 ? 97  CYS A C   1 
ATOM   451  O O   . CYS A 1 67  ? 4.663   -1.013  -6.219  1.00 14.14 ? 97  CYS A O   1 
ATOM   452  C CB  . CYS A 1 67  ? 5.513   -1.251  -3.476  1.00 14.81 ? 97  CYS A CB  1 
ATOM   453  S SG  . CYS A 1 67  ? 7.094   -2.105  -3.639  1.00 17.60 ? 97  CYS A SG  1 
ATOM   454  N N   . VAL A 1 68  ? 6.258   0.547   -6.476  1.00 14.33 ? 98  VAL A N   1 
ATOM   455  C CA  . VAL A 1 68  ? 6.277   0.405   -7.922  1.00 15.24 ? 98  VAL A CA  1 
ATOM   456  C C   . VAL A 1 68  ? 7.183   -0.719  -8.405  1.00 14.69 ? 98  VAL A C   1 
ATOM   457  O O   . VAL A 1 68  ? 7.024   -1.213  -9.526  1.00 13.23 ? 98  VAL A O   1 
ATOM   458  C CB  . VAL A 1 68  ? 6.694   1.733   -8.602  1.00 14.98 ? 98  VAL A CB  1 
ATOM   459  C CG1 . VAL A 1 68  ? 5.736   2.843   -8.179  1.00 15.88 ? 98  VAL A CG1 1 
ATOM   460  C CG2 . VAL A 1 68  ? 8.109   2.094   -8.221  1.00 16.03 ? 98  VAL A CG2 1 
ATOM   461  N N   . SER A 1 69  ? 8.124   -1.134  -7.567  1.00 12.14 ? 99  SER A N   1 
ATOM   462  C CA  . SER A 1 69  ? 9.024   -2.207  -7.964  1.00 13.23 ? 99  SER A CA  1 
ATOM   463  C C   . SER A 1 69  ? 9.724   -2.773  -6.750  1.00 14.74 ? 99  SER A C   1 
ATOM   464  O O   . SER A 1 69  ? 9.549   -2.284  -5.633  1.00 13.62 ? 99  SER A O   1 
ATOM   465  C CB  . SER A 1 69  ? 10.079  -1.684  -8.945  1.00 13.37 ? 99  SER A CB  1 
ATOM   466  O OG  . SER A 1 69  ? 10.981  -0.813  -8.284  1.00 14.61 ? 99  SER A OG  1 
ATOM   467  N N   . GLU A 1 70  ? 10.539  -3.796  -6.972  1.00 15.74 ? 100 GLU A N   1 
ATOM   468  C CA  . GLU A 1 70  ? 11.259  -4.408  -5.877  1.00 16.48 ? 100 GLU A CA  1 
ATOM   469  C C   . GLU A 1 70  ? 12.378  -3.485  -5.397  1.00 17.56 ? 100 GLU A C   1 
ATOM   470  O O   . GLU A 1 70  ? 12.874  -3.627  -4.281  1.00 17.76 ? 100 GLU A O   1 
ATOM   471  C CB  . GLU A 1 70  ? 11.833  -5.748  -6.324  1.00 19.78 ? 100 GLU A CB  1 
ATOM   472  C CG  . GLU A 1 70  ? 12.352  -6.594  -5.180  1.00 22.49 ? 100 GLU A CG  1 
ATOM   473  C CD  . GLU A 1 70  ? 12.529  -8.045  -5.576  1.00 25.99 ? 100 GLU A CD  1 
ATOM   474  O OE1 . GLU A 1 70  ? 13.297  -8.320  -6.528  1.00 25.02 ? 100 GLU A OE1 1 
ATOM   475  O OE2 . GLU A 1 70  ? 11.895  -8.909  -4.934  1.00 27.39 ? 100 GLU A OE2 1 
ATOM   476  N N   . SER A 1 71  ? 12.753  -2.522  -6.233  1.00 17.64 ? 101 SER A N   1 
ATOM   477  C CA  . SER A 1 71  ? 13.825  -1.601  -5.886  1.00 17.67 ? 101 SER A CA  1 
ATOM   478  C C   . SER A 1 71  ? 13.363  -0.240  -5.376  1.00 16.92 ? 101 SER A C   1 
ATOM   479  O O   . SER A 1 71  ? 14.174  0.539   -4.877  1.00 15.94 ? 101 SER A O   1 
ATOM   480  C CB  . SER A 1 71  ? 14.741  -1.397  -7.091  1.00 21.23 ? 101 SER A CB  1 
ATOM   481  O OG  . SER A 1 71  ? 14.088  -0.642  -8.090  1.00 28.17 ? 101 SER A OG  1 
ATOM   482  N N   . LYS A 1 72  ? 12.069  0.052   -5.475  1.00 15.15 ? 102 LYS A N   1 
ATOM   483  C CA  . LYS A 1 72  ? 11.587  1.347   -5.011  1.00 16.11 ? 102 LYS A CA  1 
ATOM   484  C C   . LYS A 1 72  ? 10.160  1.360   -4.473  1.00 17.49 ? 102 LYS A C   1 
ATOM   485  O O   . LYS A 1 72  ? 9.230   0.903   -5.136  1.00 14.57 ? 102 LYS A O   1 
ATOM   486  C CB  . LYS A 1 72  ? 11.704  2.376   -6.138  1.00 18.88 ? 102 LYS A CB  1 
ATOM   487  C CG  . LYS A 1 72  ? 11.209  3.755   -5.754  1.00 21.44 ? 102 LYS A CG  1 
ATOM   488  C CD  . LYS A 1 72  ? 12.313  4.793   -5.827  1.00 26.31 ? 102 LYS A CD  1 
ATOM   489  C CE  . LYS A 1 72  ? 12.728  5.071   -7.265  1.00 31.01 ? 102 LYS A CE  1 
ATOM   490  N NZ  . LYS A 1 72  ? 13.716  6.190   -7.328  1.00 32.11 ? 102 LYS A NZ  1 
ATOM   491  N N   . CYS A 1 73  ? 9.998   1.893   -3.265  1.00 16.13 ? 103 CYS A N   1 
ATOM   492  C CA  . CYS A 1 73  ? 8.687   2.000   -2.643  1.00 14.94 ? 103 CYS A CA  1 
ATOM   493  C C   . CYS A 1 73  ? 8.559   3.409   -2.079  1.00 13.79 ? 103 CYS A C   1 
ATOM   494  O O   . CYS A 1 73  ? 9.489   3.934   -1.462  1.00 14.65 ? 103 CYS A O   1 
ATOM   495  C CB  . CYS A 1 73  ? 8.527   0.962   -1.525  1.00 14.80 ? 103 CYS A CB  1 
ATOM   496  S SG  . CYS A 1 73  ? 6.866   0.881   -0.789  1.00 16.91 ? 103 CYS A SG  1 
ATOM   497  N N   . TYR A 1 74  ? 7.407   4.026   -2.307  1.00 14.58 ? 104 TYR A N   1 
ATOM   498  C CA  . TYR A 1 74  ? 7.162   5.379   -1.836  1.00 14.19 ? 104 TYR A CA  1 
ATOM   499  C C   . TYR A 1 74  ? 6.263   5.395   -0.606  1.00 14.63 ? 104 TYR A C   1 
ATOM   500  O O   . TYR A 1 74  ? 5.247   4.694   -0.554  1.00 13.14 ? 104 TYR A O   1 
ATOM   501  C CB  . TYR A 1 74  ? 6.507   6.214   -2.940  1.00 15.26 ? 104 TYR A CB  1 
ATOM   502  C CG  . TYR A 1 74  ? 7.319   6.348   -4.218  1.00 17.14 ? 104 TYR A CG  1 
ATOM   503  C CD1 . TYR A 1 74  ? 7.373   5.313   -5.157  1.00 17.42 ? 104 TYR A CD1 1 
ATOM   504  C CD2 . TYR A 1 74  ? 8.010   7.529   -4.500  1.00 17.00 ? 104 TYR A CD2 1 
ATOM   505  C CE1 . TYR A 1 74  ? 8.096   5.458   -6.357  1.00 20.58 ? 104 TYR A CE1 1 
ATOM   506  C CE2 . TYR A 1 74  ? 8.733   7.683   -5.687  1.00 19.52 ? 104 TYR A CE2 1 
ATOM   507  C CZ  . TYR A 1 74  ? 8.771   6.652   -6.612  1.00 20.47 ? 104 TYR A CZ  1 
ATOM   508  O OH  . TYR A 1 74  ? 9.465   6.832   -7.795  1.00 22.27 ? 104 TYR A OH  1 
ATOM   509  N N   . LEU A 1 75  ? 6.652   6.188   0.387   1.00 12.50 ? 105 LEU A N   1 
ATOM   510  C CA  . LEU A 1 75  ? 5.873   6.341   1.607   1.00 12.23 ? 105 LEU A CA  1 
ATOM   511  C C   . LEU A 1 75  ? 5.438   7.798   1.638   1.00 13.38 ? 105 LEU A C   1 
ATOM   512  O O   . LEU A 1 75  ? 6.260   8.693   1.815   1.00 13.40 ? 105 LEU A O   1 
ATOM   513  C CB  . LEU A 1 75  ? 6.716   6.032   2.847   1.00 12.57 ? 105 LEU A CB  1 
ATOM   514  C CG  . LEU A 1 75  ? 7.354   4.644   2.985   1.00 11.53 ? 105 LEU A CG  1 
ATOM   515  C CD1 . LEU A 1 75  ? 8.119   4.570   4.308   1.00 11.03 ? 105 LEU A CD1 1 
ATOM   516  C CD2 . LEU A 1 75  ? 6.281   3.565   2.936   1.00 11.13 ? 105 LEU A CD2 1 
ATOM   517  N N   . PHE A 1 76  ? 4.148   8.036   1.441   1.00 13.66 ? 106 PHE A N   1 
ATOM   518  C CA  . PHE A 1 76  ? 3.614   9.390   1.448   1.00 14.30 ? 106 PHE A CA  1 
ATOM   519  C C   . PHE A 1 76  ? 2.950   9.634   2.802   1.00 13.55 ? 106 PHE A C   1 
ATOM   520  O O   . PHE A 1 76  ? 1.890   9.088   3.089   1.00 15.03 ? 106 PHE A O   1 
ATOM   521  C CB  . PHE A 1 76  ? 2.619   9.544   0.296   1.00 14.52 ? 106 PHE A CB  1 
ATOM   522  C CG  . PHE A 1 76  ? 3.248   9.379   -1.061  1.00 14.52 ? 106 PHE A CG  1 
ATOM   523  C CD1 . PHE A 1 76  ? 2.627   8.623   -2.043  1.00 14.49 ? 106 PHE A CD1 1 
ATOM   524  C CD2 . PHE A 1 76  ? 4.459   10.001  -1.361  1.00 14.09 ? 106 PHE A CD2 1 
ATOM   525  C CE1 . PHE A 1 76  ? 3.204   8.487   -3.315  1.00 18.16 ? 106 PHE A CE1 1 
ATOM   526  C CE2 . PHE A 1 76  ? 5.041   9.870   -2.621  1.00 16.41 ? 106 PHE A CE2 1 
ATOM   527  C CZ  . PHE A 1 76  ? 4.415   9.114   -3.600  1.00 14.06 ? 106 PHE A CZ  1 
ATOM   528  N N   . HIS A 1 77  ? 3.601   10.441  3.634   1.00 12.89 ? 107 HIS A N   1 
ATOM   529  C CA  . HIS A 1 77  ? 3.123   10.744  4.983   1.00 11.77 ? 107 HIS A CA  1 
ATOM   530  C C   . HIS A 1 77  ? 2.114   11.881  4.931   1.00 11.98 ? 107 HIS A C   1 
ATOM   531  O O   . HIS A 1 77  ? 2.427   13.012  5.278   1.00 10.99 ? 107 HIS A O   1 
ATOM   532  C CB  . HIS A 1 77  ? 4.319   11.133  5.863   1.00 11.03 ? 107 HIS A CB  1 
ATOM   533  C CG  . HIS A 1 77  ? 4.138   10.811  7.315   1.00 11.37 ? 107 HIS A CG  1 
ATOM   534  N ND1 . HIS A 1 77  ? 5.181   10.832  8.216   1.00 12.49 ? 107 HIS A ND1 1 
ATOM   535  C CD2 . HIS A 1 77  ? 3.043   10.428  8.015   1.00 9.87  ? 107 HIS A CD2 1 
ATOM   536  C CE1 . HIS A 1 77  ? 4.738   10.471  9.407   1.00 11.43 ? 107 HIS A CE1 1 
ATOM   537  N NE2 . HIS A 1 77  ? 3.444   10.220  9.313   1.00 14.54 ? 107 HIS A NE2 1 
ATOM   538  N N   . ILE A 1 78  ? 0.898   11.578  4.499   1.00 12.16 ? 108 ILE A N   1 
ATOM   539  C CA  . ILE A 1 78  ? -0.117  12.611  4.362   1.00 15.52 ? 108 ILE A CA  1 
ATOM   540  C C   . ILE A 1 78  ? -0.552  13.317  5.641   1.00 14.09 ? 108 ILE A C   1 
ATOM   541  O O   . ILE A 1 78  ? -0.999  14.456  5.581   1.00 15.86 ? 108 ILE A O   1 
ATOM   542  C CB  . ILE A 1 78  ? -1.355  12.069  3.607   1.00 17.65 ? 108 ILE A CB  1 
ATOM   543  C CG1 . ILE A 1 78  ? -1.813  10.756  4.222   1.00 20.83 ? 108 ILE A CG1 1 
ATOM   544  C CG2 . ILE A 1 78  ? -0.999  11.848  2.122   1.00 20.76 ? 108 ILE A CG2 1 
ATOM   545  C CD1 . ILE A 1 78  ? -3.217  10.311  3.815   1.00 24.97 ? 108 ILE A CD1 1 
ATOM   546  N N   . SER A 1 79  ? -0.421  12.662  6.794   1.00 14.45 ? 109 SER A N   1 
ATOM   547  C CA  . SER A 1 79  ? -0.798  13.302  8.061   1.00 13.92 ? 109 SER A CA  1 
ATOM   548  C C   . SER A 1 79  ? 0.118   14.497  8.349   1.00 14.58 ? 109 SER A C   1 
ATOM   549  O O   . SER A 1 79  ? -0.222  15.383  9.138   1.00 12.89 ? 109 SER A O   1 
ATOM   550  C CB  . SER A 1 79  ? -0.717  12.298  9.212   1.00 13.04 ? 109 SER A CB  1 
ATOM   551  O OG  . SER A 1 79  ? 0.580   11.733  9.310   1.00 15.77 ? 109 SER A OG  1 
ATOM   552  N N   . SER A 1 80  ? 1.284   14.522  7.704   1.00 13.47 ? 110 SER A N   1 
ATOM   553  C CA  . SER A 1 80  ? 2.234   15.617  7.899   1.00 15.23 ? 110 SER A CA  1 
ATOM   554  C C   . SER A 1 80  ? 2.036   16.705  6.855   1.00 15.53 ? 110 SER A C   1 
ATOM   555  O O   . SER A 1 80  ? 2.771   17.688  6.843   1.00 17.24 ? 110 SER A O   1 
ATOM   556  C CB  . SER A 1 80  ? 3.680   15.106  7.819   1.00 12.74 ? 110 SER A CB  1 
ATOM   557  O OG  . SER A 1 80  ? 4.065   14.472  9.031   1.00 17.93 ? 110 SER A OG  1 
ATOM   558  N N   . MET A 1 81  ? 1.046   16.517  5.984   1.00 14.76 ? 111 MET A N   1 
ATOM   559  C CA  . MET A 1 81  ? 0.744   17.473  4.917   1.00 14.87 ? 111 MET A CA  1 
ATOM   560  C C   . MET A 1 81  ? -0.531  18.262  5.229   1.00 15.06 ? 111 MET A C   1 
ATOM   561  O O   . MET A 1 81  ? -1.532  17.679  5.642   1.00 17.75 ? 111 MET A O   1 
ATOM   562  C CB  . MET A 1 81  ? 0.577   16.727  3.586   1.00 14.83 ? 111 MET A CB  1 
ATOM   563  C CG  . MET A 1 81  ? 1.778   15.877  3.174   1.00 15.53 ? 111 MET A CG  1 
ATOM   564  S SD  . MET A 1 81  ? 1.502   14.951  1.641   1.00 18.38 ? 111 MET A SD  1 
ATOM   565  C CE  . MET A 1 81  ? 2.932   13.859  1.620   1.00 16.96 ? 111 MET A CE  1 
ATOM   566  N N   . SER A 1 82  ? -0.497  19.578  5.025   1.00 14.75 ? 112 SER A N   1 
ATOM   567  C CA  . SER A 1 82  ? -1.656  20.442  5.290   1.00 16.25 ? 112 SER A CA  1 
ATOM   568  C C   . SER A 1 82  ? -2.692  20.366  4.174   1.00 15.88 ? 112 SER A C   1 
ATOM   569  O O   . SER A 1 82  ? -3.846  20.763  4.348   1.00 17.51 ? 112 SER A O   1 
ATOM   570  C CB  . SER A 1 82  ? -1.219  21.902  5.453   1.00 15.60 ? 112 SER A CB  1 
ATOM   571  O OG  . SER A 1 82  ? -0.717  22.427  4.233   1.00 16.44 ? 112 SER A OG  1 
ATOM   572  N N   . VAL A 1 83  ? -2.272  19.858  3.024   1.00 14.70 ? 113 VAL A N   1 
ATOM   573  C CA  . VAL A 1 83  ? -3.165  19.727  1.888   1.00 15.40 ? 113 VAL A CA  1 
ATOM   574  C C   . VAL A 1 83  ? -2.905  18.374  1.241   1.00 14.60 ? 113 VAL A C   1 
ATOM   575  O O   . VAL A 1 83  ? -1.761  17.942  1.172   1.00 16.13 ? 113 VAL A O   1 
ATOM   576  C CB  . VAL A 1 83  ? -2.910  20.865  0.870   1.00 13.76 ? 113 VAL A CB  1 
ATOM   577  C CG1 . VAL A 1 83  ? -1.457  20.842  0.405   1.00 15.77 ? 113 VAL A CG1 1 
ATOM   578  C CG2 . VAL A 1 83  ? -3.850  20.734  -0.306  1.00 16.05 ? 113 VAL A CG2 1 
ATOM   579  N N   . PHE A 1 84  ? -3.954  17.688  0.796   1.00 14.70 ? 114 PHE A N   1 
ATOM   580  C CA  . PHE A 1 84  ? -3.760  16.395  0.146   1.00 14.16 ? 114 PHE A CA  1 
ATOM   581  C C   . PHE A 1 84  ? -3.083  16.674  -1.198  1.00 15.39 ? 114 PHE A C   1 
ATOM   582  O O   . PHE A 1 84  ? -3.558  17.504  -1.969  1.00 13.65 ? 114 PHE A O   1 
ATOM   583  C CB  . PHE A 1 84  ? -5.097  15.693  -0.108  1.00 15.09 ? 114 PHE A CB  1 
ATOM   584  C CG  . PHE A 1 84  ? -4.949  14.235  -0.438  1.00 15.81 ? 114 PHE A CG  1 
ATOM   585  C CD1 . PHE A 1 84  ? -4.944  13.281  0.573   1.00 15.25 ? 114 PHE A CD1 1 
ATOM   586  C CD2 . PHE A 1 84  ? -4.739  13.822  -1.752  1.00 15.73 ? 114 PHE A CD2 1 
ATOM   587  C CE1 . PHE A 1 84  ? -4.726  11.936  0.284   1.00 14.38 ? 114 PHE A CE1 1 
ATOM   588  C CE2 . PHE A 1 84  ? -4.520  12.479  -2.050  1.00 16.30 ? 114 PHE A CE2 1 
ATOM   589  C CZ  . PHE A 1 84  ? -4.514  11.538  -1.028  1.00 16.14 ? 114 PHE A CZ  1 
ATOM   590  N N   . PRO A 1 85  ? -1.966  15.982  -1.493  1.00 16.27 ? 115 PRO A N   1 
ATOM   591  C CA  . PRO A 1 85  ? -1.183  16.125  -2.733  1.00 15.65 ? 115 PRO A CA  1 
ATOM   592  C C   . PRO A 1 85  ? -1.991  15.925  -4.008  1.00 15.90 ? 115 PRO A C   1 
ATOM   593  O O   . PRO A 1 85  ? -2.417  14.810  -4.310  1.00 14.03 ? 115 PRO A O   1 
ATOM   594  C CB  . PRO A 1 85  ? -0.108  15.048  -2.594  1.00 17.21 ? 115 PRO A CB  1 
ATOM   595  C CG  . PRO A 1 85  ? 0.030   14.879  -1.141  1.00 18.24 ? 115 PRO A CG  1 
ATOM   596  C CD  . PRO A 1 85  ? -1.384  14.933  -0.642  1.00 16.77 ? 115 PRO A CD  1 
ATOM   597  N N   . GLN A 1 86  ? -2.170  17.001  -4.766  1.00 16.20 ? 116 GLN A N   1 
ATOM   598  C CA  . GLN A 1 86  ? -2.920  16.954  -6.011  1.00 17.06 ? 116 GLN A CA  1 
ATOM   599  C C   . GLN A 1 86  ? -2.369  15.875  -6.951  1.00 17.13 ? 116 GLN A C   1 
ATOM   600  O O   . GLN A 1 86  ? -3.130  15.144  -7.583  1.00 13.66 ? 116 GLN A O   1 
ATOM   601  C CB  . GLN A 1 86  ? -2.869  18.333  -6.678  1.00 20.45 ? 116 GLN A CB  1 
ATOM   602  C CG  . GLN A 1 86  ? -3.837  18.537  -7.823  1.00 25.77 ? 116 GLN A CG  1 
ATOM   603  C CD  . GLN A 1 86  ? -3.374  17.876  -9.106  1.00 31.76 ? 116 GLN A CD  1 
ATOM   604  O OE1 . GLN A 1 86  ? -2.181  17.598  -9.284  1.00 29.54 ? 116 GLN A OE1 1 
ATOM   605  N NE2 . GLN A 1 86  ? -4.314  17.639  -10.021 1.00 33.22 ? 116 GLN A NE2 1 
ATOM   606  N N   . GLY A 1 87  ? -1.047  15.769  -7.037  1.00 17.39 ? 117 GLY A N   1 
ATOM   607  C CA  . GLY A 1 87  ? -0.446  14.769  -7.907  1.00 16.42 ? 117 GLY A CA  1 
ATOM   608  C C   . GLY A 1 87  ? -0.776  13.348  -7.474  1.00 16.90 ? 117 GLY A C   1 
ATOM   609  O O   . GLY A 1 87  ? -0.970  12.462  -8.314  1.00 16.86 ? 117 GLY A O   1 
ATOM   610  N N   . LEU A 1 88  ? -0.836  13.127  -6.161  1.00 15.12 ? 118 LEU A N   1 
ATOM   611  C CA  . LEU A 1 88  ? -1.153  11.805  -5.619  1.00 16.17 ? 118 LEU A CA  1 
ATOM   612  C C   . LEU A 1 88  ? -2.612  11.502  -5.928  1.00 14.66 ? 118 LEU A C   1 
ATOM   613  O O   . LEU A 1 88  ? -2.966  10.376  -6.266  1.00 13.82 ? 118 LEU A O   1 
ATOM   614  C CB  . LEU A 1 88  ? -0.955  11.773  -4.098  1.00 14.91 ? 118 LEU A CB  1 
ATOM   615  C CG  . LEU A 1 88  ? -0.509  10.449  -3.461  1.00 20.75 ? 118 LEU A CG  1 
ATOM   616  C CD1 . LEU A 1 88  ? -0.832  10.469  -1.971  1.00 16.66 ? 118 LEU A CD1 1 
ATOM   617  C CD2 . LEU A 1 88  ? -1.172  9.271   -4.134  1.00 16.45 ? 118 LEU A CD2 1 
ATOM   618  N N   . LYS A 1 89  ? -3.462  12.510  -5.791  1.00 15.35 ? 119 LYS A N   1 
ATOM   619  C CA  . LYS A 1 89  ? -4.878  12.323  -6.077  1.00 17.68 ? 119 LYS A CA  1 
ATOM   620  C C   . LYS A 1 89  ? -5.055  11.856  -7.522  1.00 16.91 ? 119 LYS A C   1 
ATOM   621  O O   . LYS A 1 89  ? -5.801  10.913  -7.788  1.00 18.25 ? 119 LYS A O   1 
ATOM   622  C CB  . LYS A 1 89  ? -5.650  13.627  -5.858  1.00 18.53 ? 119 LYS A CB  1 
ATOM   623  C CG  . LYS A 1 89  ? -7.147  13.490  -6.105  1.00 22.47 ? 119 LYS A CG  1 
ATOM   624  C CD  . LYS A 1 89  ? -7.891  14.804  -5.911  1.00 25.25 ? 119 LYS A CD  1 
ATOM   625  C CE  . LYS A 1 89  ? -9.387  14.621  -6.165  1.00 29.06 ? 119 LYS A CE  1 
ATOM   626  N NZ  . LYS A 1 89  ? -10.153 15.898  -6.071  1.00 32.51 ? 119 LYS A NZ  1 
ATOM   627  N N   . MET A 1 90  ? -4.363  12.512  -8.451  1.00 18.52 ? 120 MET A N   1 
ATOM   628  C CA  . MET A 1 90  ? -4.458  12.156  -9.868  1.00 21.03 ? 120 MET A CA  1 
ATOM   629  C C   . MET A 1 90  ? -3.994  10.728  -10.134 1.00 19.44 ? 120 MET A C   1 
ATOM   630  O O   . MET A 1 90  ? -4.608  10.001  -10.908 1.00 18.92 ? 120 MET A O   1 
ATOM   631  C CB  . MET A 1 90  ? -3.641  13.131  -10.721 1.00 25.65 ? 120 MET A CB  1 
ATOM   632  C CG  . MET A 1 90  ? -4.115  14.573  -10.608 1.00 34.73 ? 120 MET A CG  1 
ATOM   633  S SD  . MET A 1 90  ? -3.372  15.708  -11.800 1.00 46.25 ? 120 MET A SD  1 
ATOM   634  C CE  . MET A 1 90  ? -4.695  15.813  -13.036 1.00 42.93 ? 120 MET A CE  1 
ATOM   635  N N   . LEU A 1 91  ? -2.903  10.330  -9.494  1.00 18.12 ? 121 LEU A N   1 
ATOM   636  C CA  . LEU A 1 91  ? -2.383  8.977   -9.661  1.00 15.78 ? 121 LEU A CA  1 
ATOM   637  C C   . LEU A 1 91  ? -3.414  7.957   -9.161  1.00 14.93 ? 121 LEU A C   1 
ATOM   638  O O   . LEU A 1 91  ? -3.753  7.007   -9.863  1.00 13.28 ? 121 LEU A O   1 
ATOM   639  C CB  . LEU A 1 91  ? -1.087  8.825   -8.868  1.00 17.00 ? 121 LEU A CB  1 
ATOM   640  C CG  . LEU A 1 91  ? -0.187  7.610   -9.109  1.00 20.30 ? 121 LEU A CG  1 
ATOM   641  C CD1 . LEU A 1 91  ? 0.953   7.654   -8.107  1.00 18.61 ? 121 LEU A CD1 1 
ATOM   642  C CD2 . LEU A 1 91  ? -0.961  6.317   -8.966  1.00 23.55 ? 121 LEU A CD2 1 
ATOM   643  N N   . LEU A 1 92  ? -3.915  8.163   -7.946  1.00 13.99 ? 122 LEU A N   1 
ATOM   644  C CA  . LEU A 1 92  ? -4.889  7.242   -7.372  1.00 14.43 ? 122 LEU A CA  1 
ATOM   645  C C   . LEU A 1 92  ? -6.177  7.158   -8.190  1.00 15.67 ? 122 LEU A C   1 
ATOM   646  O O   . LEU A 1 92  ? -6.768  6.082   -8.323  1.00 16.46 ? 122 LEU A O   1 
ATOM   647  C CB  . LEU A 1 92  ? -5.199  7.639   -5.921  1.00 13.72 ? 122 LEU A CB  1 
ATOM   648  C CG  . LEU A 1 92  ? -3.991  7.592   -4.975  1.00 15.50 ? 122 LEU A CG  1 
ATOM   649  C CD1 . LEU A 1 92  ? -4.450  7.865   -3.541  1.00 14.00 ? 122 LEU A CD1 1 
ATOM   650  C CD2 . LEU A 1 92  ? -3.308  6.222   -5.067  1.00 12.48 ? 122 LEU A CD2 1 
ATOM   651  N N   . GLU A 1 93  ? -6.611  8.285   -8.746  1.00 15.70 ? 123 GLU A N   1 
ATOM   652  C CA  . GLU A 1 93  ? -7.831  8.290   -9.546  1.00 17.87 ? 123 GLU A CA  1 
ATOM   653  C C   . GLU A 1 93  ? -7.558  7.907   -11.004 1.00 19.45 ? 123 GLU A C   1 
ATOM   654  O O   . GLU A 1 93  ? -8.475  7.881   -11.824 1.00 20.61 ? 123 GLU A O   1 
ATOM   655  C CB  . GLU A 1 93  ? -8.513  9.666   -9.472  1.00 17.08 ? 123 GLU A CB  1 
ATOM   656  C CG  . GLU A 1 93  ? -8.816  10.127  -8.038  1.00 18.51 ? 123 GLU A CG  1 
ATOM   657  C CD  . GLU A 1 93  ? -9.716  11.362  -7.967  1.00 22.40 ? 123 GLU A CD  1 
ATOM   658  O OE1 . GLU A 1 93  ? -9.627  12.232  -8.863  1.00 21.14 ? 123 GLU A OE1 1 
ATOM   659  O OE2 . GLU A 1 93  ? -10.500 11.470  -6.998  1.00 19.19 ? 123 GLU A OE2 1 
ATOM   660  N N   . ASN A 1 94  ? -6.298  7.601   -11.317 1.00 18.68 ? 124 ASN A N   1 
ATOM   661  C CA  . ASN A 1 94  ? -5.904  7.207   -12.674 1.00 20.20 ? 124 ASN A CA  1 
ATOM   662  C C   . ASN A 1 94  ? -6.302  5.749   -12.918 1.00 21.16 ? 124 ASN A C   1 
ATOM   663  O O   . ASN A 1 94  ? -5.679  4.836   -12.374 1.00 20.55 ? 124 ASN A O   1 
ATOM   664  C CB  . ASN A 1 94  ? -4.385  7.353   -12.845 1.00 20.53 ? 124 ASN A CB  1 
ATOM   665  C CG  . ASN A 1 94  ? -3.934  7.149   -14.277 1.00 23.27 ? 124 ASN A CG  1 
ATOM   666  O OD1 . ASN A 1 94  ? -4.521  6.366   -15.018 1.00 26.35 ? 124 ASN A OD1 1 
ATOM   667  N ND2 . ASN A 1 94  ? -2.875  7.844   -14.670 1.00 22.54 ? 124 ASN A ND2 1 
ATOM   668  N N   . LYS A 1 95  ? -7.324  5.532   -13.743 1.00 20.89 ? 125 LYS A N   1 
ATOM   669  C CA  . LYS A 1 95  ? -7.804  4.179   -14.039 1.00 21.71 ? 125 LYS A CA  1 
ATOM   670  C C   . LYS A 1 95  ? -6.814  3.322   -14.824 1.00 20.94 ? 125 LYS A C   1 
ATOM   671  O O   . LYS A 1 95  ? -6.956  2.103   -14.884 1.00 21.33 ? 125 LYS A O   1 
ATOM   672  C CB  . LYS A 1 95  ? -9.115  4.237   -14.823 1.00 22.86 ? 125 LYS A CB  1 
ATOM   673  C CG  . LYS A 1 95  ? -10.244 4.975   -14.136 1.00 26.50 ? 125 LYS A CG  1 
ATOM   674  C CD  . LYS A 1 95  ? -11.499 4.938   -15.000 1.00 29.23 ? 125 LYS A CD  1 
ATOM   675  C CE  . LYS A 1 95  ? -12.617 5.779   -14.401 1.00 33.13 ? 125 LYS A CE  1 
ATOM   676  N NZ  . LYS A 1 95  ? -13.869 5.718   -15.213 1.00 34.46 ? 125 LYS A NZ  1 
ATOM   677  N N   . SER A 1 96  ? -5.823  3.956   -15.437 1.00 19.79 ? 126 SER A N   1 
ATOM   678  C CA  . SER A 1 96  ? -4.829  3.230   -16.220 1.00 21.53 ? 126 SER A CA  1 
ATOM   679  C C   . SER A 1 96  ? -3.860  2.424   -15.360 1.00 20.16 ? 126 SER A C   1 
ATOM   680  O O   . SER A 1 96  ? -3.332  1.401   -15.796 1.00 22.76 ? 126 SER A O   1 
ATOM   681  C CB  . SER A 1 96  ? -4.035  4.204   -17.100 1.00 21.65 ? 126 SER A CB  1 
ATOM   682  O OG  . SER A 1 96  ? -4.851  4.721   -18.131 1.00 28.00 ? 126 SER A OG  1 
ATOM   683  N N   . ILE A 1 97  ? -3.632  2.887   -14.138 1.00 19.55 ? 127 ILE A N   1 
ATOM   684  C CA  . ILE A 1 97  ? -2.708  2.220   -13.228 1.00 18.17 ? 127 ILE A CA  1 
ATOM   685  C C   . ILE A 1 97  ? -3.467  1.460   -12.147 1.00 18.30 ? 127 ILE A C   1 
ATOM   686  O O   . ILE A 1 97  ? -4.266  2.044   -11.411 1.00 18.05 ? 127 ILE A O   1 
ATOM   687  C CB  . ILE A 1 97  ? -1.777  3.252   -12.568 1.00 18.38 ? 127 ILE A CB  1 
ATOM   688  C CG1 . ILE A 1 97  ? -1.121  4.113   -13.651 1.00 19.07 ? 127 ILE A CG1 1 
ATOM   689  C CG2 . ILE A 1 97  ? -0.715  2.556   -11.739 1.00 17.42 ? 127 ILE A CG2 1 
ATOM   690  C CD1 . ILE A 1 97  ? -1.969  5.067   -14.410 1.00 24.97 ? 127 ILE A CD1 1 
ATOM   691  N N   . LYS A 1 98  ? -3.229  0.153   -12.062 1.00 16.62 ? 128 LYS A N   1 
ATOM   692  C CA  . LYS A 1 98  ? -3.891  -0.671  -11.058 1.00 17.10 ? 128 LYS A CA  1 
ATOM   693  C C   . LYS A 1 98  ? -3.176  -0.567  -9.717  1.00 16.23 ? 128 LYS A C   1 
ATOM   694  O O   . LYS A 1 98  ? -1.963  -0.344  -9.658  1.00 17.51 ? 128 LYS A O   1 
ATOM   695  C CB  . LYS A 1 98  ? -3.912  -2.146  -11.483 1.00 17.88 ? 128 LYS A CB  1 
ATOM   696  C CG  . LYS A 1 98  ? -4.645  -2.452  -12.777 1.00 22.00 ? 128 LYS A CG  1 
ATOM   697  C CD  . LYS A 1 98  ? -4.558  -3.939  -13.076 1.00 25.21 ? 128 LYS A CD  1 
ATOM   698  C CE  . LYS A 1 98  ? -5.192  -4.289  -14.405 1.00 31.31 ? 128 LYS A CE  1 
ATOM   699  N NZ  . LYS A 1 98  ? -5.088  -5.748  -14.681 1.00 33.50 ? 128 LYS A NZ  1 
ATOM   700  N N   . LYS A 1 99  ? -3.936  -0.734  -8.643  1.00 15.15 ? 129 LYS A N   1 
ATOM   701  C CA  . LYS A 1 99  ? -3.394  -0.694  -7.288  1.00 15.93 ? 129 LYS A CA  1 
ATOM   702  C C   . LYS A 1 99  ? -3.781  -2.014  -6.633  1.00 15.35 ? 129 LYS A C   1 
ATOM   703  O O   . LYS A 1 99  ? -4.964  -2.285  -6.441  1.00 17.08 ? 129 LYS A O   1 
ATOM   704  C CB  . LYS A 1 99  ? -3.987  0.477   -6.487  1.00 13.07 ? 129 LYS A CB  1 
ATOM   705  C CG  . LYS A 1 99  ? -3.671  1.860   -7.038  1.00 12.53 ? 129 LYS A CG  1 
ATOM   706  C CD  . LYS A 1 99  ? -4.586  2.226   -8.207  1.00 12.92 ? 129 LYS A CD  1 
ATOM   707  C CE  . LYS A 1 99  ? -4.332  3.641   -8.704  1.00 13.17 ? 129 LYS A CE  1 
ATOM   708  N NZ  . LYS A 1 99  ? -5.199  3.966   -9.880  1.00 14.21 ? 129 LYS A NZ  1 
ATOM   709  N N   . ALA A 1 100 ? -2.784  -2.835  -6.307  1.00 13.82 ? 130 ALA A N   1 
ATOM   710  C CA  . ALA A 1 100 ? -3.035  -4.134  -5.699  1.00 13.04 ? 130 ALA A CA  1 
ATOM   711  C C   . ALA A 1 100 ? -2.816  -4.121  -4.196  1.00 14.16 ? 130 ALA A C   1 
ATOM   712  O O   . ALA A 1 100 ? -1.772  -3.678  -3.705  1.00 14.38 ? 130 ALA A O   1 
ATOM   713  C CB  . ALA A 1 100 ? -2.147  -5.197  -6.345  1.00 14.50 ? 130 ALA A CB  1 
ATOM   714  N N   . GLY A 1 101 ? -3.807  -4.623  -3.470  1.00 14.31 ? 131 GLY A N   1 
ATOM   715  C CA  . GLY A 1 101 ? -3.719  -4.662  -2.029  1.00 16.86 ? 131 GLY A CA  1 
ATOM   716  C C   . GLY A 1 101 ? -4.679  -5.679  -1.454  1.00 18.24 ? 131 GLY A C   1 
ATOM   717  O O   . GLY A 1 101 ? -5.352  -6.402  -2.191  1.00 17.21 ? 131 GLY A O   1 
ATOM   718  N N   . VAL A 1 102 ? -4.722  -5.735  -0.128  1.00 19.21 ? 132 VAL A N   1 
ATOM   719  C CA  . VAL A 1 102 ? -5.589  -6.646  0.609   1.00 20.21 ? 132 VAL A CA  1 
ATOM   720  C C   . VAL A 1 102 ? -6.497  -5.787  1.483   1.00 20.53 ? 132 VAL A C   1 
ATOM   721  O O   . VAL A 1 102 ? -6.017  -4.983  2.284   1.00 21.44 ? 132 VAL A O   1 
ATOM   722  C CB  . VAL A 1 102 ? -4.754  -7.597  1.491   1.00 20.99 ? 132 VAL A CB  1 
ATOM   723  C CG1 . VAL A 1 102 ? -5.658  -8.397  2.411   1.00 21.58 ? 132 VAL A CG1 1 
ATOM   724  C CG2 . VAL A 1 102 ? -3.948  -8.534  0.604   1.00 20.46 ? 132 VAL A CG2 1 
ATOM   725  N N   . GLY A 1 103 ? -7.806  -5.958  1.319   1.00 21.13 ? 133 GLY A N   1 
ATOM   726  C CA  . GLY A 1 103 ? -8.758  -5.160  2.069   1.00 21.48 ? 133 GLY A CA  1 
ATOM   727  C C   . GLY A 1 103 ? -8.702  -3.764  1.484   1.00 22.09 ? 133 GLY A C   1 
ATOM   728  O O   . GLY A 1 103 ? -8.969  -2.771  2.165   1.00 22.77 ? 133 GLY A O   1 
ATOM   729  N N   . ILE A 1 104 ? -8.357  -3.694  0.199   1.00 21.10 ? 134 ILE A N   1 
ATOM   730  C CA  . ILE A 1 104 ? -8.214  -2.420  -0.493  1.00 18.27 ? 134 ILE A CA  1 
ATOM   731  C C   . ILE A 1 104 ? -9.523  -1.662  -0.764  1.00 20.10 ? 134 ILE A C   1 
ATOM   732  O O   . ILE A 1 104 ? -9.512  -0.442  -0.931  1.00 17.94 ? 134 ILE A O   1 
ATOM   733  C CB  . ILE A 1 104 ? -7.383  -2.614  -1.804  1.00 18.64 ? 134 ILE A CB  1 
ATOM   734  C CG1 . ILE A 1 104 ? -6.939  -1.259  -2.347  1.00 15.03 ? 134 ILE A CG1 1 
ATOM   735  C CG2 . ILE A 1 104 ? -8.184  -3.398  -2.837  1.00 17.27 ? 134 ILE A CG2 1 
ATOM   736  C CD1 . ILE A 1 104 ? -6.629  -0.224  -1.349  1.00 24.97 ? 134 ILE A CD1 1 
ATOM   737  N N   . GLU A 1 105 ? -10.657 -2.358  -0.788  1.00 21.87 ? 135 GLU A N   1 
ATOM   738  C CA  . GLU A 1 105 ? -11.922 -1.652  -0.999  1.00 22.57 ? 135 GLU A CA  1 
ATOM   739  C C   . GLU A 1 105 ? -12.180 -0.769  0.221   1.00 20.72 ? 135 GLU A C   1 
ATOM   740  O O   . GLU A 1 105 ? -12.707 0.338   0.102   1.00 20.75 ? 135 GLU A O   1 
ATOM   741  C CB  . GLU A 1 105 ? -13.085 -2.627  -1.177  1.00 25.41 ? 135 GLU A CB  1 
ATOM   742  C CG  . GLU A 1 105 ? -14.387 -1.930  -1.545  1.00 30.95 ? 135 GLU A CG  1 
ATOM   743  C CD  . GLU A 1 105 ? -15.566 -2.881  -1.636  1.00 34.83 ? 135 GLU A CD  1 
ATOM   744  O OE1 . GLU A 1 105 ? -15.532 -3.800  -2.480  1.00 38.67 ? 135 GLU A OE1 1 
ATOM   745  O OE2 . GLU A 1 105 ? -16.530 -2.709  -0.860  1.00 37.68 ? 135 GLU A OE2 1 
ATOM   746  N N   . GLY A 1 106 ? -11.809 -1.269  1.397   1.00 20.12 ? 136 GLY A N   1 
ATOM   747  C CA  . GLY A 1 106 ? -11.988 -0.497  2.615   1.00 20.10 ? 136 GLY A CA  1 
ATOM   748  C C   . GLY A 1 106 ? -11.150 0.765   2.532   1.00 19.45 ? 136 GLY A C   1 
ATOM   749  O O   . GLY A 1 106 ? -11.552 1.830   3.000   1.00 16.97 ? 136 GLY A O   1 
ATOM   750  N N   . ASP A 1 107 ? -9.970  0.640   1.930   1.00 19.62 ? 137 ASP A N   1 
ATOM   751  C CA  . ASP A 1 107 ? -9.077  1.778   1.759   1.00 21.01 ? 137 ASP A CA  1 
ATOM   752  C C   . ASP A 1 107 ? -9.737  2.801   0.841   1.00 20.19 ? 137 ASP A C   1 
ATOM   753  O O   . ASP A 1 107 ? -9.625  4.005   1.057   1.00 19.45 ? 137 ASP A O   1 
ATOM   754  C CB  . ASP A 1 107 ? -7.736  1.334   1.157   1.00 22.08 ? 137 ASP A CB  1 
ATOM   755  C CG  . ASP A 1 107 ? -6.903  0.508   2.125   1.00 21.87 ? 137 ASP A CG  1 
ATOM   756  O OD1 . ASP A 1 107 ? -7.014  0.749   3.345   1.00 20.79 ? 137 ASP A OD1 1 
ATOM   757  O OD2 . ASP A 1 107 ? -6.129  -0.366  1.671   1.00 21.27 ? 137 ASP A OD2 1 
ATOM   758  N N   . GLN A 1 108 ? -10.423 2.314   -0.186  1.00 20.21 ? 138 GLN A N   1 
ATOM   759  C CA  . GLN A 1 108 ? -11.098 3.195   -1.123  1.00 22.19 ? 138 GLN A CA  1 
ATOM   760  C C   . GLN A 1 108 ? -12.149 4.013   -0.381  1.00 22.08 ? 138 GLN A C   1 
ATOM   761  O O   . GLN A 1 108 ? -12.188 5.238   -0.483  1.00 22.59 ? 138 GLN A O   1 
ATOM   762  C CB  . GLN A 1 108 ? -11.780 2.386   -2.222  1.00 24.44 ? 138 GLN A CB  1 
ATOM   763  C CG  . GLN A 1 108 ? -12.416 3.256   -3.291  1.00 28.14 ? 138 GLN A CG  1 
ATOM   764  C CD  . GLN A 1 108 ? -13.410 2.499   -4.149  1.00 30.03 ? 138 GLN A CD  1 
ATOM   765  O OE1 . GLN A 1 108 ? -13.550 2.773   -5.341  1.00 32.14 ? 138 GLN A OE1 1 
ATOM   766  N NE2 . GLN A 1 108 ? -14.114 1.554   -3.545  1.00 31.46 ? 138 GLN A NE2 1 
ATOM   767  N N   . TRP A 1 109 ? -13.004 3.323   0.364   1.00 22.39 ? 139 TRP A N   1 
ATOM   768  C CA  . TRP A 1 109 ? -14.056 3.990   1.130   1.00 24.43 ? 139 TRP A CA  1 
ATOM   769  C C   . TRP A 1 109 ? -13.467 5.054   2.045   1.00 23.31 ? 139 TRP A C   1 
ATOM   770  O O   . TRP A 1 109 ? -13.948 6.185   2.096   1.00 24.69 ? 139 TRP A O   1 
ATOM   771  C CB  . TRP A 1 109 ? -14.817 2.968   1.980   1.00 25.81 ? 139 TRP A CB  1 
ATOM   772  C CG  . TRP A 1 109 ? -15.742 2.089   1.203   1.00 29.99 ? 139 TRP A CG  1 
ATOM   773  C CD1 . TRP A 1 109 ? -15.651 1.761   -0.123  1.00 31.92 ? 139 TRP A CD1 1 
ATOM   774  C CD2 . TRP A 1 109 ? -16.886 1.388   1.712   1.00 31.23 ? 139 TRP A CD2 1 
ATOM   775  N NE1 . TRP A 1 109 ? -16.670 0.898   -0.469  1.00 32.07 ? 139 TRP A NE1 1 
ATOM   776  C CE2 . TRP A 1 109 ? -17.441 0.652   0.638   1.00 32.06 ? 139 TRP A CE2 1 
ATOM   777  C CE3 . TRP A 1 109 ? -17.496 1.309   2.972   1.00 30.92 ? 139 TRP A CE3 1 
ATOM   778  C CZ2 . TRP A 1 109 ? -18.578 -0.154  0.788   1.00 31.49 ? 139 TRP A CZ2 1 
ATOM   779  C CZ3 . TRP A 1 109 ? -18.626 0.508   3.120   1.00 31.17 ? 139 TRP A CZ3 1 
ATOM   780  C CH2 . TRP A 1 109 ? -19.154 -0.213  2.032   1.00 29.53 ? 139 TRP A CH2 1 
ATOM   781  N N   . LYS A 1 110 ? -12.413 4.682   2.758   1.00 22.73 ? 140 LYS A N   1 
ATOM   782  C CA  . LYS A 1 110 ? -11.762 5.580   3.696   1.00 23.81 ? 140 LYS A CA  1 
ATOM   783  C C   . LYS A 1 110 ? -11.181 6.831   3.039   1.00 24.88 ? 140 LYS A C   1 
ATOM   784  O O   . LYS A 1 110 ? -11.353 7.939   3.557   1.00 25.52 ? 140 LYS A O   1 
ATOM   785  C CB  . LYS A 1 110 ? -10.678 4.817   4.463   1.00 26.70 ? 140 LYS A CB  1 
ATOM   786  C CG  . LYS A 1 110 ? -10.105 5.573   5.645   1.00 27.80 ? 140 LYS A CG  1 
ATOM   787  C CD  . LYS A 1 110 ? -9.509  4.624   6.665   1.00 28.71 ? 140 LYS A CD  1 
ATOM   788  C CE  . LYS A 1 110 ? -8.991  5.393   7.869   1.00 32.23 ? 140 LYS A CE  1 
ATOM   789  N NZ  . LYS A 1 110 ? -10.033 6.313   8.417   1.00 32.14 ? 140 LYS A NZ  1 
ATOM   790  N N   . LEU A 1 111 ? -10.500 6.662   1.907   1.00 23.36 ? 141 LEU A N   1 
ATOM   791  C CA  . LEU A 1 111 ? -9.918  7.797   1.192   1.00 23.72 ? 141 LEU A CA  1 
ATOM   792  C C   . LEU A 1 111 ? -10.999 8.747   0.720   1.00 23.56 ? 141 LEU A C   1 
ATOM   793  O O   . LEU A 1 111 ? -10.801 9.959   0.700   1.00 21.68 ? 141 LEU A O   1 
ATOM   794  C CB  . LEU A 1 111 ? -9.117  7.336   -0.028  1.00 22.68 ? 141 LEU A CB  1 
ATOM   795  C CG  . LEU A 1 111 ? -7.717  6.775   0.209   1.00 24.45 ? 141 LEU A CG  1 
ATOM   796  C CD1 . LEU A 1 111 ? -7.103  6.387   -1.121  1.00 24.17 ? 141 LEU A CD1 1 
ATOM   797  C CD2 . LEU A 1 111 ? -6.857  7.825   0.895   1.00 25.93 ? 141 LEU A CD2 1 
ATOM   798  N N   . LEU A 1 112 ? -12.130 8.189   0.306   1.00 24.90 ? 142 LEU A N   1 
ATOM   799  C CA  . LEU A 1 112 ? -13.245 9.003   -0.154  1.00 27.42 ? 142 LEU A CA  1 
ATOM   800  C C   . LEU A 1 112 ? -13.791 9.804   1.012   1.00 28.84 ? 142 LEU A C   1 
ATOM   801  O O   . LEU A 1 112 ? -13.940 11.023  0.929   1.00 29.31 ? 142 LEU A O   1 
ATOM   802  C CB  . LEU A 1 112 ? -14.355 8.119   -0.725  1.00 27.70 ? 142 LEU A CB  1 
ATOM   803  C CG  . LEU A 1 112 ? -14.283 7.859   -2.226  1.00 28.58 ? 142 LEU A CG  1 
ATOM   804  C CD1 . LEU A 1 112 ? -15.341 6.839   -2.629  1.00 31.26 ? 142 LEU A CD1 1 
ATOM   805  C CD2 . LEU A 1 112 ? -14.490 9.174   -2.962  1.00 29.72 ? 142 LEU A CD2 1 
ATOM   806  N N   . ARG A 1 113 ? -14.083 9.107   2.103   1.00 31.02 ? 143 ARG A N   1 
ATOM   807  C CA  . ARG A 1 113 ? -14.616 9.749   3.294   1.00 32.66 ? 143 ARG A CA  1 
ATOM   808  C C   . ARG A 1 113 ? -13.700 10.855  3.806   1.00 32.54 ? 143 ARG A C   1 
ATOM   809  O O   . ARG A 1 113 ? -14.135 11.990  4.006   1.00 31.99 ? 143 ARG A O   1 
ATOM   810  C CB  . ARG A 1 113 ? -14.835 8.717   4.410   1.00 34.30 ? 143 ARG A CB  1 
ATOM   811  C CG  . ARG A 1 113 ? -15.886 7.655   4.096   1.00 40.12 ? 143 ARG A CG  1 
ATOM   812  C CD  . ARG A 1 113 ? -16.480 7.050   5.374   1.00 42.88 ? 143 ARG A CD  1 
ATOM   813  N NE  . ARG A 1 113 ? -15.550 6.191   6.109   1.00 45.43 ? 143 ARG A NE  1 
ATOM   814  C CZ  . ARG A 1 113 ? -15.223 4.952   5.748   1.00 47.04 ? 143 ARG A CZ  1 
ATOM   815  N NH1 . ARG A 1 113 ? -14.368 4.248   6.481   1.00 47.63 ? 143 ARG A NH1 1 
ATOM   816  N NH2 . ARG A 1 113 ? -15.754 4.411   4.659   1.00 47.93 ? 143 ARG A NH2 1 
ATOM   817  N N   . ASP A 1 114 ? -12.427 10.525  4.003   1.00 31.98 ? 144 ASP A N   1 
ATOM   818  C CA  . ASP A 1 114 ? -11.462 11.482  4.530   1.00 30.50 ? 144 ASP A CA  1 
ATOM   819  C C   . ASP A 1 114 ? -11.008 12.619  3.618   1.00 30.12 ? 144 ASP A C   1 
ATOM   820  O O   . ASP A 1 114 ? -10.841 13.749  4.081   1.00 28.37 ? 144 ASP A O   1 
ATOM   821  C CB  . ASP A 1 114 ? -10.212 10.751  5.032   1.00 31.79 ? 144 ASP A CB  1 
ATOM   822  C CG  . ASP A 1 114 ? -10.498 9.825   6.201   1.00 32.64 ? 144 ASP A CG  1 
ATOM   823  O OD1 . ASP A 1 114 ? -11.605 9.890   6.774   1.00 33.06 ? 144 ASP A OD1 1 
ATOM   824  O OD2 . ASP A 1 114 ? -9.599  9.033   6.552   1.00 34.44 ? 144 ASP A OD2 1 
ATOM   825  N N   . PHE A 1 115 ? -10.804 12.342  2.333   1.00 28.56 ? 145 PHE A N   1 
ATOM   826  C CA  . PHE A 1 115 ? -10.307 13.390  1.443   1.00 28.66 ? 145 PHE A CA  1 
ATOM   827  C C   . PHE A 1 115 ? -11.026 13.561  0.119   1.00 28.23 ? 145 PHE A C   1 
ATOM   828  O O   . PHE A 1 115 ? -10.583 14.338  -0.729  1.00 28.38 ? 145 PHE A O   1 
ATOM   829  C CB  . PHE A 1 115 ? -8.826  13.149  1.153   1.00 26.81 ? 145 PHE A CB  1 
ATOM   830  C CG  . PHE A 1 115 ? -8.011  12.818  2.372   1.00 28.15 ? 145 PHE A CG  1 
ATOM   831  C CD1 . PHE A 1 115 ? -7.486  11.539  2.545   1.00 27.34 ? 145 PHE A CD1 1 
ATOM   832  C CD2 . PHE A 1 115 ? -7.742  13.788  3.331   1.00 25.14 ? 145 PHE A CD2 1 
ATOM   833  C CE1 . PHE A 1 115 ? -6.702  11.234  3.655   1.00 26.41 ? 145 PHE A CE1 1 
ATOM   834  C CE2 . PHE A 1 115 ? -6.960  13.493  4.442   1.00 26.49 ? 145 PHE A CE2 1 
ATOM   835  C CZ  . PHE A 1 115 ? -6.438  12.211  4.602   1.00 26.41 ? 145 PHE A CZ  1 
ATOM   836  N N   . ASP A 1 116 ? -12.124 12.843  -0.068  1.00 27.88 ? 146 ASP A N   1 
ATOM   837  C CA  . ASP A 1 116 ? -12.871 12.926  -1.315  1.00 28.88 ? 146 ASP A CA  1 
ATOM   838  C C   . ASP A 1 116 ? -11.972 12.550  -2.494  1.00 26.94 ? 146 ASP A C   1 
ATOM   839  O O   . ASP A 1 116 ? -12.062 13.134  -3.576  1.00 25.91 ? 146 ASP A O   1 
ATOM   840  C CB  . ASP A 1 116 ? -13.423 14.336  -1.523  1.00 33.25 ? 146 ASP A CB  1 
ATOM   841  C CG  . ASP A 1 116 ? -14.680 14.347  -2.370  1.00 37.66 ? 146 ASP A CG  1 
ATOM   842  O OD1 . ASP A 1 116 ? -14.682 13.715  -3.450  1.00 41.13 ? 146 ASP A OD1 1 
ATOM   843  O OD2 . ASP A 1 116 ? -15.667 14.990  -1.954  1.00 39.75 ? 146 ASP A OD2 1 
ATOM   844  N N   . VAL A 1 117 ? -11.096 11.578  -2.259  1.00 24.59 ? 147 VAL A N   1 
ATOM   845  C CA  . VAL A 1 117 ? -10.179 11.067  -3.278  1.00 22.08 ? 147 VAL A CA  1 
ATOM   846  C C   . VAL A 1 117 ? -10.684 9.669   -3.622  1.00 22.94 ? 147 VAL A C   1 
ATOM   847  O O   . VAL A 1 117 ? -10.756 8.798   -2.753  1.00 21.56 ? 147 VAL A O   1 
ATOM   848  C CB  . VAL A 1 117 ? -8.737  10.960  -2.734  1.00 21.50 ? 147 VAL A CB  1 
ATOM   849  C CG1 . VAL A 1 117 ? -7.816  10.365  -3.790  1.00 20.11 ? 147 VAL A CG1 1 
ATOM   850  C CG2 . VAL A 1 117 ? -8.247  12.325  -2.313  1.00 21.28 ? 147 VAL A CG2 1 
ATOM   851  N N   . LYS A 1 118 ? -11.032 9.461   -4.887  1.00 22.24 ? 148 LYS A N   1 
ATOM   852  C CA  . LYS A 1 118 ? -11.567 8.185   -5.344  1.00 23.55 ? 148 LYS A CA  1 
ATOM   853  C C   . LYS A 1 118 ? -10.537 7.236   -5.954  1.00 22.83 ? 148 LYS A C   1 
ATOM   854  O O   . LYS A 1 118 ? -10.077 7.442   -7.074  1.00 23.47 ? 148 LYS A O   1 
ATOM   855  C CB  . LYS A 1 118 ? -12.683 8.445   -6.356  1.00 25.63 ? 148 LYS A CB  1 
ATOM   856  C CG  . LYS A 1 118 ? -13.233 7.201   -7.034  1.00 31.61 ? 148 LYS A CG  1 
ATOM   857  C CD  . LYS A 1 118 ? -13.942 6.286   -6.054  1.00 34.95 ? 148 LYS A CD  1 
ATOM   858  C CE  . LYS A 1 118 ? -14.577 5.108   -6.781  1.00 35.41 ? 148 LYS A CE  1 
ATOM   859  N NZ  . LYS A 1 118 ? -15.539 5.565   -7.821  1.00 38.16 ? 148 LYS A NZ  1 
ATOM   860  N N   . LEU A 1 119 ? -10.190 6.189   -5.213  1.00 21.09 ? 149 LEU A N   1 
ATOM   861  C CA  . LEU A 1 119 ? -9.226  5.199   -5.681  1.00 22.05 ? 149 LEU A CA  1 
ATOM   862  C C   . LEU A 1 119 ? -9.836  4.409   -6.842  1.00 22.14 ? 149 LEU A C   1 
ATOM   863  O O   . LEU A 1 119 ? -10.850 3.727   -6.676  1.00 24.85 ? 149 LEU A O   1 
ATOM   864  C CB  . LEU A 1 119 ? -8.853  4.251   -4.534  1.00 22.07 ? 149 LEU A CB  1 
ATOM   865  C CG  . LEU A 1 119 ? -7.658  3.300   -4.704  1.00 23.68 ? 149 LEU A CG  1 
ATOM   866  C CD1 . LEU A 1 119 ? -7.445  2.511   -3.419  1.00 24.55 ? 149 LEU A CD1 1 
ATOM   867  C CD2 . LEU A 1 119 ? -7.909  2.346   -5.850  1.00 27.19 ? 149 LEU A CD2 1 
ATOM   868  N N   . GLU A 1 120 ? -9.218  4.507   -8.015  1.00 21.13 ? 150 GLU A N   1 
ATOM   869  C CA  . GLU A 1 120 ? -9.702  3.804   -9.199  1.00 21.53 ? 150 GLU A CA  1 
ATOM   870  C C   . GLU A 1 120 ? -8.807  2.622   -9.574  1.00 20.99 ? 150 GLU A C   1 
ATOM   871  O O   . GLU A 1 120 ? -7.589  2.654   -9.374  1.00 19.54 ? 150 GLU A O   1 
ATOM   872  C CB  . GLU A 1 120 ? -9.769  4.757   -10.399 1.00 21.55 ? 150 GLU A CB  1 
ATOM   873  C CG  . GLU A 1 120 ? -10.708 5.939   -10.236 1.00 24.28 ? 150 GLU A CG  1 
ATOM   874  C CD  . GLU A 1 120 ? -12.167 5.566   -10.405 1.00 27.43 ? 150 GLU A CD  1 
ATOM   875  O OE1 . GLU A 1 120 ? -13.021 6.461   -10.242 1.00 29.39 ? 150 GLU A OE1 1 
ATOM   876  O OE2 . GLU A 1 120 ? -12.463 4.387   -10.704 1.00 28.15 ? 150 GLU A OE2 1 
ATOM   877  N N   . SER A 1 121 ? -9.431  1.586   -10.126 1.00 20.71 ? 151 SER A N   1 
ATOM   878  C CA  . SER A 1 121 ? -8.732  0.389   -10.572 1.00 20.10 ? 151 SER A CA  1 
ATOM   879  C C   . SER A 1 121 ? -7.975  -0.353  -9.484  1.00 20.52 ? 151 SER A C   1 
ATOM   880  O O   . SER A 1 121 ? -6.814  -0.722  -9.672  1.00 20.93 ? 151 SER A O   1 
ATOM   881  C CB  . SER A 1 121 ? -7.763  0.736   -11.703 1.00 20.05 ? 151 SER A CB  1 
ATOM   882  O OG  . SER A 1 121 ? -8.455  1.266   -12.816 1.00 20.46 ? 151 SER A OG  1 
ATOM   883  N N   . PHE A 1 122 ? -8.625  -0.574  -8.349  1.00 19.63 ? 152 PHE A N   1 
ATOM   884  C CA  . PHE A 1 122 ? -7.976  -1.311  -7.279  1.00 20.22 ? 152 PHE A CA  1 
ATOM   885  C C   . PHE A 1 122 ? -8.132  -2.804  -7.577  1.00 19.50 ? 152 PHE A C   1 
ATOM   886  O O   . PHE A 1 122 ? -9.054  -3.214  -8.291  1.00 18.75 ? 152 PHE A O   1 
ATOM   887  C CB  . PHE A 1 122 ? -8.592  -0.953  -5.915  1.00 20.20 ? 152 PHE A CB  1 
ATOM   888  C CG  . PHE A 1 122 ? -10.003 -1.449  -5.719  1.00 23.44 ? 152 PHE A CG  1 
ATOM   889  C CD1 . PHE A 1 122 ? -10.274 -2.810  -5.609  1.00 24.70 ? 152 PHE A CD1 1 
ATOM   890  C CD2 . PHE A 1 122 ? -11.056 -0.549  -5.613  1.00 24.76 ? 152 PHE A CD2 1 
ATOM   891  C CE1 . PHE A 1 122 ? -11.577 -3.267  -5.396  1.00 26.68 ? 152 PHE A CE1 1 
ATOM   892  C CE2 . PHE A 1 122 ? -12.362 -0.994  -5.400  1.00 25.07 ? 152 PHE A CE2 1 
ATOM   893  C CZ  . PHE A 1 122 ? -12.622 -2.354  -5.290  1.00 25.84 ? 152 PHE A CZ  1 
ATOM   894  N N   . VAL A 1 123 ? -7.221  -3.609  -7.044  1.00 16.65 ? 153 VAL A N   1 
ATOM   895  C CA  . VAL A 1 123 ? -7.260  -5.050  -7.238  1.00 15.20 ? 153 VAL A CA  1 
ATOM   896  C C   . VAL A 1 123 ? -7.237  -5.738  -5.870  1.00 16.96 ? 153 VAL A C   1 
ATOM   897  O O   . VAL A 1 123 ? -6.251  -5.656  -5.139  1.00 15.61 ? 153 VAL A O   1 
ATOM   898  C CB  . VAL A 1 123 ? -6.053  -5.513  -8.088  1.00 15.25 ? 153 VAL A CB  1 
ATOM   899  C CG1 . VAL A 1 123 ? -6.016  -7.024  -8.185  1.00 13.67 ? 153 VAL A CG1 1 
ATOM   900  C CG2 . VAL A 1 123 ? -6.147  -4.901  -9.487  1.00 17.18 ? 153 VAL A CG2 1 
ATOM   901  N N   . GLU A 1 124 ? -8.335  -6.401  -5.520  1.00 17.06 ? 154 GLU A N   1 
ATOM   902  C CA  . GLU A 1 124 ? -8.426  -7.099  -4.240  1.00 17.52 ? 154 GLU A CA  1 
ATOM   903  C C   . GLU A 1 124 ? -7.761  -8.462  -4.357  1.00 16.94 ? 154 GLU A C   1 
ATOM   904  O O   . GLU A 1 124 ? -8.357  -9.412  -4.858  1.00 17.19 ? 154 GLU A O   1 
ATOM   905  C CB  . GLU A 1 124 ? -9.892  -7.266  -3.826  1.00 17.21 ? 154 GLU A CB  1 
ATOM   906  C CG  . GLU A 1 124 ? -10.064 -8.059  -2.545  1.00 18.01 ? 154 GLU A CG  1 
ATOM   907  C CD  . GLU A 1 124 ? -9.176  -7.543  -1.430  1.00 18.97 ? 154 GLU A CD  1 
ATOM   908  O OE1 . GLU A 1 124 ? -8.392  -8.337  -0.873  1.00 18.72 ? 154 GLU A OE1 1 
ATOM   909  O OE2 . GLU A 1 124 ? -9.257  -6.339  -1.111  1.00 18.27 ? 154 GLU A OE2 1 
ATOM   910  N N   . LEU A 1 125 ? -6.522  -8.547  -3.880  1.00 17.37 ? 155 LEU A N   1 
ATOM   911  C CA  . LEU A 1 125 ? -5.739  -9.768  -3.955  1.00 16.33 ? 155 LEU A CA  1 
ATOM   912  C C   . LEU A 1 125 ? -6.341  -11.010 -3.307  1.00 17.62 ? 155 LEU A C   1 
ATOM   913  O O   . LEU A 1 125 ? -6.043  -12.126 -3.738  1.00 19.68 ? 155 LEU A O   1 
ATOM   914  C CB  . LEU A 1 125 ? -4.332  -9.514  -3.398  1.00 16.53 ? 155 LEU A CB  1 
ATOM   915  C CG  . LEU A 1 125 ? -3.506  -8.527  -4.233  1.00 14.53 ? 155 LEU A CG  1 
ATOM   916  C CD1 . LEU A 1 125 ? -2.189  -8.225  -3.549  1.00 13.31 ? 155 LEU A CD1 1 
ATOM   917  C CD2 . LEU A 1 125 ? -3.276  -9.116  -5.620  1.00 15.16 ? 155 LEU A CD2 1 
ATOM   918  N N   . THR A 1 126 ? -7.166  -10.846 -2.276  1.00 15.93 ? 156 THR A N   1 
ATOM   919  C CA  . THR A 1 126 ? -7.770  -12.020 -1.645  1.00 17.67 ? 156 THR A CA  1 
ATOM   920  C C   . THR A 1 126 ? -8.792  -12.650 -2.585  1.00 18.98 ? 156 THR A C   1 
ATOM   921  O O   . THR A 1 126 ? -8.997  -13.864 -2.558  1.00 18.37 ? 156 THR A O   1 
ATOM   922  C CB  . THR A 1 126 ? -8.454  -11.686 -0.301  1.00 17.07 ? 156 THR A CB  1 
ATOM   923  O OG1 . THR A 1 126 ? -9.471  -10.702 -0.507  1.00 16.43 ? 156 THR A OG1 1 
ATOM   924  C CG2 . THR A 1 126 ? -7.430  -11.170 0.699   1.00 16.26 ? 156 THR A CG2 1 
ATOM   925  N N   . ASP A 1 127 ? -9.427  -11.825 -3.420  1.00 20.37 ? 157 ASP A N   1 
ATOM   926  C CA  . ASP A 1 127 ? -10.405 -12.324 -4.390  1.00 21.76 ? 157 ASP A CA  1 
ATOM   927  C C   . ASP A 1 127 ? -9.675  -13.048 -5.508  1.00 22.18 ? 157 ASP A C   1 
ATOM   928  O O   . ASP A 1 127 ? -10.097 -14.116 -5.954  1.00 23.78 ? 157 ASP A O   1 
ATOM   929  C CB  . ASP A 1 127 ? -11.224 -11.186 -5.008  1.00 21.60 ? 157 ASP A CB  1 
ATOM   930  C CG  . ASP A 1 127 ? -12.325 -10.693 -4.093  1.00 23.46 ? 157 ASP A CG  1 
ATOM   931  O OD1 . ASP A 1 127 ? -12.791 -11.479 -3.241  1.00 24.12 ? 157 ASP A OD1 1 
ATOM   932  O OD2 . ASP A 1 127 ? -12.736 -9.525  -4.242  1.00 23.27 ? 157 ASP A OD2 1 
ATOM   933  N N   . VAL A 1 128 ? -8.582  -12.453 -5.971  1.00 20.62 ? 158 VAL A N   1 
ATOM   934  C CA  . VAL A 1 128 ? -7.797  -13.058 -7.033  1.00 20.36 ? 158 VAL A CA  1 
ATOM   935  C C   . VAL A 1 128 ? -7.266  -14.405 -6.557  1.00 19.71 ? 158 VAL A C   1 
ATOM   936  O O   . VAL A 1 128 ? -7.245  -15.373 -7.315  1.00 21.70 ? 158 VAL A O   1 
ATOM   937  C CB  . VAL A 1 128 ? -6.599  -12.158 -7.433  1.00 19.04 ? 158 VAL A CB  1 
ATOM   938  C CG1 . VAL A 1 128 ? -5.796  -12.824 -8.551  1.00 17.50 ? 158 VAL A CG1 1 
ATOM   939  C CG2 . VAL A 1 128 ? -7.103  -10.791 -7.880  1.00 16.82 ? 158 VAL A CG2 1 
ATOM   940  N N   . ALA A 1 129 ? -6.834  -14.461 -5.301  1.00 19.56 ? 159 ALA A N   1 
ATOM   941  C CA  . ALA A 1 129 ? -6.299  -15.694 -4.731  1.00 18.90 ? 159 ALA A CA  1 
ATOM   942  C C   . ALA A 1 129 ? -7.359  -16.789 -4.676  1.00 19.36 ? 159 ALA A C   1 
ATOM   943  O O   . ALA A 1 129 ? -7.094  -17.934 -5.034  1.00 19.00 ? 159 ALA A O   1 
ATOM   944  C CB  . ALA A 1 129 ? -5.742  -15.432 -3.329  1.00 19.10 ? 159 ALA A CB  1 
ATOM   945  N N   . ASN A 1 130 ? -8.557  -16.440 -4.221  1.00 20.14 ? 160 ASN A N   1 
ATOM   946  C CA  . ASN A 1 130 ? -9.639  -17.410 -4.140  1.00 22.01 ? 160 ASN A CA  1 
ATOM   947  C C   . ASN A 1 130 ? -9.974  -17.967 -5.519  1.00 23.89 ? 160 ASN A C   1 
ATOM   948  O O   . ASN A 1 130 ? -10.139 -19.177 -5.680  1.00 25.11 ? 160 ASN A O   1 
ATOM   949  C CB  . ASN A 1 130 ? -10.888 -16.771 -3.515  1.00 19.80 ? 160 ASN A CB  1 
ATOM   950  C CG  . ASN A 1 130 ? -10.836 -16.753 -1.996  1.00 21.39 ? 160 ASN A CG  1 
ATOM   951  O OD1 . ASN A 1 130 ? -11.582 -16.016 -1.341  1.00 22.34 ? 160 ASN A OD1 1 
ATOM   952  N ND2 . ASN A 1 130 ? -9.963  -17.572 -1.427  1.00 20.32 ? 160 ASN A ND2 1 
ATOM   953  N N   . GLU A 1 131 ? -10.055 -17.094 -6.519  1.00 25.96 ? 161 GLU A N   1 
ATOM   954  C CA  . GLU A 1 131 ? -10.380 -17.548 -7.867  1.00 29.63 ? 161 GLU A CA  1 
ATOM   955  C C   . GLU A 1 131 ? -9.241  -18.338 -8.510  1.00 29.26 ? 161 GLU A C   1 
ATOM   956  O O   . GLU A 1 131 ? -9.476  -19.377 -9.123  1.00 30.12 ? 161 GLU A O   1 
ATOM   957  C CB  . GLU A 1 131 ? -10.766 -16.367 -8.764  1.00 32.79 ? 161 GLU A CB  1 
ATOM   958  C CG  . GLU A 1 131 ? -9.655  -15.384 -9.050  1.00 39.79 ? 161 GLU A CG  1 
ATOM   959  C CD  . GLU A 1 131 ? -10.041 -14.375 -10.119 1.00 43.19 ? 161 GLU A CD  1 
ATOM   960  O OE1 . GLU A 1 131 ? -9.237  -13.459 -10.396 1.00 43.80 ? 161 GLU A OE1 1 
ATOM   961  O OE2 . GLU A 1 131 ? -11.150 -14.504 -10.687 1.00 46.39 ? 161 GLU A OE2 1 
ATOM   962  N N   . LYS A 1 132 ? -8.012  -17.852 -8.356  1.00 29.33 ? 162 LYS A N   1 
ATOM   963  C CA  . LYS A 1 132 ? -6.838  -18.517 -8.919  1.00 30.40 ? 162 LYS A CA  1 
ATOM   964  C C   . LYS A 1 132 ? -6.601  -19.874 -8.274  1.00 31.09 ? 162 LYS A C   1 
ATOM   965  O O   . LYS A 1 132 ? -6.518  -20.896 -8.955  1.00 30.73 ? 162 LYS A O   1 
ATOM   966  C CB  . LYS A 1 132 ? -5.589  -17.652 -8.719  1.00 30.53 ? 162 LYS A CB  1 
ATOM   967  C CG  . LYS A 1 132 ? -5.076  -16.979 -9.973  1.00 33.45 ? 162 LYS A CG  1 
ATOM   968  C CD  . LYS A 1 132 ? -6.137  -16.112 -10.616 1.00 34.86 ? 162 LYS A CD  1 
ATOM   969  C CE  . LYS A 1 132 ? -5.622  -15.484 -11.898 1.00 35.29 ? 162 LYS A CE  1 
ATOM   970  N NZ  . LYS A 1 132 ? -5.168  -16.516 -12.867 1.00 39.37 ? 162 LYS A NZ  1 
ATOM   971  N N   . LEU A 1 133 ? -6.485  -19.869 -6.951  1.00 31.43 ? 163 LEU A N   1 
ATOM   972  C CA  . LEU A 1 133 ? -6.246  -21.082 -6.184  1.00 31.63 ? 163 LEU A CA  1 
ATOM   973  C C   . LEU A 1 133 ? -7.500  -21.937 -6.087  1.00 32.09 ? 163 LEU A C   1 
ATOM   974  O O   . LEU A 1 133 ? -7.478  -23.016 -5.502  1.00 31.34 ? 163 LEU A O   1 
ATOM   975  C CB  . LEU A 1 133 ? -5.758  -20.723 -4.780  1.00 32.22 ? 163 LEU A CB  1 
ATOM   976  C CG  . LEU A 1 133 ? -4.374  -20.079 -4.670  1.00 34.35 ? 163 LEU A CG  1 
ATOM   977  C CD1 . LEU A 1 133 ? -4.277  -18.867 -5.578  1.00 34.98 ? 163 LEU A CD1 1 
ATOM   978  C CD2 . LEU A 1 133 ? -4.127  -19.678 -3.230  1.00 34.66 ? 163 LEU A CD2 1 
ATOM   979  N N   . LYS A 1 134 ? -8.596  -21.447 -6.656  1.00 33.32 ? 164 LYS A N   1 
ATOM   980  C CA  . LYS A 1 134 ? -9.853  -22.178 -6.630  1.00 34.25 ? 164 LYS A CA  1 
ATOM   981  C C   . LYS A 1 134 ? -10.278 -22.546 -5.210  1.00 34.09 ? 164 LYS A C   1 
ATOM   982  O O   . LYS A 1 134 ? -10.462 -23.722 -4.889  1.00 34.58 ? 164 LYS A O   1 
ATOM   983  C CB  . LYS A 1 134 ? -9.738  -23.452 -7.476  1.00 36.15 ? 164 LYS A CB  1 
ATOM   984  C CG  . LYS A 1 134 ? -9.474  -23.196 -8.954  1.00 38.83 ? 164 LYS A CG  1 
ATOM   985  C CD  . LYS A 1 134 ? -9.357  -24.500 -9.736  1.00 41.92 ? 164 LYS A CD  1 
ATOM   986  C CE  . LYS A 1 134 ? -10.669 -25.278 -9.745  1.00 44.55 ? 164 LYS A CE  1 
ATOM   987  N NZ  . LYS A 1 134 ? -11.755 -24.557 -10.474 1.00 45.22 ? 164 LYS A NZ  1 
ATOM   988  N N   . CYS A 1 135 ? -10.425 -21.540 -4.356  1.00 32.82 ? 165 CYS A N   1 
ATOM   989  C CA  . CYS A 1 135 ? -10.852 -21.769 -2.982  1.00 31.67 ? 165 CYS A CA  1 
ATOM   990  C C   . CYS A 1 135 ? -11.773 -20.649 -2.510  1.00 31.11 ? 165 CYS A C   1 
ATOM   991  O O   . CYS A 1 135 ? -12.072 -19.724 -3.263  1.00 30.49 ? 165 CYS A O   1 
ATOM   992  C CB  . CYS A 1 135 ? -9.641  -21.918 -2.046  1.00 31.12 ? 165 CYS A CB  1 
ATOM   993  S SG  . CYS A 1 135 ? -8.347  -20.646 -2.150  1.00 34.69 ? 165 CYS A SG  1 
ATOM   994  N N   . ALA A 1 136 ? -12.239 -20.748 -1.272  1.00 29.43 ? 166 ALA A N   1 
ATOM   995  C CA  . ALA A 1 136 ? -13.136 -19.750 -0.707  1.00 29.50 ? 166 ALA A CA  1 
ATOM   996  C C   . ALA A 1 136 ? -12.701 -19.484 0.722   1.00 28.22 ? 166 ALA A C   1 
ATOM   997  O O   . ALA A 1 136 ? -13.403 -19.826 1.674   1.00 28.13 ? 166 ALA A O   1 
ATOM   998  C CB  . ALA A 1 136 ? -14.573 -20.264 -0.731  1.00 30.25 ? 166 ALA A CB  1 
ATOM   999  N N   . GLU A 1 137 ? -11.536 -18.864 0.861   1.00 26.49 ? 167 GLU A N   1 
ATOM   1000 C CA  . GLU A 1 137 ? -10.981 -18.574 2.171   1.00 25.50 ? 167 GLU A CA  1 
ATOM   1001 C C   . GLU A 1 137 ? -11.149 -17.111 2.556   1.00 23.29 ? 167 GLU A C   1 
ATOM   1002 O O   . GLU A 1 137 ? -11.326 -16.245 1.696   1.00 21.69 ? 167 GLU A O   1 
ATOM   1003 C CB  . GLU A 1 137 ? -9.486  -18.919 2.171   1.00 28.93 ? 167 GLU A CB  1 
ATOM   1004 C CG  . GLU A 1 137 ? -9.004  -19.686 3.388   1.00 35.40 ? 167 GLU A CG  1 
ATOM   1005 C CD  . GLU A 1 137 ? -9.682  -21.031 3.524   1.00 35.85 ? 167 GLU A CD  1 
ATOM   1006 O OE1 . GLU A 1 137 ? -9.661  -21.809 2.552   1.00 39.85 ? 167 GLU A OE1 1 
ATOM   1007 O OE2 . GLU A 1 137 ? -10.238 -21.314 4.604   1.00 39.66 ? 167 GLU A OE2 1 
ATOM   1008 N N   . THR A 1 138 ? -11.105 -16.855 3.859   1.00 20.50 ? 168 THR A N   1 
ATOM   1009 C CA  . THR A 1 138 ? -11.172 -15.505 4.402   1.00 20.52 ? 168 THR A CA  1 
ATOM   1010 C C   . THR A 1 138 ? -9.712  -15.256 4.763   1.00 20.96 ? 168 THR A C   1 
ATOM   1011 O O   . THR A 1 138 ? -9.233  -15.744 5.788   1.00 21.57 ? 168 THR A O   1 
ATOM   1012 C CB  . THR A 1 138 ? -12.017 -15.434 5.687   1.00 18.57 ? 168 THR A CB  1 
ATOM   1013 O OG1 . THR A 1 138 ? -13.389 -15.689 5.371   1.00 17.54 ? 168 THR A OG1 1 
ATOM   1014 C CG2 . THR A 1 138 ? -11.886 -14.048 6.335   1.00 16.85 ? 168 THR A CG2 1 
ATOM   1015 N N   . TRP A 1 139 ? -9.010  -14.509 3.918   1.00 21.16 ? 169 TRP A N   1 
ATOM   1016 C CA  . TRP A 1 139 ? -7.587  -14.248 4.124   1.00 22.18 ? 169 TRP A CA  1 
ATOM   1017 C C   . TRP A 1 139 ? -7.192  -13.045 4.965   1.00 23.28 ? 169 TRP A C   1 
ATOM   1018 O O   . TRP A 1 139 ? -8.016  -12.223 5.361   1.00 24.31 ? 169 TRP A O   1 
ATOM   1019 C CB  . TRP A 1 139 ? -6.870  -14.093 2.779   1.00 20.55 ? 169 TRP A CB  1 
ATOM   1020 C CG  . TRP A 1 139 ? -7.016  -15.227 1.834   1.00 20.10 ? 169 TRP A CG  1 
ATOM   1021 C CD1 . TRP A 1 139 ? -7.988  -15.392 0.891   1.00 18.15 ? 169 TRP A CD1 1 
ATOM   1022 C CD2 . TRP A 1 139 ? -6.137  -16.350 1.707   1.00 20.47 ? 169 TRP A CD2 1 
ATOM   1023 N NE1 . TRP A 1 139 ? -7.769  -16.548 0.179   1.00 17.93 ? 169 TRP A NE1 1 
ATOM   1024 C CE2 . TRP A 1 139 ? -6.640  -17.158 0.660   1.00 19.68 ? 169 TRP A CE2 1 
ATOM   1025 C CE3 . TRP A 1 139 ? -4.973  -16.754 2.376   1.00 21.89 ? 169 TRP A CE3 1 
ATOM   1026 C CZ2 . TRP A 1 139 ? -6.020  -18.347 0.267   1.00 19.28 ? 169 TRP A CZ2 1 
ATOM   1027 C CZ3 . TRP A 1 139 ? -4.353  -17.940 1.985   1.00 21.81 ? 169 TRP A CZ3 1 
ATOM   1028 C CH2 . TRP A 1 139 ? -4.881  -18.721 0.938   1.00 22.02 ? 169 TRP A CH2 1 
ATOM   1029 N N   . SER A 1 140 ? -5.886  -12.977 5.210   1.00 25.94 ? 170 SER A N   1 
ATOM   1030 C CA  . SER A 1 140 ? -5.227  -11.900 5.934   1.00 27.97 ? 170 SER A CA  1 
ATOM   1031 C C   . SER A 1 140 ? -3.999  -11.693 5.056   1.00 28.79 ? 170 SER A C   1 
ATOM   1032 O O   . SER A 1 140 ? -3.604  -12.612 4.334   1.00 28.14 ? 170 SER A O   1 
ATOM   1033 C CB  . SER A 1 140 ? -4.803  -12.349 7.335   1.00 30.14 ? 170 SER A CB  1 
ATOM   1034 O OG  . SER A 1 140 ? -3.779  -13.329 7.284   1.00 33.88 ? 170 SER A OG  1 
ATOM   1035 N N   . LEU A 1 141 ? -3.403  -10.507 5.089   1.00 28.12 ? 171 LEU A N   1 
ATOM   1036 C CA  . LEU A 1 141 ? -2.233  -10.253 4.254   1.00 28.39 ? 171 LEU A CA  1 
ATOM   1037 C C   . LEU A 1 141 ? -1.118  -11.234 4.601   1.00 26.95 ? 171 LEU A C   1 
ATOM   1038 O O   . LEU A 1 141 ? -0.442  -11.759 3.717   1.00 24.89 ? 171 LEU A O   1 
ATOM   1039 C CB  . LEU A 1 141 ? -1.741  -8.812  4.439   1.00 29.32 ? 171 LEU A CB  1 
ATOM   1040 C CG  . LEU A 1 141 ? -0.668  -8.259  3.487   1.00 30.04 ? 171 LEU A CG  1 
ATOM   1041 C CD1 . LEU A 1 141 ? 0.643   -8.948  3.704   1.00 32.38 ? 171 LEU A CD1 1 
ATOM   1042 C CD2 . LEU A 1 141 ? -1.104  -8.442  2.053   1.00 30.80 ? 171 LEU A CD2 1 
ATOM   1043 N N   . ASN A 1 142 ? -0.940  -11.491 5.890   1.00 26.98 ? 172 ASN A N   1 
ATOM   1044 C CA  . ASN A 1 142 ? 0.102   -12.399 6.341   1.00 27.48 ? 172 ASN A CA  1 
ATOM   1045 C C   . ASN A 1 142 ? -0.182  -13.833 5.888   1.00 27.26 ? 172 ASN A C   1 
ATOM   1046 O O   . ASN A 1 142 ? 0.719   -14.534 5.428   1.00 29.50 ? 172 ASN A O   1 
ATOM   1047 C CB  . ASN A 1 142 ? 0.227   -12.313 7.865   1.00 27.38 ? 172 ASN A CB  1 
ATOM   1048 C CG  . ASN A 1 142 ? 1.470   -13.002 8.388   1.00 27.19 ? 172 ASN A CG  1 
ATOM   1049 O OD1 . ASN A 1 142 ? 2.520   -12.988 7.744   1.00 28.02 ? 172 ASN A OD1 1 
ATOM   1050 N ND2 . ASN A 1 142 ? 1.363   -13.594 9.572   1.00 27.01 ? 172 ASN A ND2 1 
ATOM   1051 N N   . GLY A 1 143 ? -1.436  -14.262 6.003   1.00 26.74 ? 173 GLY A N   1 
ATOM   1052 C CA  . GLY A 1 143 ? -1.801  -15.606 5.584   1.00 23.69 ? 173 GLY A CA  1 
ATOM   1053 C C   . GLY A 1 143 ? -1.576  -15.773 4.095   1.00 23.32 ? 173 GLY A C   1 
ATOM   1054 O O   . GLY A 1 143 ? -1.155  -16.829 3.622   1.00 22.87 ? 173 GLY A O   1 
ATOM   1055 N N   . LEU A 1 144 ? -1.853  -14.712 3.351   1.00 22.07 ? 174 LEU A N   1 
ATOM   1056 C CA  . LEU A 1 144 ? -1.676  -14.723 1.906   1.00 22.03 ? 174 LEU A CA  1 
ATOM   1057 C C   . LEU A 1 144 ? -0.178  -14.803 1.591   1.00 20.52 ? 174 LEU A C   1 
ATOM   1058 O O   . LEU A 1 144 ? 0.236   -15.496 0.661   1.00 21.54 ? 174 LEU A O   1 
ATOM   1059 C CB  . LEU A 1 144 ? -2.286  -13.449 1.312   1.00 21.47 ? 174 LEU A CB  1 
ATOM   1060 C CG  . LEU A 1 144 ? -2.834  -13.451 -0.115  1.00 23.86 ? 174 LEU A CG  1 
ATOM   1061 C CD1 . LEU A 1 144 ? -3.715  -14.663 -0.354  1.00 22.51 ? 174 LEU A CD1 1 
ATOM   1062 C CD2 . LEU A 1 144 ? -3.632  -12.164 -0.327  1.00 22.85 ? 174 LEU A CD2 1 
ATOM   1063 N N   . VAL A 1 145 ? 0.631   -14.097 2.378   1.00 20.25 ? 175 VAL A N   1 
ATOM   1064 C CA  . VAL A 1 145 ? 2.082   -14.101 2.186   1.00 21.20 ? 175 VAL A CA  1 
ATOM   1065 C C   . VAL A 1 145 ? 2.632   -15.502 2.437   1.00 20.94 ? 175 VAL A C   1 
ATOM   1066 O O   . VAL A 1 145 ? 3.425   -16.023 1.653   1.00 21.03 ? 175 VAL A O   1 
ATOM   1067 C CB  . VAL A 1 145 ? 2.788   -13.122 3.154   1.00 21.48 ? 175 VAL A CB  1 
ATOM   1068 C CG1 . VAL A 1 145 ? 4.302   -13.265 3.026   1.00 23.75 ? 175 VAL A CG1 1 
ATOM   1069 C CG2 . VAL A 1 145 ? 2.365   -11.693 2.851   1.00 22.73 ? 175 VAL A CG2 1 
ATOM   1070 N N   . LYS A 1 146 ? 2.207   -16.099 3.545   1.00 21.32 ? 176 LYS A N   1 
ATOM   1071 C CA  . LYS A 1 146 ? 2.643   -17.439 3.911   1.00 22.46 ? 176 LYS A CA  1 
ATOM   1072 C C   . LYS A 1 146 ? 2.290   -18.464 2.834   1.00 22.85 ? 176 LYS A C   1 
ATOM   1073 O O   . LYS A 1 146 ? 3.159   -19.155 2.309   1.00 21.36 ? 176 LYS A O   1 
ATOM   1074 C CB  . LYS A 1 146 ? 1.997   -17.851 5.237   1.00 23.61 ? 176 LYS A CB  1 
ATOM   1075 C CG  . LYS A 1 146 ? 2.492   -17.069 6.440   1.00 25.29 ? 176 LYS A CG  1 
ATOM   1076 C CD  . LYS A 1 146 ? 1.732   -17.463 7.705   1.00 26.91 ? 176 LYS A CD  1 
ATOM   1077 C CE  . LYS A 1 146 ? 2.157   -16.610 8.894   1.00 29.51 ? 176 LYS A CE  1 
ATOM   1078 N NZ  . LYS A 1 146 ? 1.293   -16.848 10.093  1.00 30.32 ? 176 LYS A NZ  1 
ATOM   1079 N N   . HIS A 1 147 ? 1.007   -18.547 2.504   1.00 22.58 ? 177 HIS A N   1 
ATOM   1080 C CA  . HIS A 1 147 ? 0.532   -19.498 1.512   1.00 26.18 ? 177 HIS A CA  1 
ATOM   1081 C C   . HIS A 1 147 ? 1.060   -19.272 0.097   1.00 25.62 ? 177 HIS A C   1 
ATOM   1082 O O   . HIS A 1 147 ? 1.521   -20.205 -0.551  1.00 24.34 ? 177 HIS A O   1 
ATOM   1083 C CB  . HIS A 1 147 ? -0.996  -19.488 1.483   1.00 29.11 ? 177 HIS A CB  1 
ATOM   1084 C CG  . HIS A 1 147 ? -1.583  -20.506 0.557   1.00 34.44 ? 177 HIS A CG  1 
ATOM   1085 N ND1 . HIS A 1 147 ? -1.451  -21.862 0.763   1.00 35.84 ? 177 HIS A ND1 1 
ATOM   1086 C CD2 . HIS A 1 147 ? -2.285  -20.365 -0.591  1.00 34.90 ? 177 HIS A CD2 1 
ATOM   1087 C CE1 . HIS A 1 147 ? -2.047  -22.513 -0.220  1.00 36.13 ? 177 HIS A CE1 1 
ATOM   1088 N NE2 . HIS A 1 147 ? -2.560  -21.629 -1.054  1.00 35.04 ? 177 HIS A NE2 1 
ATOM   1089 N N   . VAL A 1 148 ? 0.989   -18.033 -0.377  1.00 25.99 ? 178 VAL A N   1 
ATOM   1090 C CA  . VAL A 1 148 ? 1.430   -17.697 -1.730  1.00 26.13 ? 178 VAL A CA  1 
ATOM   1091 C C   . VAL A 1 148 ? 2.939   -17.520 -1.902  1.00 26.27 ? 178 VAL A C   1 
ATOM   1092 O O   . VAL A 1 148 ? 3.503   -17.953 -2.907  1.00 27.52 ? 178 VAL A O   1 
ATOM   1093 C CB  . VAL A 1 148 ? 0.722   -16.405 -2.224  1.00 25.99 ? 178 VAL A CB  1 
ATOM   1094 C CG1 . VAL A 1 148 ? 1.149   -16.071 -3.652  1.00 26.79 ? 178 VAL A CG1 1 
ATOM   1095 C CG2 . VAL A 1 148 ? -0.781  -16.583 -2.147  1.00 26.45 ? 178 VAL A CG2 1 
ATOM   1096 N N   . LEU A 1 149 ? 3.591   -16.899 -0.925  1.00 26.15 ? 179 LEU A N   1 
ATOM   1097 C CA  . LEU A 1 149 ? 5.028   -16.639 -1.006  1.00 27.41 ? 179 LEU A CA  1 
ATOM   1098 C C   . LEU A 1 149 ? 5.919   -17.543 -0.154  1.00 28.65 ? 179 LEU A C   1 
ATOM   1099 O O   . LEU A 1 149 ? 7.137   -17.573 -0.345  1.00 28.76 ? 179 LEU A O   1 
ATOM   1100 C CB  . LEU A 1 149 ? 5.315   -15.177 -0.637  1.00 25.24 ? 179 LEU A CB  1 
ATOM   1101 C CG  . LEU A 1 149 ? 4.760   -14.065 -1.539  1.00 26.49 ? 179 LEU A CG  1 
ATOM   1102 C CD1 . LEU A 1 149 ? 3.258   -14.196 -1.685  1.00 29.59 ? 179 LEU A CD1 1 
ATOM   1103 C CD2 . LEU A 1 149 ? 5.096   -12.715 -0.932  1.00 25.67 ? 179 LEU A CD2 1 
ATOM   1104 N N   . GLY A 1 150 ? 5.325   -18.270 0.787   1.00 27.94 ? 180 GLY A N   1 
ATOM   1105 C CA  . GLY A 1 150 ? 6.118   -19.132 1.642   1.00 27.17 ? 180 GLY A CA  1 
ATOM   1106 C C   . GLY A 1 150 ? 6.965   -18.295 2.580   1.00 27.88 ? 180 GLY A C   1 
ATOM   1107 O O   . GLY A 1 150 ? 7.971   -18.762 3.119   1.00 26.26 ? 180 GLY A O   1 
ATOM   1108 N N   . LYS A 1 151 ? 6.563   -17.040 2.758   1.00 26.79 ? 181 LYS A N   1 
ATOM   1109 C CA  . LYS A 1 151 ? 7.268   -16.125 3.643   1.00 26.88 ? 181 LYS A CA  1 
ATOM   1110 C C   . LYS A 1 151 ? 6.359   -15.796 4.819   1.00 27.12 ? 181 LYS A C   1 
ATOM   1111 O O   . LYS A 1 151 ? 5.228   -16.279 4.899   1.00 25.51 ? 181 LYS A O   1 
ATOM   1112 C CB  . LYS A 1 151 ? 7.647   -14.830 2.912   1.00 28.83 ? 181 LYS A CB  1 
ATOM   1113 C CG  . LYS A 1 151 ? 8.735   -14.976 1.850   1.00 32.95 ? 181 LYS A CG  1 
ATOM   1114 C CD  . LYS A 1 151 ? 10.046  -15.439 2.465   1.00 34.50 ? 181 LYS A CD  1 
ATOM   1115 C CE  . LYS A 1 151 ? 11.177  -15.464 1.439   1.00 37.86 ? 181 LYS A CE  1 
ATOM   1116 N NZ  . LYS A 1 151 ? 11.658  -14.099 1.076   1.00 38.94 ? 181 LYS A NZ  1 
ATOM   1117 N N   . GLN A 1 152 ? 6.860   -14.956 5.716   1.00 26.49 ? 182 GLN A N   1 
ATOM   1118 C CA  . GLN A 1 152 ? 6.135   -14.548 6.907   1.00 29.78 ? 182 GLN A CA  1 
ATOM   1119 C C   . GLN A 1 152 ? 6.267   -13.035 7.033   1.00 29.88 ? 182 GLN A C   1 
ATOM   1120 O O   . GLN A 1 152 ? 7.276   -12.462 6.626   1.00 29.32 ? 182 GLN A O   1 
ATOM   1121 C CB  . GLN A 1 152 ? 6.758   -15.222 8.132   1.00 31.80 ? 182 GLN A CB  1 
ATOM   1122 C CG  . GLN A 1 152 ? 5.905   -15.212 9.372   1.00 35.33 ? 182 GLN A CG  1 
ATOM   1123 C CD  . GLN A 1 152 ? 6.674   -15.666 10.594  1.00 35.64 ? 182 GLN A CD  1 
ATOM   1124 O OE1 . GLN A 1 152 ? 7.501   -16.577 10.522  1.00 36.63 ? 182 GLN A OE1 1 
ATOM   1125 N NE2 . GLN A 1 152 ? 6.399   -15.038 11.730  1.00 36.65 ? 182 GLN A NE2 1 
ATOM   1126 N N   . LEU A 1 153 ? 5.260   -12.394 7.615   1.00 31.06 ? 183 LEU A N   1 
ATOM   1127 C CA  . LEU A 1 153 ? 5.284   -10.948 7.776   1.00 32.90 ? 183 LEU A CA  1 
ATOM   1128 C C   . LEU A 1 153 ? 5.367   -10.513 9.234   1.00 33.61 ? 183 LEU A C   1 
ATOM   1129 O O   . LEU A 1 153 ? 4.748   -11.115 10.108  1.00 32.67 ? 183 LEU A O   1 
ATOM   1130 C CB  . LEU A 1 153 ? 4.029   -10.344 7.150   1.00 33.73 ? 183 LEU A CB  1 
ATOM   1131 C CG  . LEU A 1 153 ? 4.242   -9.163  6.210   1.00 35.64 ? 183 LEU A CG  1 
ATOM   1132 C CD1 . LEU A 1 153 ? 5.115   -9.575  5.029   1.00 32.79 ? 183 LEU A CD1 1 
ATOM   1133 C CD2 . LEU A 1 153 ? 2.894   -8.676  5.730   1.00 33.81 ? 183 LEU A CD2 1 
ATOM   1134 N N   . LEU A 1 154 ? 6.145   -9.465  9.494   1.00 35.93 ? 184 LEU A N   1 
ATOM   1135 C CA  . LEU A 1 154 ? 6.260   -8.930  10.846  1.00 37.66 ? 184 LEU A CA  1 
ATOM   1136 C C   . LEU A 1 154 ? 4.905   -8.282  11.094  1.00 38.70 ? 184 LEU A C   1 
ATOM   1137 O O   . LEU A 1 154 ? 4.466   -7.439  10.308  1.00 39.33 ? 184 LEU A O   1 
ATOM   1138 C CB  . LEU A 1 154 ? 7.370   -7.877  10.917  1.00 38.81 ? 184 LEU A CB  1 
ATOM   1139 C CG  . LEU A 1 154 ? 7.599   -7.256  12.297  1.00 40.50 ? 184 LEU A CG  1 
ATOM   1140 C CD1 . LEU A 1 154 ? 7.979   -8.348  13.294  1.00 40.83 ? 184 LEU A CD1 1 
ATOM   1141 C CD2 . LEU A 1 154 ? 8.694   -6.203  12.212  1.00 41.00 ? 184 LEU A CD2 1 
ATOM   1142 N N   . LYS A 1 155 ? 4.238   -8.666  12.174  1.00 40.40 ? 185 LYS A N   1 
ATOM   1143 C CA  . LYS A 1 155 ? 2.910   -8.129  12.449  1.00 42.15 ? 185 LYS A CA  1 
ATOM   1144 C C   . LYS A 1 155 ? 2.656   -7.833  13.930  1.00 42.71 ? 185 LYS A C   1 
ATOM   1145 O O   . LYS A 1 155 ? 1.515   -7.871  14.393  1.00 44.31 ? 185 LYS A O   1 
ATOM   1146 C CB  . LYS A 1 155 ? 1.868   -9.122  11.911  1.00 42.82 ? 185 LYS A CB  1 
ATOM   1147 C CG  . LYS A 1 155 ? 0.425   -8.654  11.917  1.00 45.12 ? 185 LYS A CG  1 
ATOM   1148 C CD  . LYS A 1 155 ? -0.476  -9.649  11.176  1.00 47.76 ? 185 LYS A CD  1 
ATOM   1149 C CE  . LYS A 1 155 ? -0.383  -11.059 11.766  1.00 49.31 ? 185 LYS A CE  1 
ATOM   1150 N NZ  . LYS A 1 155 ? -1.239  -12.047 11.045  1.00 48.20 ? 185 LYS A NZ  1 
ATOM   1151 N N   . ASP A 1 156 ? 3.720   -7.528  14.670  1.00 42.72 ? 186 ASP A N   1 
ATOM   1152 C CA  . ASP A 1 156 ? 3.591   -7.227  16.094  1.00 43.69 ? 186 ASP A CA  1 
ATOM   1153 C C   . ASP A 1 156 ? 2.950   -5.860  16.310  1.00 42.45 ? 186 ASP A C   1 
ATOM   1154 O O   . ASP A 1 156 ? 3.373   -4.868  15.707  1.00 41.72 ? 186 ASP A O   1 
ATOM   1155 C CB  . ASP A 1 156 ? 4.965   -7.261  16.768  1.00 45.92 ? 186 ASP A CB  1 
ATOM   1156 C CG  . ASP A 1 156 ? 5.929   -6.257  16.170  1.00 48.62 ? 186 ASP A CG  1 
ATOM   1157 O OD1 . ASP A 1 156 ? 6.162   -6.318  14.945  1.00 50.74 ? 186 ASP A OD1 1 
ATOM   1158 O OD2 . ASP A 1 156 ? 6.455   -5.409  16.924  1.00 50.52 ? 186 ASP A OD2 1 
ATOM   1159 N N   . LYS A 1 157 ? 1.927   -5.815  17.165  1.00 40.55 ? 187 LYS A N   1 
ATOM   1160 C CA  . LYS A 1 157 ? 1.217   -4.574  17.473  1.00 39.81 ? 187 LYS A CA  1 
ATOM   1161 C C   . LYS A 1 157 ? 2.169   -3.391  17.597  1.00 37.92 ? 187 LYS A C   1 
ATOM   1162 O O   . LYS A 1 157 ? 1.886   -2.299  17.108  1.00 37.91 ? 187 LYS A O   1 
ATOM   1163 C CB  . LYS A 1 157 ? 0.428   -4.710  18.784  1.00 41.45 ? 187 LYS A CB  1 
ATOM   1164 C CG  . LYS A 1 157 ? -0.988  -5.248  18.641  1.00 43.70 ? 187 LYS A CG  1 
ATOM   1165 C CD  . LYS A 1 157 ? -1.776  -5.003  19.923  1.00 44.35 ? 187 LYS A CD  1 
ATOM   1166 C CE  . LYS A 1 157 ? -3.259  -5.302  19.755  1.00 44.86 ? 187 LYS A CE  1 
ATOM   1167 N NZ  . LYS A 1 157 ? -4.041  -4.949  20.984  1.00 45.18 ? 187 LYS A NZ  1 
ATOM   1168 N N   . SER A 1 158 ? 3.292   -3.624  18.267  1.00 37.04 ? 188 SER A N   1 
ATOM   1169 C CA  . SER A 1 158 ? 4.312   -2.605  18.483  1.00 36.18 ? 188 SER A CA  1 
ATOM   1170 C C   . SER A 1 158 ? 4.454   -1.633  17.310  1.00 34.27 ? 188 SER A C   1 
ATOM   1171 O O   . SER A 1 158 ? 4.489   -0.415  17.502  1.00 33.32 ? 188 SER A O   1 
ATOM   1172 C CB  . SER A 1 158 ? 5.659   -3.282  18.757  1.00 37.39 ? 188 SER A CB  1 
ATOM   1173 O OG  . SER A 1 158 ? 6.713   -2.336  18.788  1.00 41.00 ? 188 SER A OG  1 
ATOM   1174 N N   . ILE A 1 159 ? 4.531   -2.178  16.100  1.00 31.43 ? 189 ILE A N   1 
ATOM   1175 C CA  . ILE A 1 159 ? 4.677   -1.363  14.903  1.00 29.39 ? 189 ILE A CA  1 
ATOM   1176 C C   . ILE A 1 159 ? 3.376   -1.239  14.127  1.00 29.39 ? 189 ILE A C   1 
ATOM   1177 O O   . ILE A 1 159 ? 3.020   -0.151  13.676  1.00 27.81 ? 189 ILE A O   1 
ATOM   1178 C CB  . ILE A 1 159 ? 5.745   -1.943  13.952  1.00 30.59 ? 189 ILE A CB  1 
ATOM   1179 C CG1 . ILE A 1 159 ? 7.044   -2.213  14.715  1.00 31.04 ? 189 ILE A CG1 1 
ATOM   1180 C CG2 . ILE A 1 159 ? 5.997   -0.978  12.810  1.00 28.91 ? 189 ILE A CG2 1 
ATOM   1181 C CD1 . ILE A 1 159 ? 7.739   -1.003  15.402  1.00 24.97 ? 189 ILE A CD1 1 
ATOM   1182 N N   . ARG A 1 160 ? 2.668   -2.354  13.971  1.00 28.84 ? 190 ARG A N   1 
ATOM   1183 C CA  . ARG A 1 160 ? 1.412   -2.356  13.228  1.00 29.36 ? 190 ARG A CA  1 
ATOM   1184 C C   . ARG A 1 160 ? 0.408   -1.349  13.781  1.00 27.50 ? 190 ARG A C   1 
ATOM   1185 O O   . ARG A 1 160 ? -0.312  -0.699  13.019  1.00 27.25 ? 190 ARG A O   1 
ATOM   1186 C CB  . ARG A 1 160 ? 0.794   -3.760  13.228  1.00 31.66 ? 190 ARG A CB  1 
ATOM   1187 C CG  . ARG A 1 160 ? -0.441  -3.891  12.346  1.00 36.01 ? 190 ARG A CG  1 
ATOM   1188 C CD  . ARG A 1 160 ? -0.952  -5.331  12.252  1.00 39.81 ? 190 ARG A CD  1 
ATOM   1189 N NE  . ARG A 1 160 ? -1.883  -5.684  13.323  1.00 42.43 ? 190 ARG A NE  1 
ATOM   1190 C CZ  . ARG A 1 160 ? -1.538  -5.930  14.582  1.00 43.24 ? 190 ARG A CZ  1 
ATOM   1191 N NH1 . ARG A 1 160 ? -0.266  -5.867  14.951  1.00 47.10 ? 190 ARG A NH1 1 
ATOM   1192 N NH2 . ARG A 1 160 ? -2.468  -6.240  15.476  1.00 43.47 ? 190 ARG A NH2 1 
ATOM   1193 N N   . CYS A 1 161 ? 0.362   -1.215  15.103  1.00 25.81 ? 191 CYS A N   1 
ATOM   1194 C CA  . CYS A 1 161 ? -0.569  -0.287  15.731  1.00 26.54 ? 191 CYS A CA  1 
ATOM   1195 C C   . CYS A 1 161 ? 0.106   0.940   16.340  1.00 25.24 ? 191 CYS A C   1 
ATOM   1196 O O   . CYS A 1 161 ? -0.452  1.586   17.224  1.00 25.10 ? 191 CYS A O   1 
ATOM   1197 C CB  . CYS A 1 161 ? -1.393  -1.013  16.803  1.00 28.47 ? 191 CYS A CB  1 
ATOM   1198 S SG  . CYS A 1 161 ? -2.410  -2.374  16.150  1.00 34.31 ? 191 CYS A SG  1 
ATOM   1199 N N   . SER A 1 162 ? 1.306   1.262   15.869  1.00 24.03 ? 192 SER A N   1 
ATOM   1200 C CA  . SER A 1 162 ? 2.023   2.428   16.375  1.00 23.17 ? 192 SER A CA  1 
ATOM   1201 C C   . SER A 1 162 ? 1.282   3.691   15.945  1.00 22.13 ? 192 SER A C   1 
ATOM   1202 O O   . SER A 1 162 ? 0.289   3.620   15.222  1.00 22.52 ? 192 SER A O   1 
ATOM   1203 C CB  . SER A 1 162 ? 3.449   2.458   15.819  1.00 21.45 ? 192 SER A CB  1 
ATOM   1204 O OG  . SER A 1 162 ? 3.429   2.519   14.405  1.00 20.93 ? 192 SER A OG  1 
ATOM   1205 N N   . ASN A 1 163 ? 1.759   4.846   16.396  1.00 21.20 ? 193 ASN A N   1 
ATOM   1206 C CA  . ASN A 1 163 ? 1.130   6.108   16.024  1.00 20.63 ? 193 ASN A CA  1 
ATOM   1207 C C   . ASN A 1 163 ? 1.688   6.554   14.674  1.00 18.17 ? 193 ASN A C   1 
ATOM   1208 O O   . ASN A 1 163 ? 2.708   7.240   14.611  1.00 17.69 ? 193 ASN A O   1 
ATOM   1209 C CB  . ASN A 1 163 ? 1.418   7.186   17.069  1.00 20.69 ? 193 ASN A CB  1 
ATOM   1210 C CG  . ASN A 1 163 ? 0.566   8.419   16.870  1.00 22.41 ? 193 ASN A CG  1 
ATOM   1211 O OD1 . ASN A 1 163 ? 0.147   8.719   15.751  1.00 21.95 ? 193 ASN A OD1 1 
ATOM   1212 N ND2 . ASN A 1 163 ? 0.308   9.148   17.952  1.00 24.20 ? 193 ASN A ND2 1 
ATOM   1213 N N   . TRP A 1 164 ? 1.009   6.163   13.600  1.00 16.95 ? 194 TRP A N   1 
ATOM   1214 C CA  . TRP A 1 164 ? 1.444   6.491   12.245  1.00 15.99 ? 194 TRP A CA  1 
ATOM   1215 C C   . TRP A 1 164 ? 1.421   7.974   11.879  1.00 15.73 ? 194 TRP A C   1 
ATOM   1216 O O   . TRP A 1 164 ? 1.950   8.363   10.837  1.00 16.23 ? 194 TRP A O   1 
ATOM   1217 C CB  . TRP A 1 164 ? 0.620   5.691   11.224  1.00 14.82 ? 194 TRP A CB  1 
ATOM   1218 C CG  . TRP A 1 164 ? 0.879   4.217   11.299  1.00 15.71 ? 194 TRP A CG  1 
ATOM   1219 C CD1 . TRP A 1 164 ? 0.128   3.281   11.955  1.00 15.62 ? 194 TRP A CD1 1 
ATOM   1220 C CD2 . TRP A 1 164 ? 2.012   3.519   10.765  1.00 14.41 ? 194 TRP A CD2 1 
ATOM   1221 N NE1 . TRP A 1 164 ? 0.727   2.046   11.864  1.00 17.38 ? 194 TRP A NE1 1 
ATOM   1222 C CE2 . TRP A 1 164 ? 1.884   2.164   11.139  1.00 14.23 ? 194 TRP A CE2 1 
ATOM   1223 C CE3 . TRP A 1 164 ? 3.126   3.910   10.007  1.00 15.13 ? 194 TRP A CE3 1 
ATOM   1224 C CZ2 . TRP A 1 164 ? 2.828   1.194   10.785  1.00 15.47 ? 194 TRP A CZ2 1 
ATOM   1225 C CZ3 . TRP A 1 164 ? 4.073   2.940   9.650   1.00 14.75 ? 194 TRP A CZ3 1 
ATOM   1226 C CH2 . TRP A 1 164 ? 3.912   1.598   10.043  1.00 15.85 ? 194 TRP A CH2 1 
ATOM   1227 N N   . SER A 1 165 ? 0.816   8.801   12.727  1.00 17.29 ? 195 SER A N   1 
ATOM   1228 C CA  . SER A 1 165 ? 0.758   10.236  12.460  1.00 17.99 ? 195 SER A CA  1 
ATOM   1229 C C   . SER A 1 165 ? 1.934   10.988  13.092  1.00 19.96 ? 195 SER A C   1 
ATOM   1230 O O   . SER A 1 165 ? 2.033   12.205  12.963  1.00 20.19 ? 195 SER A O   1 
ATOM   1231 C CB  . SER A 1 165 ? -0.553  10.831  12.979  1.00 20.78 ? 195 SER A CB  1 
ATOM   1232 O OG  . SER A 1 165 ? -0.560  10.888  14.393  1.00 20.59 ? 195 SER A OG  1 
ATOM   1233 N N   . ASN A 1 166 ? 2.819   10.267  13.777  1.00 21.44 ? 196 ASN A N   1 
ATOM   1234 C CA  . ASN A 1 166 ? 3.987   10.895  14.393  1.00 22.55 ? 196 ASN A CA  1 
ATOM   1235 C C   . ASN A 1 166 ? 5.057   11.184  13.351  1.00 22.08 ? 196 ASN A C   1 
ATOM   1236 O O   . ASN A 1 166 ? 5.389   10.324  12.537  1.00 23.35 ? 196 ASN A O   1 
ATOM   1237 C CB  . ASN A 1 166 ? 4.609   9.996   15.469  1.00 24.27 ? 196 ASN A CB  1 
ATOM   1238 C CG  . ASN A 1 166 ? 3.896   10.091  16.802  1.00 28.53 ? 196 ASN A CG  1 
ATOM   1239 O OD1 . ASN A 1 166 ? 3.394   11.151  17.183  1.00 30.82 ? 196 ASN A OD1 1 
ATOM   1240 N ND2 . ASN A 1 166 ? 3.869   8.983   17.533  1.00 30.85 ? 196 ASN A ND2 1 
ATOM   1241 N N   . PHE A 1 167 ? 5.604   12.391  13.382  1.00 19.78 ? 197 PHE A N   1 
ATOM   1242 C CA  . PHE A 1 167 ? 6.658   12.751  12.448  1.00 17.88 ? 197 PHE A CA  1 
ATOM   1243 C C   . PHE A 1 167 ? 7.969   12.924  13.198  1.00 17.32 ? 197 PHE A C   1 
ATOM   1244 O O   . PHE A 1 167 ? 8.034   13.647  14.191  1.00 18.75 ? 197 PHE A O   1 
ATOM   1245 C CB  . PHE A 1 167 ? 6.319   14.041  11.709  1.00 17.14 ? 197 PHE A CB  1 
ATOM   1246 C CG  . PHE A 1 167 ? 7.413   14.512  10.805  1.00 17.56 ? 197 PHE A CG  1 
ATOM   1247 C CD1 . PHE A 1 167 ? 8.329   15.463  11.237  1.00 17.47 ? 197 PHE A CD1 1 
ATOM   1248 C CD2 . PHE A 1 167 ? 7.563   13.962  9.538   1.00 16.63 ? 197 PHE A CD2 1 
ATOM   1249 C CE1 . PHE A 1 167 ? 9.380   15.858  10.419  1.00 19.29 ? 197 PHE A CE1 1 
ATOM   1250 C CE2 . PHE A 1 167 ? 8.606   14.346  8.716   1.00 17.94 ? 197 PHE A CE2 1 
ATOM   1251 C CZ  . PHE A 1 167 ? 9.521   15.298  9.154   1.00 20.08 ? 197 PHE A CZ  1 
ATOM   1252 N N   . PRO A 1 168 ? 9.045   12.286  12.710  1.00 16.68 ? 198 PRO A N   1 
ATOM   1253 C CA  . PRO A 1 168 ? 9.062   11.440  11.514  1.00 15.11 ? 198 PRO A CA  1 
ATOM   1254 C C   . PRO A 1 168 ? 8.731   9.978   11.791  1.00 16.68 ? 198 PRO A C   1 
ATOM   1255 O O   . PRO A 1 168 ? 8.638   9.550   12.942  1.00 16.59 ? 198 PRO A O   1 
ATOM   1256 C CB  . PRO A 1 168 ? 10.491  11.602  11.019  1.00 17.20 ? 198 PRO A CB  1 
ATOM   1257 C CG  . PRO A 1 168 ? 11.247  11.579  12.314  1.00 16.30 ? 198 PRO A CG  1 
ATOM   1258 C CD  . PRO A 1 168 ? 10.416  12.491  13.218  1.00 15.85 ? 198 PRO A CD  1 
ATOM   1259 N N   . LEU A 1 169 ? 8.547   9.221   10.717  1.00 16.42 ? 199 LEU A N   1 
ATOM   1260 C CA  . LEU A 1 169 ? 8.258   7.802   10.812  1.00 17.19 ? 199 LEU A CA  1 
ATOM   1261 C C   . LEU A 1 169 ? 9.591   7.184   11.223  1.00 17.03 ? 199 LEU A C   1 
ATOM   1262 O O   . LEU A 1 169 ? 10.639  7.626   10.757  1.00 17.20 ? 199 LEU A O   1 
ATOM   1263 C CB  . LEU A 1 169 ? 7.830   7.282   9.435   1.00 16.26 ? 199 LEU A CB  1 
ATOM   1264 C CG  . LEU A 1 169 ? 6.485   6.577   9.241   1.00 18.79 ? 199 LEU A CG  1 
ATOM   1265 C CD1 . LEU A 1 169 ? 5.355   7.248   10.014  1.00 17.08 ? 199 LEU A CD1 1 
ATOM   1266 C CD2 . LEU A 1 169 ? 6.192   6.570   7.763   1.00 16.96 ? 199 LEU A CD2 1 
ATOM   1267 N N   . THR A 1 170 ? 9.561   6.184   12.101  1.00 16.62 ? 200 THR A N   1 
ATOM   1268 C CA  . THR A 1 170 ? 10.794  5.543   12.542  1.00 16.98 ? 200 THR A CA  1 
ATOM   1269 C C   . THR A 1 170 ? 11.281  4.607   11.451  1.00 17.12 ? 200 THR A C   1 
ATOM   1270 O O   . THR A 1 170 ? 10.571  4.348   10.489  1.00 16.32 ? 200 THR A O   1 
ATOM   1271 C CB  . THR A 1 170 ? 10.593  4.701   13.817  1.00 17.10 ? 200 THR A CB  1 
ATOM   1272 O OG1 . THR A 1 170 ? 9.751   3.585   13.516  1.00 17.92 ? 200 THR A OG1 1 
ATOM   1273 C CG2 . THR A 1 170 ? 9.960   5.538   14.924  1.00 19.43 ? 200 THR A CG2 1 
ATOM   1274 N N   . GLU A 1 171 ? 12.490  4.084   11.618  1.00 16.79 ? 201 GLU A N   1 
ATOM   1275 C CA  . GLU A 1 171 ? 13.055  3.174   10.635  1.00 17.98 ? 201 GLU A CA  1 
ATOM   1276 C C   . GLU A 1 171 ? 12.199  1.901   10.555  1.00 17.83 ? 201 GLU A C   1 
ATOM   1277 O O   . GLU A 1 171 ? 11.948  1.378   9.463   1.00 17.89 ? 201 GLU A O   1 
ATOM   1278 C CB  . GLU A 1 171 ? 14.497  2.847   11.021  1.00 20.71 ? 201 GLU A CB  1 
ATOM   1279 C CG  . GLU A 1 171 ? 15.415  2.578   9.849   1.00 28.69 ? 201 GLU A CG  1 
ATOM   1280 C CD  . GLU A 1 171 ? 15.568  3.774   8.915   1.00 29.63 ? 201 GLU A CD  1 
ATOM   1281 O OE1 . GLU A 1 171 ? 16.335  3.645   7.940   1.00 34.26 ? 201 GLU A OE1 1 
ATOM   1282 O OE2 . GLU A 1 171 ? 14.934  4.831   9.143   1.00 29.39 ? 201 GLU A OE2 1 
ATOM   1283 N N   . ASP A 1 172 ? 11.746  1.414   11.710  1.00 16.07 ? 202 ASP A N   1 
ATOM   1284 C CA  . ASP A 1 172 ? 10.906  0.214   11.770  1.00 15.49 ? 202 ASP A CA  1 
ATOM   1285 C C   . ASP A 1 172 ? 9.555   0.489   11.100  1.00 14.79 ? 202 ASP A C   1 
ATOM   1286 O O   . ASP A 1 172 ? 9.028   -0.359  10.387  1.00 13.88 ? 202 ASP A O   1 
ATOM   1287 C CB  . ASP A 1 172 ? 10.677  -0.220  13.227  1.00 15.99 ? 202 ASP A CB  1 
ATOM   1288 C CG  . ASP A 1 172 ? 11.854  -1.010  13.812  1.00 19.85 ? 202 ASP A CG  1 
ATOM   1289 O OD1 . ASP A 1 172 ? 11.876  -1.200  15.046  1.00 22.19 ? 202 ASP A OD1 1 
ATOM   1290 O OD2 . ASP A 1 172 ? 12.746  -1.443  13.053  1.00 17.56 ? 202 ASP A OD2 1 
ATOM   1291 N N   . GLN A 1 173 ? 8.995   1.673   11.337  1.00 15.10 ? 203 GLN A N   1 
ATOM   1292 C CA  . GLN A 1 173 ? 7.719   2.045   10.732  1.00 15.20 ? 203 GLN A CA  1 
ATOM   1293 C C   . GLN A 1 173 ? 7.848   2.098   9.208   1.00 14.23 ? 203 GLN A C   1 
ATOM   1294 O O   . GLN A 1 173 ? 6.955   1.654   8.486   1.00 16.02 ? 203 GLN A O   1 
ATOM   1295 C CB  . GLN A 1 173 ? 7.253   3.409   11.248  1.00 14.69 ? 203 GLN A CB  1 
ATOM   1296 C CG  . GLN A 1 173 ? 6.579   3.392   12.613  1.00 16.44 ? 203 GLN A CG  1 
ATOM   1297 C CD  . GLN A 1 173 ? 6.169   4.790   13.057  1.00 16.31 ? 203 GLN A CD  1 
ATOM   1298 O OE1 . GLN A 1 173 ? 6.976   5.719   13.033  1.00 16.56 ? 203 GLN A OE1 1 
ATOM   1299 N NE2 . GLN A 1 173 ? 4.918   4.940   13.472  1.00 15.59 ? 203 GLN A NE2 1 
ATOM   1300 N N   . LYS A 1 174 ? 8.955   2.646   8.721   1.00 11.13 ? 204 LYS A N   1 
ATOM   1301 C CA  . LYS A 1 174 ? 9.174   2.733   7.277   1.00 12.16 ? 204 LYS A CA  1 
ATOM   1302 C C   . LYS A 1 174 ? 9.230   1.365   6.618   1.00 14.02 ? 204 LYS A C   1 
ATOM   1303 O O   . LYS A 1 174 ? 8.566   1.127   5.612   1.00 12.77 ? 204 LYS A O   1 
ATOM   1304 C CB  . LYS A 1 174 ? 10.474  3.474   6.966   1.00 11.94 ? 204 LYS A CB  1 
ATOM   1305 C CG  . LYS A 1 174 ? 10.374  4.977   7.103   1.00 13.53 ? 204 LYS A CG  1 
ATOM   1306 C CD  . LYS A 1 174 ? 11.722  5.625   6.898   1.00 14.32 ? 204 LYS A CD  1 
ATOM   1307 C CE  . LYS A 1 174 ? 11.631  7.127   7.087   1.00 15.60 ? 204 LYS A CE  1 
ATOM   1308 N NZ  . LYS A 1 174 ? 12.988  7.737   7.111   1.00 19.14 ? 204 LYS A NZ  1 
ATOM   1309 N N   . LEU A 1 175 ? 10.028  0.465   7.184   1.00 14.08 ? 205 LEU A N   1 
ATOM   1310 C CA  . LEU A 1 175 ? 10.177  -0.869  6.620   1.00 15.13 ? 205 LEU A CA  1 
ATOM   1311 C C   . LEU A 1 175 ? 8.881   -1.668  6.661   1.00 15.16 ? 205 LEU A C   1 
ATOM   1312 O O   . LEU A 1 175 ? 8.594   -2.426  5.739   1.00 14.54 ? 205 LEU A O   1 
ATOM   1313 C CB  . LEU A 1 175 ? 11.283  -1.628  7.355   1.00 18.23 ? 205 LEU A CB  1 
ATOM   1314 C CG  . LEU A 1 175 ? 11.697  -2.989  6.786   1.00 20.87 ? 205 LEU A CG  1 
ATOM   1315 C CD1 . LEU A 1 175 ? 12.126  -2.846  5.336   1.00 20.64 ? 205 LEU A CD1 1 
ATOM   1316 C CD2 . LEU A 1 175 ? 12.839  -3.548  7.620   1.00 23.61 ? 205 LEU A CD2 1 
ATOM   1317 N N   . TYR A 1 176 ? 8.100   -1.501  7.726   1.00 14.46 ? 206 TYR A N   1 
ATOM   1318 C CA  . TYR A 1 176 ? 6.835   -2.219  7.854   1.00 16.01 ? 206 TYR A CA  1 
ATOM   1319 C C   . TYR A 1 176 ? 5.821   -1.746  6.814   1.00 14.04 ? 206 TYR A C   1 
ATOM   1320 O O   . TYR A 1 176 ? 5.198   -2.555  6.131   1.00 13.05 ? 206 TYR A O   1 
ATOM   1321 C CB  . TYR A 1 176 ? 6.254   -2.042  9.263   1.00 18.09 ? 206 TYR A CB  1 
ATOM   1322 C CG  . TYR A 1 176 ? 4.830   -2.555  9.409   1.00 21.92 ? 206 TYR A CG  1 
ATOM   1323 C CD1 . TYR A 1 176 ? 3.743   -1.799  8.958   1.00 22.55 ? 206 TYR A CD1 1 
ATOM   1324 C CD2 . TYR A 1 176 ? 4.572   -3.817  9.951   1.00 24.87 ? 206 TYR A CD2 1 
ATOM   1325 C CE1 . TYR A 1 176 ? 2.436   -2.287  9.033   1.00 24.01 ? 206 TYR A CE1 1 
ATOM   1326 C CE2 . TYR A 1 176 ? 3.262   -4.319  10.033  1.00 26.57 ? 206 TYR A CE2 1 
ATOM   1327 C CZ  . TYR A 1 176 ? 2.203   -3.547  9.568   1.00 27.91 ? 206 TYR A CZ  1 
ATOM   1328 O OH  . TYR A 1 176 ? 0.915   -4.037  9.619   1.00 30.21 ? 206 TYR A OH  1 
ATOM   1329 N N   . ALA A 1 177 ? 5.650   -0.433  6.720   1.00 13.20 ? 207 ALA A N   1 
ATOM   1330 C CA  . ALA A 1 177 ? 4.715   0.163   5.771   1.00 14.00 ? 207 ALA A CA  1 
ATOM   1331 C C   . ALA A 1 177 ? 5.125   -0.152  4.329   1.00 14.29 ? 207 ALA A C   1 
ATOM   1332 O O   . ALA A 1 177 ? 4.276   -0.458  3.484   1.00 12.48 ? 207 ALA A O   1 
ATOM   1333 C CB  . ALA A 1 177 ? 4.661   1.667   5.983   1.00 13.24 ? 207 ALA A CB  1 
ATOM   1334 N N   . ALA A 1 178 ? 6.425   -0.070  4.050   1.00 12.95 ? 208 ALA A N   1 
ATOM   1335 C CA  . ALA A 1 178 ? 6.927   -0.363  2.713   1.00 13.36 ? 208 ALA A CA  1 
ATOM   1336 C C   . ALA A 1 178 ? 6.730   -1.838  2.394   1.00 13.76 ? 208 ALA A C   1 
ATOM   1337 O O   . ALA A 1 178 ? 6.291   -2.188  1.306   1.00 12.25 ? 208 ALA A O   1 
ATOM   1338 C CB  . ALA A 1 178 ? 8.403   -0.014  2.609   1.00 15.80 ? 208 ALA A CB  1 
ATOM   1339 N N   . THR A 1 179 ? 7.062   -2.702  3.349   1.00 13.73 ? 209 THR A N   1 
ATOM   1340 C CA  . THR A 1 179 ? 6.926   -4.135  3.149   1.00 13.90 ? 209 THR A CA  1 
ATOM   1341 C C   . THR A 1 179 ? 5.477   -4.565  2.873   1.00 14.46 ? 209 THR A C   1 
ATOM   1342 O O   . THR A 1 179 ? 5.247   -5.491  2.106   1.00 13.95 ? 209 THR A O   1 
ATOM   1343 C CB  . THR A 1 179 ? 7.492   -4.899  4.349   1.00 14.44 ? 209 THR A CB  1 
ATOM   1344 O OG1 . THR A 1 179 ? 8.912   -4.680  4.415   1.00 12.53 ? 209 THR A OG1 1 
ATOM   1345 C CG2 . THR A 1 179 ? 7.228   -6.397  4.205   1.00 14.76 ? 209 THR A CG2 1 
ATOM   1346 N N   . ASP A 1 180 ? 4.502   -3.892  3.481   1.00 15.04 ? 210 ASP A N   1 
ATOM   1347 C CA  . ASP A 1 180 ? 3.099   -4.238  3.238   1.00 15.64 ? 210 ASP A CA  1 
ATOM   1348 C C   . ASP A 1 180 ? 2.689   -3.953  1.791   1.00 15.35 ? 210 ASP A C   1 
ATOM   1349 O O   . ASP A 1 180 ? 1.982   -4.747  1.174   1.00 14.48 ? 210 ASP A O   1 
ATOM   1350 C CB  . ASP A 1 180 ? 2.177   -3.466  4.180   1.00 17.69 ? 210 ASP A CB  1 
ATOM   1351 C CG  . ASP A 1 180 ? 1.964   -4.175  5.503   1.00 21.86 ? 210 ASP A CG  1 
ATOM   1352 O OD1 . ASP A 1 180 ? 1.170   -3.658  6.318   1.00 22.03 ? 210 ASP A OD1 1 
ATOM   1353 O OD2 . ASP A 1 180 ? 2.584   -5.242  5.727   1.00 20.84 ? 210 ASP A OD2 1 
ATOM   1354 N N   . ALA A 1 181 ? 3.128   -2.819  1.249   1.00 15.97 ? 211 ALA A N   1 
ATOM   1355 C CA  . ALA A 1 181 ? 2.788   -2.470  -0.132  1.00 14.62 ? 211 ALA A CA  1 
ATOM   1356 C C   . ALA A 1 181 ? 3.561   -3.368  -1.093  1.00 14.03 ? 211 ALA A C   1 
ATOM   1357 O O   . ALA A 1 181 ? 3.083   -3.703  -2.180  1.00 13.59 ? 211 ALA A O   1 
ATOM   1358 C CB  . ALA A 1 181 ? 3.114   -1.003  -0.397  1.00 14.20 ? 211 ALA A CB  1 
ATOM   1359 N N   . TYR A 1 182 ? 4.765   -3.748  -0.679  1.00 12.91 ? 212 TYR A N   1 
ATOM   1360 C CA  . TYR A 1 182 ? 5.634   -4.624  -1.459  1.00 14.01 ? 212 TYR A CA  1 
ATOM   1361 C C   . TYR A 1 182 ? 4.996   -6.013  -1.576  1.00 12.93 ? 212 TYR A C   1 
ATOM   1362 O O   . TYR A 1 182 ? 4.992   -6.615  -2.646  1.00 14.39 ? 212 TYR A O   1 
ATOM   1363 C CB  . TYR A 1 182 ? 6.998   -4.707  -0.772  1.00 13.32 ? 212 TYR A CB  1 
ATOM   1364 C CG  . TYR A 1 182 ? 7.966   -5.753  -1.303  1.00 16.41 ? 212 TYR A CG  1 
ATOM   1365 C CD1 . TYR A 1 182 ? 8.477   -5.685  -2.601  1.00 16.60 ? 212 TYR A CD1 1 
ATOM   1366 C CD2 . TYR A 1 182 ? 8.417   -6.780  -0.472  1.00 15.91 ? 212 TYR A CD2 1 
ATOM   1367 C CE1 . TYR A 1 182 ? 9.429   -6.625  -3.054  1.00 18.56 ? 212 TYR A CE1 1 
ATOM   1368 C CE2 . TYR A 1 182 ? 9.355   -7.712  -0.905  1.00 16.88 ? 212 TYR A CE2 1 
ATOM   1369 C CZ  . TYR A 1 182 ? 9.860   -7.631  -2.189  1.00 18.48 ? 212 TYR A CZ  1 
ATOM   1370 O OH  . TYR A 1 182 ? 10.804  -8.547  -2.580  1.00 16.08 ? 212 TYR A OH  1 
ATOM   1371 N N   . ALA A 1 183 ? 4.455   -6.517  -0.472  1.00 12.27 ? 213 ALA A N   1 
ATOM   1372 C CA  . ALA A 1 183 ? 3.805   -7.824  -0.479  1.00 13.00 ? 213 ALA A CA  1 
ATOM   1373 C C   . ALA A 1 183 ? 2.670   -7.788  -1.503  1.00 12.02 ? 213 ALA A C   1 
ATOM   1374 O O   . ALA A 1 183 ? 2.479   -8.734  -2.261  1.00 13.41 ? 213 ALA A O   1 
ATOM   1375 C CB  . ALA A 1 183 ? 3.256   -8.156  0.924   1.00 13.43 ? 213 ALA A CB  1 
ATOM   1376 N N   . GLY A 1 184 ? 1.928   -6.682  -1.534  1.00 11.58 ? 214 GLY A N   1 
ATOM   1377 C CA  . GLY A 1 184 ? 0.837   -6.559  -2.489  1.00 12.24 ? 214 GLY A CA  1 
ATOM   1378 C C   . GLY A 1 184 ? 1.334   -6.693  -3.919  1.00 13.09 ? 214 GLY A C   1 
ATOM   1379 O O   . GLY A 1 184 ? 0.724   -7.368  -4.748  1.00 12.63 ? 214 GLY A O   1 
ATOM   1380 N N   . LEU A 1 185 ? 2.455   -6.041  -4.210  1.00 13.97 ? 215 LEU A N   1 
ATOM   1381 C CA  . LEU A 1 185 ? 3.043   -6.089  -5.543  1.00 14.59 ? 215 LEU A CA  1 
ATOM   1382 C C   . LEU A 1 185 ? 3.517   -7.502  -5.906  1.00 15.43 ? 215 LEU A C   1 
ATOM   1383 O O   . LEU A 1 185 ? 3.230   -7.994  -6.993  1.00 15.93 ? 215 LEU A O   1 
ATOM   1384 C CB  . LEU A 1 185 ? 4.221   -5.107  -5.633  1.00 13.93 ? 215 LEU A CB  1 
ATOM   1385 C CG  . LEU A 1 185 ? 5.081   -5.157  -6.906  1.00 15.09 ? 215 LEU A CG  1 
ATOM   1386 C CD1 . LEU A 1 185 ? 4.269   -4.669  -8.111  1.00 14.24 ? 215 LEU A CD1 1 
ATOM   1387 C CD2 . LEU A 1 185 ? 6.322   -4.291  -6.715  1.00 12.58 ? 215 LEU A CD2 1 
ATOM   1388 N N   . ILE A 1 186 ? 4.238   -8.146  -4.991  1.00 15.61 ? 216 ILE A N   1 
ATOM   1389 C CA  . ILE A 1 186 ? 4.765   -9.493  -5.225  1.00 16.69 ? 216 ILE A CA  1 
ATOM   1390 C C   . ILE A 1 186 ? 3.675   -10.553 -5.325  1.00 15.14 ? 216 ILE A C   1 
ATOM   1391 O O   . ILE A 1 186 ? 3.786   -11.493 -6.110  1.00 13.18 ? 216 ILE A O   1 
ATOM   1392 C CB  . ILE A 1 186 ? 5.740   -9.915  -4.104  1.00 18.12 ? 216 ILE A CB  1 
ATOM   1393 C CG1 . ILE A 1 186 ? 6.869   -8.891  -3.997  1.00 22.00 ? 216 ILE A CG1 1 
ATOM   1394 C CG2 . ILE A 1 186 ? 6.317   -11.300 -4.399  1.00 21.97 ? 216 ILE A CG2 1 
ATOM   1395 C CD1 . ILE A 1 186 ? 7.771   -8.676  -5.247  1.00 24.97 ? 216 ILE A CD1 1 
ATOM   1396 N N   . ILE A 1 187 ? 2.630   -10.409 -4.516  1.00 14.26 ? 217 ILE A N   1 
ATOM   1397 C CA  . ILE A 1 187 ? 1.527   -11.356 -4.538  1.00 12.95 ? 217 ILE A CA  1 
ATOM   1398 C C   . ILE A 1 187 ? 0.786   -11.216 -5.863  1.00 13.61 ? 217 ILE A C   1 
ATOM   1399 O O   . ILE A 1 187 ? 0.412   -12.211 -6.493  1.00 14.45 ? 217 ILE A O   1 
ATOM   1400 C CB  . ILE A 1 187 ? 0.540   -11.093 -3.377  1.00 13.75 ? 217 ILE A CB  1 
ATOM   1401 C CG1 . ILE A 1 187 ? 1.210   -11.422 -2.041  1.00 16.02 ? 217 ILE A CG1 1 
ATOM   1402 C CG2 . ILE A 1 187 ? -0.731  -11.915 -3.575  1.00 14.02 ? 217 ILE A CG2 1 
ATOM   1403 C CD1 . ILE A 1 187 ? 0.480   -10.893 -0.809  1.00 24.97 ? 217 ILE A CD1 1 
ATOM   1404 N N   . TYR A 1 188 ? 0.584   -9.974  -6.287  1.00 13.43 ? 218 TYR A N   1 
ATOM   1405 C CA  . TYR A 1 188 ? -0.114  -9.713  -7.539  1.00 14.88 ? 218 TYR A CA  1 
ATOM   1406 C C   . TYR A 1 188 ? 0.603   -10.364 -8.713  1.00 15.52 ? 218 TYR A C   1 
ATOM   1407 O O   . TYR A 1 188 ? -0.027  -10.995 -9.566  1.00 13.95 ? 218 TYR A O   1 
ATOM   1408 C CB  . TYR A 1 188 ? -0.233  -8.208  -7.783  1.00 15.94 ? 218 TYR A CB  1 
ATOM   1409 C CG  . TYR A 1 188 ? -0.815  -7.854  -9.137  1.00 17.49 ? 218 TYR A CG  1 
ATOM   1410 C CD1 . TYR A 1 188 ? -0.008  -7.793  -10.273 1.00 19.99 ? 218 TYR A CD1 1 
ATOM   1411 C CD2 . TYR A 1 188 ? -2.172  -7.573  -9.280  1.00 20.03 ? 218 TYR A CD2 1 
ATOM   1412 C CE1 . TYR A 1 188 ? -0.543  -7.453  -11.520 1.00 22.51 ? 218 TYR A CE1 1 
ATOM   1413 C CE2 . TYR A 1 188 ? -2.713  -7.236  -10.516 1.00 21.03 ? 218 TYR A CE2 1 
ATOM   1414 C CZ  . TYR A 1 188 ? -1.895  -7.173  -11.630 1.00 23.52 ? 218 TYR A CZ  1 
ATOM   1415 O OH  . TYR A 1 188 ? -2.430  -6.810  -12.846 1.00 26.82 ? 218 TYR A OH  1 
ATOM   1416 N N   . GLN A 1 189 ? 1.920   -10.206 -8.757  1.00 14.84 ? 219 GLN A N   1 
ATOM   1417 C CA  . GLN A 1 189 ? 2.706   -10.776 -9.844  1.00 14.72 ? 219 GLN A CA  1 
ATOM   1418 C C   . GLN A 1 189 ? 2.656   -12.302 -9.794  1.00 15.47 ? 219 GLN A C   1 
ATOM   1419 O O   . GLN A 1 189 ? 2.502   -12.955 -10.818 1.00 16.96 ? 219 GLN A O   1 
ATOM   1420 C CB  . GLN A 1 189 ? 4.161   -10.287 -9.759  1.00 14.78 ? 219 GLN A CB  1 
ATOM   1421 C CG  . GLN A 1 189 ? 4.343   -8.776  -9.939  1.00 13.71 ? 219 GLN A CG  1 
ATOM   1422 C CD  . GLN A 1 189 ? 3.949   -8.293  -11.327 1.00 16.86 ? 219 GLN A CD  1 
ATOM   1423 O OE1 . GLN A 1 189 ? 4.263   -8.934  -12.330 1.00 18.88 ? 219 GLN A OE1 1 
ATOM   1424 N NE2 . GLN A 1 189 ? 3.274   -7.151  -11.392 1.00 16.12 ? 219 GLN A NE2 1 
ATOM   1425 N N   . LYS A 1 190 ? 2.772   -12.863 -8.595  1.00 16.85 ? 220 LYS A N   1 
ATOM   1426 C CA  . LYS A 1 190 ? 2.749   -14.316 -8.409  1.00 17.97 ? 220 LYS A CA  1 
ATOM   1427 C C   . LYS A 1 190 ? 1.473   -14.964 -8.947  1.00 17.97 ? 220 LYS A C   1 
ATOM   1428 O O   . LYS A 1 190 ? 1.523   -15.884 -9.767  1.00 15.73 ? 220 LYS A O   1 
ATOM   1429 C CB  . LYS A 1 190 ? 2.886   -14.646 -6.924  1.00 19.64 ? 220 LYS A CB  1 
ATOM   1430 C CG  . LYS A 1 190 ? 3.020   -16.126 -6.622  1.00 24.61 ? 220 LYS A CG  1 
ATOM   1431 C CD  . LYS A 1 190 ? 4.414   -16.628 -6.950  1.00 28.98 ? 220 LYS A CD  1 
ATOM   1432 C CE  . LYS A 1 190 ? 4.556   -18.103 -6.618  1.00 32.27 ? 220 LYS A CE  1 
ATOM   1433 N NZ  . LYS A 1 190 ? 5.955   -18.577 -6.831  1.00 35.71 ? 220 LYS A NZ  1 
ATOM   1434 N N   . LEU A 1 191 ? 0.336   -14.476 -8.468  1.00 16.80 ? 221 LEU A N   1 
ATOM   1435 C CA  . LEU A 1 191 ? -0.972  -14.972 -8.868  1.00 18.50 ? 221 LEU A CA  1 
ATOM   1436 C C   . LEU A 1 191 ? -1.295  -14.657 -10.329 1.00 20.13 ? 221 LEU A C   1 
ATOM   1437 O O   . LEU A 1 191 ? -1.957  -15.440 -11.009 1.00 21.05 ? 221 LEU A O   1 
ATOM   1438 C CB  . LEU A 1 191 ? -2.040  -14.361 -7.962  1.00 18.32 ? 221 LEU A CB  1 
ATOM   1439 C CG  . LEU A 1 191 ? -2.600  -15.113 -6.746  1.00 21.29 ? 221 LEU A CG  1 
ATOM   1440 C CD1 . LEU A 1 191 ? -1.616  -16.113 -6.169  1.00 20.38 ? 221 LEU A CD1 1 
ATOM   1441 C CD2 . LEU A 1 191 ? -3.004  -14.079 -5.716  1.00 16.60 ? 221 LEU A CD2 1 
ATOM   1442 N N   . GLY A 1 192 ? -0.835  -13.505 -10.805 1.00 21.23 ? 222 GLY A N   1 
ATOM   1443 C CA  . GLY A 1 192 ? -1.099  -13.121 -12.179 1.00 22.66 ? 222 GLY A CA  1 
ATOM   1444 C C   . GLY A 1 192 ? -0.294  -13.874 -13.231 1.00 24.01 ? 222 GLY A C   1 
ATOM   1445 O O   . GLY A 1 192 ? -0.645  -13.850 -14.410 1.00 22.43 ? 222 GLY A O   1 
ATOM   1446 N N   . ASN A 1 193 ? 0.775   -14.547 -12.815 1.00 24.05 ? 223 ASN A N   1 
ATOM   1447 C CA  . ASN A 1 193 ? 1.622   -15.286 -13.751 1.00 24.85 ? 223 ASN A CA  1 
ATOM   1448 C C   . ASN A 1 193 ? 1.766   -16.768 -13.409 1.00 28.29 ? 223 ASN A C   1 
ATOM   1449 O O   . ASN A 1 193 ? 2.691   -17.429 -13.877 1.00 27.22 ? 223 ASN A O   1 
ATOM   1450 C CB  . ASN A 1 193 ? 3.013   -14.649 -13.800 1.00 23.46 ? 223 ASN A CB  1 
ATOM   1451 C CG  . ASN A 1 193 ? 2.999   -13.265 -14.410 1.00 22.02 ? 223 ASN A CG  1 
ATOM   1452 O OD1 . ASN A 1 193 ? 2.811   -13.109 -15.616 1.00 20.43 ? 223 ASN A OD1 1 
ATOM   1453 N ND2 . ASN A 1 193 ? 3.188   -12.250 -13.576 1.00 21.07 ? 223 ASN A ND2 1 
ATOM   1454 N N   . LEU A 1 194 ? 0.848   -17.289 -12.603 1.00 30.42 ? 224 LEU A N   1 
ATOM   1455 C CA  . LEU A 1 194 ? 0.902   -18.689 -12.204 1.00 33.92 ? 224 LEU A CA  1 
ATOM   1456 C C   . LEU A 1 194 ? 0.834   -19.673 -13.367 1.00 35.81 ? 224 LEU A C   1 
ATOM   1457 O O   . LEU A 1 194 ? 0.301   -19.365 -14.432 1.00 36.67 ? 224 LEU A O   1 
ATOM   1458 C CB  . LEU A 1 194 ? -0.226  -19.004 -11.221 1.00 33.81 ? 224 LEU A CB  1 
ATOM   1459 C CG  . LEU A 1 194 ? -0.044  -18.507 -9.790  1.00 35.36 ? 224 LEU A CG  1 
ATOM   1460 C CD1 . LEU A 1 194 ? -1.203  -18.999 -8.936  1.00 34.90 ? 224 LEU A CD1 1 
ATOM   1461 C CD2 . LEU A 1 194 ? 1.277   -19.016 -9.235  1.00 34.25 ? 224 LEU A CD2 1 
ATOM   1462 N N   . GLY A 1 195 ? 1.385   -20.862 -13.140 1.00 37.28 ? 225 GLY A N   1 
ATOM   1463 C CA  . GLY A 1 195 ? 1.379   -21.902 -14.153 1.00 40.57 ? 225 GLY A CA  1 
ATOM   1464 C C   . GLY A 1 195 ? 0.900   -23.218 -13.566 1.00 42.55 ? 225 GLY A C   1 
ATOM   1465 O O   . GLY A 1 195 ? -0.095  -23.774 -14.078 1.00 24.97 ? 225 GLY A O   1 
HETATM 1466 S S   . SO4 B 2 .   ? -2.923  -7.969  7.872   1.00 58.47 ? 501 SO4 A S   1 
HETATM 1467 O O1  . SO4 B 2 .   ? -3.214  -8.040  9.322   1.00 57.08 ? 501 SO4 A O1  1 
HETATM 1468 O O2  . SO4 B 2 .   ? -1.823  -8.902  7.542   1.00 55.24 ? 501 SO4 A O2  1 
HETATM 1469 O O3  . SO4 B 2 .   ? -2.529  -6.586  7.529   1.00 56.32 ? 501 SO4 A O3  1 
HETATM 1470 O O4  . SO4 B 2 .   ? -4.137  -8.352  7.108   1.00 56.71 ? 501 SO4 A O4  1 
HETATM 1471 O O   . HOH C 3 .   ? 1.625   22.518  -0.409  1.00 31.49 ? 502 HOH A O   1 
HETATM 1472 O O   . HOH C 3 .   ? 7.312   -19.916 12.028  1.00 54.06 ? 503 HOH A O   1 
HETATM 1473 O O   . HOH C 3 .   ? -11.573 -0.787  -8.846  1.00 25.16 ? 504 HOH A O   1 
HETATM 1474 O O   . HOH C 3 .   ? -0.430  12.060  -11.210 1.00 37.38 ? 505 HOH A O   1 
HETATM 1475 O O   . HOH C 3 .   ? 0.351   19.686  -4.104  1.00 17.64 ? 506 HOH A O   1 
HETATM 1476 O O   . HOH C 3 .   ? 2.417   -12.389 13.420  1.00 41.33 ? 507 HOH A O   1 
HETATM 1477 O O   . HOH C 3 .   ? 3.781   4.958   18.483  1.00 41.73 ? 508 HOH A O   1 
HETATM 1478 O O   . HOH C 3 .   ? -12.943 -21.226 -6.113  1.00 62.13 ? 509 HOH A O   1 
HETATM 1479 O O   . HOH C 3 .   ? -8.573  7.563   -15.507 1.00 25.41 ? 510 HOH A O   1 
HETATM 1480 O O   . HOH C 3 .   ? 9.446   23.372  4.736   1.00 47.17 ? 511 HOH A O   1 
HETATM 1481 O O   . HOH C 3 .   ? -2.997  -5.521  -16.278 1.00 29.47 ? 512 HOH A O   1 
HETATM 1482 O O   . HOH C 3 .   ? -10.531 -6.734  -7.186  1.00 20.55 ? 513 HOH A O   1 
HETATM 1483 O O   . HOH C 3 .   ? -1.193  -15.842 9.922   1.00 44.11 ? 514 HOH A O   1 
HETATM 1484 O O   . HOH C 3 .   ? 11.603  18.580  7.649   1.00 23.19 ? 515 HOH A O   1 
HETATM 1485 O O   . HOH C 3 .   ? 16.107  -4.452  -5.071  1.00 34.86 ? 516 HOH A O   1 
HETATM 1486 O O   . HOH C 3 .   ? -11.183 -23.058 0.730   1.00 36.23 ? 517 HOH A O   1 
HETATM 1487 O O   . HOH C 3 .   ? 9.051   13.176  -13.620 1.00 43.83 ? 518 HOH A O   1 
HETATM 1488 O O   . HOH C 3 .   ? -14.369 -18.071 7.543   1.00 39.04 ? 519 HOH A O   1 
HETATM 1489 O O   . HOH C 3 .   ? 1.280   15.593  12.000  1.00 32.44 ? 520 HOH A O   1 
HETATM 1490 O O   . HOH C 3 .   ? 13.755  -4.394  -8.991  1.00 35.79 ? 521 HOH A O   1 
HETATM 1491 O O   . HOH C 3 .   ? 11.008  12.821  -0.780  1.00 20.07 ? 522 HOH A O   1 
HETATM 1492 O O   . HOH C 3 .   ? 7.313   14.931  -11.919 1.00 31.78 ? 523 HOH A O   1 
HETATM 1493 O O   . HOH C 3 .   ? 15.887  3.088   1.541   1.00 32.28 ? 524 HOH A O   1 
HETATM 1494 O O   . HOH C 3 .   ? 12.345  -10.496 1.690   1.00 24.60 ? 525 HOH A O   1 
HETATM 1495 O O   . HOH C 3 .   ? -12.141 -3.950  2.622   1.00 23.18 ? 526 HOH A O   1 
HETATM 1496 O O   . HOH C 3 .   ? 13.615  1.279   7.275   1.00 27.23 ? 527 HOH A O   1 
HETATM 1497 O O   . HOH C 3 .   ? -4.107  -4.275  11.817  1.00 50.28 ? 528 HOH A O   1 
HETATM 1498 O O   . HOH C 3 .   ? 4.126   0.603   -19.174 1.00 19.03 ? 529 HOH A O   1 
HETATM 1499 O O   . HOH C 3 .   ? -2.896  -3.960  1.162   1.00 27.43 ? 530 HOH A O   1 
HETATM 1500 O O   . HOH C 3 .   ? 12.204  13.836  -3.316  1.00 41.05 ? 531 HOH A O   1 
HETATM 1501 O O   . HOH C 3 .   ? -3.917  10.594  10.870  1.00 21.33 ? 532 HOH A O   1 
HETATM 1502 O O   . HOH C 3 .   ? 14.790  20.670  -4.900  1.00 56.69 ? 533 HOH A O   1 
HETATM 1503 O O   . HOH C 3 .   ? 3.010   -5.609  -13.799 1.00 37.47 ? 534 HOH A O   1 
HETATM 1504 O O   . HOH C 3 .   ? -5.842  -7.682  -12.186 1.00 29.64 ? 535 HOH A O   1 
HETATM 1505 O O   . HOH C 3 .   ? -0.956  -2.310  7.153   1.00 45.01 ? 536 HOH A O   1 
HETATM 1506 O O   . HOH C 3 .   ? -13.369 -14.269 -3.202  1.00 20.99 ? 537 HOH A O   1 
HETATM 1507 O O   . HOH C 3 .   ? 13.389  6.198   3.624   1.00 38.62 ? 538 HOH A O   1 
HETATM 1508 O O   . HOH C 3 .   ? 2.240   13.429  10.645  1.00 21.02 ? 539 HOH A O   1 
HETATM 1509 O O   . HOH C 3 .   ? 4.914   -20.399 -9.998  1.00 43.74 ? 540 HOH A O   1 
HETATM 1510 O O   . HOH C 3 .   ? -4.976  -0.376  5.215   1.00 27.75 ? 541 HOH A O   1 
HETATM 1511 O O   . HOH C 3 .   ? 14.651  2.242   -9.441  1.00 38.75 ? 542 HOH A O   1 
HETATM 1512 O O   . HOH C 3 .   ? 4.430   21.396  -0.090  1.00 25.76 ? 543 HOH A O   1 
HETATM 1513 O O   . HOH C 3 .   ? -5.631  -21.167 -11.743 1.00 44.57 ? 544 HOH A O   1 
HETATM 1514 O O   . HOH C 3 .   ? 2.929   -9.481  -14.517 1.00 25.66 ? 545 HOH A O   1 
HETATM 1515 O O   . HOH C 3 .   ? 11.789  1.013   -9.802  1.00 33.88 ? 546 HOH A O   1 
HETATM 1516 O O   . HOH C 3 .   ? -11.409 6.289   -2.824  1.00 30.33 ? 547 HOH A O   1 
HETATM 1517 O O   . HOH C 3 .   ? 8.667   9.533   15.546  1.00 26.00 ? 548 HOH A O   1 
HETATM 1518 O O   . HOH C 3 .   ? 14.368  -10.826 9.193   1.00 59.15 ? 549 HOH A O   1 
HETATM 1519 O O   . HOH C 3 .   ? -13.657 -5.792  -2.874  1.00 39.50 ? 550 HOH A O   1 
HETATM 1520 O O   . HOH C 3 .   ? -12.150 1.839   -10.628 1.00 50.70 ? 551 HOH A O   1 
HETATM 1521 O O   . HOH C 3 .   ? 5.025   -5.409  6.342   1.00 16.59 ? 552 HOH A O   1 
HETATM 1522 O O   . HOH C 3 .   ? -15.045 3.643   -11.459 1.00 41.32 ? 553 HOH A O   1 
HETATM 1523 O O   . HOH C 3 .   ? 4.799   17.262  10.133  1.00 22.01 ? 554 HOH A O   1 
HETATM 1524 O O   . HOH C 3 .   ? 9.530   -3.030  10.639  1.00 30.77 ? 555 HOH A O   1 
HETATM 1525 O O   . HOH C 3 .   ? 5.117   16.946  -14.004 1.00 48.52 ? 556 HOH A O   1 
HETATM 1526 O O   . HOH C 3 .   ? 8.141   19.653  -1.111  1.00 40.54 ? 557 HOH A O   1 
HETATM 1527 O O   . HOH C 3 .   ? -6.677  -0.701  -15.718 1.00 41.90 ? 558 HOH A O   1 
HETATM 1528 O O   . HOH C 3 .   ? 14.429  -1.304  10.164  1.00 35.56 ? 559 HOH A O   1 
HETATM 1529 O O   . HOH C 3 .   ? -5.419  -1.383  -17.809 1.00 50.27 ? 560 HOH A O   1 
HETATM 1530 O O   . HOH C 3 .   ? -2.504  -17.508 8.592   1.00 53.55 ? 561 HOH A O   1 
HETATM 1531 O O   . HOH C 3 .   ? -2.017  19.597  -3.528  1.00 25.46 ? 562 HOH A O   1 
HETATM 1532 O O   . HOH C 3 .   ? 16.939  -4.056  -9.076  1.00 55.55 ? 563 HOH A O   1 
HETATM 1533 O O   . HOH C 3 .   ? 17.179  0.363   -9.161  1.00 50.54 ? 564 HOH A O   1 
HETATM 1534 O O   . HOH C 3 .   ? 13.837  -13.850 7.899   1.00 52.46 ? 565 HOH A O   1 
HETATM 1535 O O   . HOH C 3 .   ? 3.164   1.280   19.536  1.00 33.24 ? 566 HOH A O   1 
HETATM 1536 O O   . HOH C 3 .   ? -13.692 1.793   -8.549  1.00 58.32 ? 567 HOH A O   1 
HETATM 1537 O O   . HOH C 3 .   ? 8.162   -8.836  7.677   1.00 33.36 ? 568 HOH A O   1 
HETATM 1538 O O   . HOH C 3 .   ? 19.259  3.856   8.140   1.00 50.06 ? 569 HOH A O   1 
HETATM 1539 O O   . HOH C 3 .   ? 5.161   -2.028  -11.380 1.00 34.35 ? 570 HOH A O   1 
HETATM 1540 O O   . HOH C 3 .   ? 3.377   -2.957  -13.791 1.00 21.43 ? 571 HOH A O   1 
HETATM 1541 O O   . HOH C 3 .   ? 0.405   -5.513  -14.780 1.00 32.89 ? 572 HOH A O   1 
HETATM 1542 O O   . HOH C 3 .   ? 5.993   23.398  2.665   1.00 54.10 ? 573 HOH A O   1 
HETATM 1543 O O   . HOH C 3 .   ? -15.451 -11.242 -2.785  1.00 36.35 ? 574 HOH A O   1 
HETATM 1544 O O   . HOH C 3 .   ? 8.497   8.414   18.417  1.00 51.38 ? 575 HOH A O   1 
HETATM 1545 O O   . HOH C 3 .   ? -6.202  -2.585  6.038   1.00 32.92 ? 576 HOH A O   1 
HETATM 1546 O O   . HOH C 3 .   ? 5.643   18.979  6.864   1.00 52.53 ? 577 HOH A O   1 
HETATM 1547 O O   . HOH C 3 .   ? -11.342 -5.170  -1.091  1.00 15.45 ? 578 HOH A O   1 
HETATM 1548 O O   . HOH C 3 .   ? 0.496   -0.387  -21.655 1.00 22.43 ? 579 HOH A O   1 
HETATM 1549 O O   . HOH C 3 .   ? -9.079  -2.039  -15.392 1.00 53.01 ? 580 HOH A O   1 
HETATM 1550 O O   . HOH C 3 .   ? -1.914  10.474  -12.581 1.00 37.83 ? 581 HOH A O   1 
HETATM 1551 O O   . HOH C 3 .   ? 1.357   22.209  2.370   1.00 23.12 ? 582 HOH A O   1 
HETATM 1552 O O   . HOH C 3 .   ? -10.308 16.085  -3.328  1.00 40.32 ? 583 HOH A O   1 
HETATM 1553 O O   . HOH C 3 .   ? 2.472   19.643  -9.591  1.00 35.14 ? 584 HOH A O   1 
HETATM 1554 O O   . HOH C 3 .   ? 15.810  2.514   -6.692  1.00 38.26 ? 585 HOH A O   1 
HETATM 1555 O O   . HOH C 3 .   ? 14.718  -7.055  -7.964  1.00 23.76 ? 586 HOH A O   1 
HETATM 1556 O O   . HOH C 3 .   ? 6.135   7.814   14.158  1.00 39.18 ? 587 HOH A O   1 
HETATM 1557 O O   . HOH C 3 .   ? 0.852   -6.087  8.112   1.00 35.99 ? 588 HOH A O   1 
HETATM 1558 O O   . HOH C 3 .   ? 8.857   -21.153 2.817   1.00 42.70 ? 589 HOH A O   1 
HETATM 1559 O O   . HOH C 3 .   ? -2.441  -10.591 -10.887 1.00 31.21 ? 590 HOH A O   1 
HETATM 1560 O O   . HOH C 3 .   ? 18.788  3.593   -1.190  1.00 54.91 ? 591 HOH A O   1 
HETATM 1561 O O   . HOH C 3 .   ? 0.674   18.277  10.551  1.00 38.10 ? 592 HOH A O   1 
HETATM 1562 O O   . HOH C 3 .   ? -0.044  6.754   -16.798 1.00 28.97 ? 593 HOH A O   1 
HETATM 1563 O O   . HOH C 3 .   ? -9.125  -3.045  -11.760 1.00 43.30 ? 594 HOH A O   1 
HETATM 1564 O O   . HOH C 3 .   ? -12.815 -21.526 4.643   1.00 45.65 ? 595 HOH A O   1 
HETATM 1565 O O   . HOH C 3 .   ? 3.774   7.507   20.183  1.00 40.76 ? 596 HOH A O   1 
HETATM 1566 O O   . HOH C 3 .   ? 13.906  8.336   4.599   1.00 27.36 ? 597 HOH A O   1 
HETATM 1567 O O   . HOH C 3 .   ? -13.307 7.229   8.039   1.00 37.26 ? 598 HOH A O   1 
HETATM 1568 O O   . HOH C 3 .   ? -0.661  4.002   18.817  1.00 37.95 ? 599 HOH A O   1 
HETATM 1569 O O   . HOH C 3 .   ? -12.667 -8.054  -6.267  1.00 32.40 ? 600 HOH A O   1 
HETATM 1570 O O   . HOH C 3 .   ? -13.592 12.323  -6.433  1.00 47.36 ? 601 HOH A O   1 
HETATM 1571 O O   . HOH C 3 .   ? 12.275  8.679   -6.792  1.00 35.76 ? 602 HOH A O   1 
HETATM 1572 O O   . HOH C 3 .   ? 7.878   22.280  1.037   1.00 44.97 ? 603 HOH A O   1 
HETATM 1573 O O   . HOH C 3 .   ? 11.170  1.412   16.035  1.00 45.25 ? 604 HOH A O   1 
HETATM 1574 O O   . HOH C 3 .   ? 13.255  7.250   9.817   1.00 43.43 ? 605 HOH A O   1 
HETATM 1575 O O   . HOH C 3 .   ? -8.563  -2.458  4.835   1.00 39.06 ? 606 HOH A O   1 
HETATM 1576 O O   . HOH C 3 .   ? -1.884  -20.303 -15.448 1.00 42.22 ? 607 HOH A O   1 
HETATM 1577 O O   . HOH C 3 .   ? 7.335   3.203   17.429  1.00 45.09 ? 608 HOH A O   1 
HETATM 1578 O O   . HOH C 3 .   ? 7.964   5.997   19.256  1.00 53.07 ? 609 HOH A O   1 
HETATM 1579 O O   . HOH C 3 .   ? 7.071   18.686  9.612   1.00 42.84 ? 610 HOH A O   1 
HETATM 1580 O O   . HOH C 3 .   ? 2.685   -14.688 -17.647 1.00 19.99 ? 611 HOH A O   1 
HETATM 1581 O O   . HOH C 3 .   ? -2.849  1.001   10.217  1.00 25.79 ? 612 HOH A O   1 
HETATM 1582 O O   . HOH C 3 .   ? -0.455  -4.549  -0.281  1.00 22.06 ? 613 HOH A O   1 
HETATM 1583 O O   . HOH C 3 .   ? 5.492   -18.225 -12.213 1.00 34.62 ? 614 HOH A O   1 
HETATM 1584 O O   . HOH C 3 .   ? 2.710   -24.773 -15.614 1.00 49.52 ? 615 HOH A O   1 
HETATM 1585 O O   . HOH C 3 .   ? 4.149   -13.395 11.216  1.00 37.51 ? 616 HOH A O   1 
HETATM 1586 O O   . HOH C 3 .   ? 8.670   2.253   15.516  1.00 28.32 ? 617 HOH A O   1 
HETATM 1587 O O   . HOH C 3 .   ? 9.060   15.548  1.585   1.00 13.98 ? 618 HOH A O   1 
HETATM 1588 O O   . HOH C 3 .   ? 3.946   -16.779 -10.828 1.00 30.08 ? 619 HOH A O   1 
HETATM 1589 O O   . HOH C 3 .   ? -6.734  -9.255  7.475   1.00 44.32 ? 620 HOH A O   1 
HETATM 1590 O O   . HOH C 3 .   ? -3.806  -5.479  9.594   1.00 45.01 ? 621 HOH A O   1 
HETATM 1591 O O   . HOH C 3 .   ? -2.422  -10.674 9.185   1.00 45.61 ? 622 HOH A O   1 
HETATM 1592 O O   . HOH C 3 .   ? -5.106  -2.441  3.044   1.00 29.31 ? 623 HOH A O   1 
HETATM 1593 O O   . HOH C 3 .   ? 0.163   -8.166  -15.209 1.00 37.18 ? 624 HOH A O   1 
HETATM 1594 O O   . HOH C 3 .   ? -10.467 18.301  6.727   1.00 38.36 ? 625 HOH A O   1 
HETATM 1595 O O   . HOH C 3 .   ? 9.397   23.543  8.705   1.00 39.06 ? 626 HOH A O   1 
# 
loop_
_pdbx_poly_seq_scheme.asym_id 
_pdbx_poly_seq_scheme.entity_id 
_pdbx_poly_seq_scheme.seq_id 
_pdbx_poly_seq_scheme.mon_id 
_pdbx_poly_seq_scheme.ndb_seq_num 
_pdbx_poly_seq_scheme.pdb_seq_num 
_pdbx_poly_seq_scheme.auth_seq_num 
_pdbx_poly_seq_scheme.pdb_mon_id 
_pdbx_poly_seq_scheme.auth_mon_id 
_pdbx_poly_seq_scheme.pdb_strand_id 
_pdbx_poly_seq_scheme.pdb_ins_code 
_pdbx_poly_seq_scheme.hetero 
A 1 1   LYS 1   31  ?   ?   ?   A . n 
A 1 2   SER 2   32  ?   ?   ?   A . n 
A 1 3   VAL 3   33  ?   ?   ?   A . n 
A 1 4   LEU 4   34  ?   ?   ?   A . n 
A 1 5   GLU 5   35  ?   ?   ?   A . n 
A 1 6   ASP 6   36  ?   ?   ?   A . n 
A 1 7   ASN 7   37  37  ASN ASN A . n 
A 1 8   LEU 8   38  38  LEU LEU A . n 
A 1 9   PRO 9   39  39  PRO PRO A . n 
A 1 10  PHE 10  40  40  PHE PHE A . n 
A 1 11  LEU 11  41  41  LEU LEU A . n 
A 1 12  GLU 12  42  42  GLU GLU A . n 
A 1 13  PHE 13  43  43  PHE PHE A . n 
A 1 14  PRO 14  44  44  PRO PRO A . n 
A 1 15  GLY 15  45  45  GLY GLY A . n 
A 1 16  SER 16  46  46  SER SER A . n 
A 1 17  ILE 17  47  47  ILE ILE A . n 
A 1 18  VAL 18  48  48  VAL VAL A . n 
A 1 19  TYR 19  49  49  TYR TYR A . n 
A 1 20  SER 20  50  50  SER SER A . n 
A 1 21  TYR 21  51  51  TYR TYR A . n 
A 1 22  GLU 22  52  52  GLU GLU A . n 
A 1 23  ALA 23  53  53  ALA ALA A . n 
A 1 24  SER 24  54  54  SER SER A . n 
A 1 25  ASP 25  55  55  ASP ASP A . n 
A 1 26  CYS 26  56  56  CYS CYS A . n 
A 1 27  SER 27  57  57  SER SER A . n 
A 1 28  PHE 28  58  58  PHE PHE A . n 
A 1 29  LEU 29  59  59  LEU LEU A . n 
A 1 30  SER 30  60  60  SER SER A . n 
A 1 31  GLU 31  61  61  GLU GLU A . n 
A 1 32  ASP 32  62  62  ASP ASP A . n 
A 1 33  ILE 33  63  63  ILE ILE A . n 
A 1 34  SER 34  64  64  SER SER A . n 
A 1 35  MET 35  65  65  MET MET A . n 
A 1 36  ARG 36  66  66  ARG ARG A . n 
A 1 37  LEU 37  67  67  LEU LEU A . n 
A 1 38  SER 38  68  68  SER SER A . n 
A 1 39  ASP 39  69  69  ASP ASP A . n 
A 1 40  GLY 40  70  70  GLY GLY A . n 
A 1 41  ASP 41  71  71  ASP ASP A . n 
A 1 42  VAL 42  72  72  VAL VAL A . n 
A 1 43  VAL 43  73  73  VAL VAL A . n 
A 1 44  GLY 44  74  74  GLY GLY A . n 
A 1 45  PHE 45  75  75  PHE PHE A . n 
A 1 46  ASP 46  76  76  ASP ASP A . n 
A 1 47  MET 47  77  77  MET MET A . n 
A 1 48  GLU 48  78  78  GLU GLU A . n 
A 1 49  TRP 49  79  79  TRP TRP A . n 
A 1 50  PRO 50  80  80  PRO PRO A . n 
A 1 51  PRO 51  81  81  PRO PRO A . n 
A 1 52  ILE 52  82  ?   ?   ?   A . n 
A 1 53  TYR 53  83  ?   ?   ?   A . n 
A 1 54  LYS 54  84  ?   ?   ?   A . n 
A 1 55  PRO 55  85  85  PRO PRO A . n 
A 1 56  GLY 56  86  86  GLY GLY A . n 
A 1 57  LYS 57  87  87  LYS LYS A . n 
A 1 58  ARG 58  88  88  ARG ARG A . n 
A 1 59  SER 59  89  89  SER SER A . n 
A 1 60  ARG 60  90  90  ARG ARG A . n 
A 1 61  VAL 61  91  91  VAL VAL A . n 
A 1 62  ALA 62  92  92  ALA ALA A . n 
A 1 63  VAL 63  93  93  VAL VAL A . n 
A 1 64  ILE 64  94  94  ILE ILE A . n 
A 1 65  GLN 65  95  95  GLN GLN A . n 
A 1 66  LEU 66  96  96  LEU LEU A . n 
A 1 67  CYS 67  97  97  CYS CYS A . n 
A 1 68  VAL 68  98  98  VAL VAL A . n 
A 1 69  SER 69  99  99  SER SER A . n 
A 1 70  GLU 70  100 100 GLU GLU A . n 
A 1 71  SER 71  101 101 SER SER A . n 
A 1 72  LYS 72  102 102 LYS LYS A . n 
A 1 73  CYS 73  103 103 CYS CYS A . n 
A 1 74  TYR 74  104 104 TYR TYR A . n 
A 1 75  LEU 75  105 105 LEU LEU A . n 
A 1 76  PHE 76  106 106 PHE PHE A . n 
A 1 77  HIS 77  107 107 HIS HIS A . n 
A 1 78  ILE 78  108 108 ILE ILE A . n 
A 1 79  SER 79  109 109 SER SER A . n 
A 1 80  SER 80  110 110 SER SER A . n 
A 1 81  MET 81  111 111 MET MET A . n 
A 1 82  SER 82  112 112 SER SER A . n 
A 1 83  VAL 83  113 113 VAL VAL A . n 
A 1 84  PHE 84  114 114 PHE PHE A . n 
A 1 85  PRO 85  115 115 PRO PRO A . n 
A 1 86  GLN 86  116 116 GLN GLN A . n 
A 1 87  GLY 87  117 117 GLY GLY A . n 
A 1 88  LEU 88  118 118 LEU LEU A . n 
A 1 89  LYS 89  119 119 LYS LYS A . n 
A 1 90  MET 90  120 120 MET MET A . n 
A 1 91  LEU 91  121 121 LEU LEU A . n 
A 1 92  LEU 92  122 122 LEU LEU A . n 
A 1 93  GLU 93  123 123 GLU GLU A . n 
A 1 94  ASN 94  124 124 ASN ASN A . n 
A 1 95  LYS 95  125 125 LYS LYS A . n 
A 1 96  SER 96  126 126 SER SER A . n 
A 1 97  ILE 97  127 127 ILE ILE A . n 
A 1 98  LYS 98  128 128 LYS LYS A . n 
A 1 99  LYS 99  129 129 LYS LYS A . n 
A 1 100 ALA 100 130 130 ALA ALA A . n 
A 1 101 GLY 101 131 131 GLY GLY A . n 
A 1 102 VAL 102 132 132 VAL VAL A . n 
A 1 103 GLY 103 133 133 GLY GLY A . n 
A 1 104 ILE 104 134 134 ILE ILE A . n 
A 1 105 GLU 105 135 135 GLU GLU A . n 
A 1 106 GLY 106 136 136 GLY GLY A . n 
A 1 107 ASP 107 137 137 ASP ASP A . n 
A 1 108 GLN 108 138 138 GLN GLN A . n 
A 1 109 TRP 109 139 139 TRP TRP A . n 
A 1 110 LYS 110 140 140 LYS LYS A . n 
A 1 111 LEU 111 141 141 LEU LEU A . n 
A 1 112 LEU 112 142 142 LEU LEU A . n 
A 1 113 ARG 113 143 143 ARG ARG A . n 
A 1 114 ASP 114 144 144 ASP ASP A . n 
A 1 115 PHE 115 145 145 PHE PHE A . n 
A 1 116 ASP 116 146 146 ASP ASP A . n 
A 1 117 VAL 117 147 147 VAL VAL A . n 
A 1 118 LYS 118 148 148 LYS LYS A . n 
A 1 119 LEU 119 149 149 LEU LEU A . n 
A 1 120 GLU 120 150 150 GLU GLU A . n 
A 1 121 SER 121 151 151 SER SER A . n 
A 1 122 PHE 122 152 152 PHE PHE A . n 
A 1 123 VAL 123 153 153 VAL VAL A . n 
A 1 124 GLU 124 154 154 GLU GLU A . n 
A 1 125 LEU 125 155 155 LEU LEU A . n 
A 1 126 THR 126 156 156 THR THR A . n 
A 1 127 ASP 127 157 157 ASP ASP A . n 
A 1 128 VAL 128 158 158 VAL VAL A . n 
A 1 129 ALA 129 159 159 ALA ALA A . n 
A 1 130 ASN 130 160 160 ASN ASN A . n 
A 1 131 GLU 131 161 161 GLU GLU A . n 
A 1 132 LYS 132 162 162 LYS LYS A . n 
A 1 133 LEU 133 163 163 LEU LEU A . n 
A 1 134 LYS 134 164 164 LYS LYS A . n 
A 1 135 CYS 135 165 165 CYS CYS A . n 
A 1 136 ALA 136 166 166 ALA ALA A . n 
A 1 137 GLU 137 167 167 GLU GLU A . n 
A 1 138 THR 138 168 168 THR THR A . n 
A 1 139 TRP 139 169 169 TRP TRP A . n 
A 1 140 SER 140 170 170 SER SER A . n 
A 1 141 LEU 141 171 171 LEU LEU A . n 
A 1 142 ASN 142 172 172 ASN ASN A . n 
A 1 143 GLY 143 173 173 GLY GLY A . n 
A 1 144 LEU 144 174 174 LEU LEU A . n 
A 1 145 VAL 145 175 175 VAL VAL A . n 
A 1 146 LYS 146 176 176 LYS LYS A . n 
A 1 147 HIS 147 177 177 HIS HIS A . n 
A 1 148 VAL 148 178 178 VAL VAL A . n 
A 1 149 LEU 149 179 179 LEU LEU A . n 
A 1 150 GLY 150 180 180 GLY GLY A . n 
A 1 151 LYS 151 181 181 LYS LYS A . n 
A 1 152 GLN 152 182 182 GLN GLN A . n 
A 1 153 LEU 153 183 183 LEU LEU A . n 
A 1 154 LEU 154 184 184 LEU LEU A . n 
A 1 155 LYS 155 185 185 LYS LYS A . n 
A 1 156 ASP 156 186 186 ASP ASP A . n 
A 1 157 LYS 157 187 187 LYS LYS A . n 
A 1 158 SER 158 188 188 SER SER A . n 
A 1 159 ILE 159 189 189 ILE ILE A . n 
A 1 160 ARG 160 190 190 ARG ARG A . n 
A 1 161 CYS 161 191 191 CYS CYS A . n 
A 1 162 SER 162 192 192 SER SER A . n 
A 1 163 ASN 163 193 193 ASN ASN A . n 
A 1 164 TRP 164 194 194 TRP TRP A . n 
A 1 165 SER 165 195 195 SER SER A . n 
A 1 166 ASN 166 196 196 ASN ASN A . n 
A 1 167 PHE 167 197 197 PHE PHE A . n 
A 1 168 PRO 168 198 198 PRO PRO A . n 
A 1 169 LEU 169 199 199 LEU LEU A . n 
A 1 170 THR 170 200 200 THR THR A . n 
A 1 171 GLU 171 201 201 GLU GLU A . n 
A 1 172 ASP 172 202 202 ASP ASP A . n 
A 1 173 GLN 173 203 203 GLN GLN A . n 
A 1 174 LYS 174 204 204 LYS LYS A . n 
A 1 175 LEU 175 205 205 LEU LEU A . n 
A 1 176 TYR 176 206 206 TYR TYR A . n 
A 1 177 ALA 177 207 207 ALA ALA A . n 
A 1 178 ALA 178 208 208 ALA ALA A . n 
A 1 179 THR 179 209 209 THR THR A . n 
A 1 180 ASP 180 210 210 ASP ASP A . n 
A 1 181 ALA 181 211 211 ALA ALA A . n 
A 1 182 TYR 182 212 212 TYR TYR A . n 
A 1 183 ALA 183 213 213 ALA ALA A . n 
A 1 184 GLY 184 214 214 GLY GLY A . n 
A 1 185 LEU 185 215 215 LEU LEU A . n 
A 1 186 ILE 186 216 216 ILE ILE A . n 
A 1 187 ILE 187 217 217 ILE ILE A . n 
A 1 188 TYR 188 218 218 TYR TYR A . n 
A 1 189 GLN 189 219 219 GLN GLN A . n 
A 1 190 LYS 190 220 220 LYS LYS A . n 
A 1 191 LEU 191 221 221 LEU LEU A . n 
A 1 192 GLY 192 222 222 GLY GLY A . n 
A 1 193 ASN 193 223 223 ASN ASN A . n 
A 1 194 LEU 194 224 224 LEU LEU A . n 
A 1 195 GLY 195 225 225 GLY GLY A . n 
A 1 196 ASP 196 226 ?   ?   ?   A . n 
A 1 197 THR 197 227 ?   ?   ?   A . n 
A 1 198 VAL 198 228 ?   ?   ?   A . n 
A 1 199 GLN 199 229 ?   ?   ?   A . n 
A 1 200 VAL 200 230 ?   ?   ?   A . n 
A 1 201 PHE 201 231 ?   ?   ?   A . n 
A 1 202 ALA 202 232 ?   ?   ?   A . n 
A 1 203 LEU 203 233 ?   ?   ?   A . n 
A 1 204 ASN 204 234 ?   ?   ?   A . n 
A 1 205 LYS 205 235 ?   ?   ?   A . n 
A 1 206 ALA 206 236 ?   ?   ?   A . n 
A 1 207 GLU 207 237 ?   ?   ?   A . n 
A 1 208 GLU 208 238 ?   ?   ?   A . n 
# 
loop_
_pdbx_nonpoly_scheme.asym_id 
_pdbx_nonpoly_scheme.entity_id 
_pdbx_nonpoly_scheme.mon_id 
_pdbx_nonpoly_scheme.ndb_seq_num 
_pdbx_nonpoly_scheme.pdb_seq_num 
_pdbx_nonpoly_scheme.auth_seq_num 
_pdbx_nonpoly_scheme.pdb_mon_id 
_pdbx_nonpoly_scheme.auth_mon_id 
_pdbx_nonpoly_scheme.pdb_strand_id 
_pdbx_nonpoly_scheme.pdb_ins_code 
B 2 SO4 1   501 1   SO4 SO4 A . 
C 3 HOH 1   502 1   HOH HOH A . 
C 3 HOH 2   503 2   HOH HOH A . 
C 3 HOH 3   504 3   HOH HOH A . 
C 3 HOH 4   505 4   HOH HOH A . 
C 3 HOH 5   506 5   HOH HOH A . 
C 3 HOH 6   507 6   HOH HOH A . 
C 3 HOH 7   508 7   HOH HOH A . 
C 3 HOH 8   509 8   HOH HOH A . 
C 3 HOH 9   510 9   HOH HOH A . 
C 3 HOH 10  511 10  HOH HOH A . 
C 3 HOH 11  512 11  HOH HOH A . 
C 3 HOH 12  513 12  HOH HOH A . 
C 3 HOH 13  514 13  HOH HOH A . 
C 3 HOH 14  515 14  HOH HOH A . 
C 3 HOH 15  516 15  HOH HOH A . 
C 3 HOH 16  517 16  HOH HOH A . 
C 3 HOH 17  518 17  HOH HOH A . 
C 3 HOH 18  519 18  HOH HOH A . 
C 3 HOH 19  520 19  HOH HOH A . 
C 3 HOH 20  521 20  HOH HOH A . 
C 3 HOH 21  522 21  HOH HOH A . 
C 3 HOH 22  523 22  HOH HOH A . 
C 3 HOH 23  524 23  HOH HOH A . 
C 3 HOH 24  525 24  HOH HOH A . 
C 3 HOH 25  526 25  HOH HOH A . 
C 3 HOH 26  527 26  HOH HOH A . 
C 3 HOH 27  528 27  HOH HOH A . 
C 3 HOH 28  529 28  HOH HOH A . 
C 3 HOH 29  530 29  HOH HOH A . 
C 3 HOH 30  531 30  HOH HOH A . 
C 3 HOH 31  532 31  HOH HOH A . 
C 3 HOH 32  533 32  HOH HOH A . 
C 3 HOH 33  534 33  HOH HOH A . 
C 3 HOH 34  535 34  HOH HOH A . 
C 3 HOH 35  536 35  HOH HOH A . 
C 3 HOH 36  537 36  HOH HOH A . 
C 3 HOH 37  538 37  HOH HOH A . 
C 3 HOH 38  539 38  HOH HOH A . 
C 3 HOH 39  540 39  HOH HOH A . 
C 3 HOH 40  541 40  HOH HOH A . 
C 3 HOH 41  542 41  HOH HOH A . 
C 3 HOH 42  543 42  HOH HOH A . 
C 3 HOH 43  544 43  HOH HOH A . 
C 3 HOH 44  545 44  HOH HOH A . 
C 3 HOH 45  546 45  HOH HOH A . 
C 3 HOH 46  547 46  HOH HOH A . 
C 3 HOH 47  548 47  HOH HOH A . 
C 3 HOH 48  549 48  HOH HOH A . 
C 3 HOH 49  550 49  HOH HOH A . 
C 3 HOH 50  551 50  HOH HOH A . 
C 3 HOH 51  552 51  HOH HOH A . 
C 3 HOH 52  553 52  HOH HOH A . 
C 3 HOH 53  554 53  HOH HOH A . 
C 3 HOH 54  555 54  HOH HOH A . 
C 3 HOH 55  556 55  HOH HOH A . 
C 3 HOH 56  557 56  HOH HOH A . 
C 3 HOH 57  558 57  HOH HOH A . 
C 3 HOH 58  559 58  HOH HOH A . 
C 3 HOH 59  560 59  HOH HOH A . 
C 3 HOH 60  561 60  HOH HOH A . 
C 3 HOH 61  562 61  HOH HOH A . 
C 3 HOH 62  563 62  HOH HOH A . 
C 3 HOH 63  564 63  HOH HOH A . 
C 3 HOH 64  565 64  HOH HOH A . 
C 3 HOH 65  566 65  HOH HOH A . 
C 3 HOH 66  567 66  HOH HOH A . 
C 3 HOH 67  568 67  HOH HOH A . 
C 3 HOH 68  569 68  HOH HOH A . 
C 3 HOH 69  570 69  HOH HOH A . 
C 3 HOH 70  571 70  HOH HOH A . 
C 3 HOH 71  572 71  HOH HOH A . 
C 3 HOH 72  573 72  HOH HOH A . 
C 3 HOH 73  574 73  HOH HOH A . 
C 3 HOH 74  575 74  HOH HOH A . 
C 3 HOH 75  576 75  HOH HOH A . 
C 3 HOH 76  577 76  HOH HOH A . 
C 3 HOH 77  578 77  HOH HOH A . 
C 3 HOH 78  579 78  HOH HOH A . 
C 3 HOH 79  580 79  HOH HOH A . 
C 3 HOH 80  581 80  HOH HOH A . 
C 3 HOH 81  582 81  HOH HOH A . 
C 3 HOH 82  583 82  HOH HOH A . 
C 3 HOH 83  584 83  HOH HOH A . 
C 3 HOH 84  585 84  HOH HOH A . 
C 3 HOH 85  586 85  HOH HOH A . 
C 3 HOH 86  587 86  HOH HOH A . 
C 3 HOH 87  588 87  HOH HOH A . 
C 3 HOH 88  589 88  HOH HOH A . 
C 3 HOH 89  590 89  HOH HOH A . 
C 3 HOH 90  591 90  HOH HOH A . 
C 3 HOH 91  592 91  HOH HOH A . 
C 3 HOH 92  593 92  HOH HOH A . 
C 3 HOH 93  594 93  HOH HOH A . 
C 3 HOH 94  595 94  HOH HOH A . 
C 3 HOH 95  596 95  HOH HOH A . 
C 3 HOH 96  597 96  HOH HOH A . 
C 3 HOH 97  598 97  HOH HOH A . 
C 3 HOH 98  599 98  HOH HOH A . 
C 3 HOH 99  600 99  HOH HOH A . 
C 3 HOH 100 601 100 HOH HOH A . 
C 3 HOH 101 602 101 HOH HOH A . 
C 3 HOH 102 603 102 HOH HOH A . 
C 3 HOH 103 604 103 HOH HOH A . 
C 3 HOH 104 605 104 HOH HOH A . 
C 3 HOH 105 606 105 HOH HOH A . 
C 3 HOH 106 607 106 HOH HOH A . 
C 3 HOH 107 608 107 HOH HOH A . 
C 3 HOH 108 609 108 HOH HOH A . 
C 3 HOH 109 610 109 HOH HOH A . 
C 3 HOH 110 611 110 HOH HOH A . 
C 3 HOH 111 612 111 HOH HOH A . 
C 3 HOH 112 613 112 HOH HOH A . 
C 3 HOH 113 614 113 HOH HOH A . 
C 3 HOH 114 615 114 HOH HOH A . 
C 3 HOH 115 616 115 HOH HOH A . 
C 3 HOH 116 617 116 HOH HOH A . 
C 3 HOH 117 618 117 HOH HOH A . 
C 3 HOH 118 619 118 HOH HOH A . 
C 3 HOH 119 620 119 HOH HOH A . 
C 3 HOH 120 621 120 HOH HOH A . 
C 3 HOH 121 622 121 HOH HOH A . 
C 3 HOH 122 623 122 HOH HOH A . 
C 3 HOH 123 624 123 HOH HOH A . 
C 3 HOH 124 625 124 HOH HOH A . 
C 3 HOH 125 626 125 HOH HOH A . 
# 
_pdbx_struct_assembly.id                   1 
_pdbx_struct_assembly.details              author_defined_assembly 
_pdbx_struct_assembly.method_details       ? 
_pdbx_struct_assembly.oligomeric_details   monomeric 
_pdbx_struct_assembly.oligomeric_count     1 
# 
_pdbx_struct_assembly_gen.assembly_id       1 
_pdbx_struct_assembly_gen.oper_expression   1 
_pdbx_struct_assembly_gen.asym_id_list      A,B,C 
# 
_pdbx_struct_oper_list.id                   1 
_pdbx_struct_oper_list.type                 'identity operation' 
_pdbx_struct_oper_list.name                 1_555 
_pdbx_struct_oper_list.symmetry_operation   x,y,z 
_pdbx_struct_oper_list.matrix[1][1]         1.0000000000 
_pdbx_struct_oper_list.matrix[1][2]         0.0000000000 
_pdbx_struct_oper_list.matrix[1][3]         0.0000000000 
_pdbx_struct_oper_list.vector[1]            0.0000000000 
_pdbx_struct_oper_list.matrix[2][1]         0.0000000000 
_pdbx_struct_oper_list.matrix[2][2]         1.0000000000 
_pdbx_struct_oper_list.matrix[2][3]         0.0000000000 
_pdbx_struct_oper_list.vector[2]            0.0000000000 
_pdbx_struct_oper_list.matrix[3][1]         0.0000000000 
_pdbx_struct_oper_list.matrix[3][2]         0.0000000000 
_pdbx_struct_oper_list.matrix[3][3]         1.0000000000 
_pdbx_struct_oper_list.vector[3]            0.0000000000 
# 
loop_
_pdbx_audit_revision_history.ordinal 
_pdbx_audit_revision_history.data_content_type 
_pdbx_audit_revision_history.major_revision 
_pdbx_audit_revision_history.minor_revision 
_pdbx_audit_revision_history.revision_date 
1 'Structure model' 1 0 2007-01-16 
2 'Structure model' 1 1 2008-04-30 
3 'Structure model' 1 2 2011-07-13 
4 'Structure model' 1 3 2023-10-25 
# 
_pdbx_audit_revision_details.ordinal             1 
_pdbx_audit_revision_details.revision_ordinal    1 
_pdbx_audit_revision_details.data_content_type   'Structure model' 
_pdbx_audit_revision_details.provider            repository 
_pdbx_audit_revision_details.type                'Initial release' 
_pdbx_audit_revision_details.description         ? 
_pdbx_audit_revision_details.details             ? 
# 
loop_
_pdbx_audit_revision_group.ordinal 
_pdbx_audit_revision_group.revision_ordinal 
_pdbx_audit_revision_group.data_content_type 
_pdbx_audit_revision_group.group 
1 2 'Structure model' 'Version format compliance' 
2 3 'Structure model' 'Version format compliance' 
3 4 'Structure model' 'Data collection'           
4 4 'Structure model' 'Database references'       
5 4 'Structure model' 'Derived calculations'      
6 4 'Structure model' 'Refinement description'    
# 
loop_
_pdbx_audit_revision_category.ordinal 
_pdbx_audit_revision_category.revision_ordinal 
_pdbx_audit_revision_category.data_content_type 
_pdbx_audit_revision_category.category 
1 4 'Structure model' chem_comp_atom                
2 4 'Structure model' chem_comp_bond                
3 4 'Structure model' database_2                    
4 4 'Structure model' pdbx_initial_refinement_model 
5 4 'Structure model' struct_site                   
# 
loop_
_pdbx_audit_revision_item.ordinal 
_pdbx_audit_revision_item.revision_ordinal 
_pdbx_audit_revision_item.data_content_type 
_pdbx_audit_revision_item.item 
1 4 'Structure model' '_database_2.pdbx_DOI'                
2 4 'Structure model' '_database_2.pdbx_database_accession' 
3 4 'Structure model' '_struct_site.pdbx_auth_asym_id'      
4 4 'Structure model' '_struct_site.pdbx_auth_comp_id'      
5 4 'Structure model' '_struct_site.pdbx_auth_seq_id'       
# 
loop_
_software.name 
_software.classification 
_software.version 
_software.citation_id 
_software.pdbx_ordinal 
CNS      refinement        1.1 ? 1 
HKL-2000 'data collection' .   ? 2 
HKL-2000 'data reduction'  .   ? 3 
HKL-2000 'data scaling'    .   ? 4 
CNS      phasing           .   ? 5 
# 
_pdbx_validate_torsion.id              1 
_pdbx_validate_torsion.PDB_model_num   1 
_pdbx_validate_torsion.auth_comp_id    LYS 
_pdbx_validate_torsion.auth_asym_id    A 
_pdbx_validate_torsion.auth_seq_id     185 
_pdbx_validate_torsion.PDB_ins_code    ? 
_pdbx_validate_torsion.label_alt_id    ? 
_pdbx_validate_torsion.phi             -140.66 
_pdbx_validate_torsion.psi             28.18 
# 
loop_
_pdbx_unobs_or_zero_occ_residues.id 
_pdbx_unobs_or_zero_occ_residues.PDB_model_num 
_pdbx_unobs_or_zero_occ_residues.polymer_flag 
_pdbx_unobs_or_zero_occ_residues.occupancy_flag 
_pdbx_unobs_or_zero_occ_residues.auth_asym_id 
_pdbx_unobs_or_zero_occ_residues.auth_comp_id 
_pdbx_unobs_or_zero_occ_residues.auth_seq_id 
_pdbx_unobs_or_zero_occ_residues.PDB_ins_code 
_pdbx_unobs_or_zero_occ_residues.label_asym_id 
_pdbx_unobs_or_zero_occ_residues.label_comp_id 
_pdbx_unobs_or_zero_occ_residues.label_seq_id 
1  1 Y 1 A LYS 31  ? A LYS 1   
2  1 Y 1 A SER 32  ? A SER 2   
3  1 Y 1 A VAL 33  ? A VAL 3   
4  1 Y 1 A LEU 34  ? A LEU 4   
5  1 Y 1 A GLU 35  ? A GLU 5   
6  1 Y 1 A ASP 36  ? A ASP 6   
7  1 Y 1 A ILE 82  ? A ILE 52  
8  1 Y 1 A TYR 83  ? A TYR 53  
9  1 Y 1 A LYS 84  ? A LYS 54  
10 1 Y 1 A ASP 226 ? A ASP 196 
11 1 Y 1 A THR 227 ? A THR 197 
12 1 Y 1 A VAL 228 ? A VAL 198 
13 1 Y 1 A GLN 229 ? A GLN 199 
14 1 Y 1 A VAL 230 ? A VAL 200 
15 1 Y 1 A PHE 231 ? A PHE 201 
16 1 Y 1 A ALA 232 ? A ALA 202 
17 1 Y 1 A LEU 233 ? A LEU 203 
18 1 Y 1 A ASN 234 ? A ASN 204 
19 1 Y 1 A LYS 235 ? A LYS 205 
20 1 Y 1 A ALA 236 ? A ALA 206 
21 1 Y 1 A GLU 237 ? A GLU 207 
22 1 Y 1 A GLU 238 ? A GLU 208 
# 
loop_
_chem_comp_atom.comp_id 
_chem_comp_atom.atom_id 
_chem_comp_atom.type_symbol 
_chem_comp_atom.pdbx_aromatic_flag 
_chem_comp_atom.pdbx_stereo_config 
_chem_comp_atom.pdbx_ordinal 
ALA N    N N N 1   
ALA CA   C N S 2   
ALA C    C N N 3   
ALA O    O N N 4   
ALA CB   C N N 5   
ALA OXT  O N N 6   
ALA H    H N N 7   
ALA H2   H N N 8   
ALA HA   H N N 9   
ALA HB1  H N N 10  
ALA HB2  H N N 11  
ALA HB3  H N N 12  
ALA HXT  H N N 13  
ARG N    N N N 14  
ARG CA   C N S 15  
ARG C    C N N 16  
ARG O    O N N 17  
ARG CB   C N N 18  
ARG CG   C N N 19  
ARG CD   C N N 20  
ARG NE   N N N 21  
ARG CZ   C N N 22  
ARG NH1  N N N 23  
ARG NH2  N N N 24  
ARG OXT  O N N 25  
ARG H    H N N 26  
ARG H2   H N N 27  
ARG HA   H N N 28  
ARG HB2  H N N 29  
ARG HB3  H N N 30  
ARG HG2  H N N 31  
ARG HG3  H N N 32  
ARG HD2  H N N 33  
ARG HD3  H N N 34  
ARG HE   H N N 35  
ARG HH11 H N N 36  
ARG HH12 H N N 37  
ARG HH21 H N N 38  
ARG HH22 H N N 39  
ARG HXT  H N N 40  
ASN N    N N N 41  
ASN CA   C N S 42  
ASN C    C N N 43  
ASN O    O N N 44  
ASN CB   C N N 45  
ASN CG   C N N 46  
ASN OD1  O N N 47  
ASN ND2  N N N 48  
ASN OXT  O N N 49  
ASN H    H N N 50  
ASN H2   H N N 51  
ASN HA   H N N 52  
ASN HB2  H N N 53  
ASN HB3  H N N 54  
ASN HD21 H N N 55  
ASN HD22 H N N 56  
ASN HXT  H N N 57  
ASP N    N N N 58  
ASP CA   C N S 59  
ASP C    C N N 60  
ASP O    O N N 61  
ASP CB   C N N 62  
ASP CG   C N N 63  
ASP OD1  O N N 64  
ASP OD2  O N N 65  
ASP OXT  O N N 66  
ASP H    H N N 67  
ASP H2   H N N 68  
ASP HA   H N N 69  
ASP HB2  H N N 70  
ASP HB3  H N N 71  
ASP HD2  H N N 72  
ASP HXT  H N N 73  
CYS N    N N N 74  
CYS CA   C N R 75  
CYS C    C N N 76  
CYS O    O N N 77  
CYS CB   C N N 78  
CYS SG   S N N 79  
CYS OXT  O N N 80  
CYS H    H N N 81  
CYS H2   H N N 82  
CYS HA   H N N 83  
CYS HB2  H N N 84  
CYS HB3  H N N 85  
CYS HG   H N N 86  
CYS HXT  H N N 87  
GLN N    N N N 88  
GLN CA   C N S 89  
GLN C    C N N 90  
GLN O    O N N 91  
GLN CB   C N N 92  
GLN CG   C N N 93  
GLN CD   C N N 94  
GLN OE1  O N N 95  
GLN NE2  N N N 96  
GLN OXT  O N N 97  
GLN H    H N N 98  
GLN H2   H N N 99  
GLN HA   H N N 100 
GLN HB2  H N N 101 
GLN HB3  H N N 102 
GLN HG2  H N N 103 
GLN HG3  H N N 104 
GLN HE21 H N N 105 
GLN HE22 H N N 106 
GLN HXT  H N N 107 
GLU N    N N N 108 
GLU CA   C N S 109 
GLU C    C N N 110 
GLU O    O N N 111 
GLU CB   C N N 112 
GLU CG   C N N 113 
GLU CD   C N N 114 
GLU OE1  O N N 115 
GLU OE2  O N N 116 
GLU OXT  O N N 117 
GLU H    H N N 118 
GLU H2   H N N 119 
GLU HA   H N N 120 
GLU HB2  H N N 121 
GLU HB3  H N N 122 
GLU HG2  H N N 123 
GLU HG3  H N N 124 
GLU HE2  H N N 125 
GLU HXT  H N N 126 
GLY N    N N N 127 
GLY CA   C N N 128 
GLY C    C N N 129 
GLY O    O N N 130 
GLY OXT  O N N 131 
GLY H    H N N 132 
GLY H2   H N N 133 
GLY HA2  H N N 134 
GLY HA3  H N N 135 
GLY HXT  H N N 136 
HIS N    N N N 137 
HIS CA   C N S 138 
HIS C    C N N 139 
HIS O    O N N 140 
HIS CB   C N N 141 
HIS CG   C Y N 142 
HIS ND1  N Y N 143 
HIS CD2  C Y N 144 
HIS CE1  C Y N 145 
HIS NE2  N Y N 146 
HIS OXT  O N N 147 
HIS H    H N N 148 
HIS H2   H N N 149 
HIS HA   H N N 150 
HIS HB2  H N N 151 
HIS HB3  H N N 152 
HIS HD1  H N N 153 
HIS HD2  H N N 154 
HIS HE1  H N N 155 
HIS HE2  H N N 156 
HIS HXT  H N N 157 
HOH O    O N N 158 
HOH H1   H N N 159 
HOH H2   H N N 160 
ILE N    N N N 161 
ILE CA   C N S 162 
ILE C    C N N 163 
ILE O    O N N 164 
ILE CB   C N S 165 
ILE CG1  C N N 166 
ILE CG2  C N N 167 
ILE CD1  C N N 168 
ILE OXT  O N N 169 
ILE H    H N N 170 
ILE H2   H N N 171 
ILE HA   H N N 172 
ILE HB   H N N 173 
ILE HG12 H N N 174 
ILE HG13 H N N 175 
ILE HG21 H N N 176 
ILE HG22 H N N 177 
ILE HG23 H N N 178 
ILE HD11 H N N 179 
ILE HD12 H N N 180 
ILE HD13 H N N 181 
ILE HXT  H N N 182 
LEU N    N N N 183 
LEU CA   C N S 184 
LEU C    C N N 185 
LEU O    O N N 186 
LEU CB   C N N 187 
LEU CG   C N N 188 
LEU CD1  C N N 189 
LEU CD2  C N N 190 
LEU OXT  O N N 191 
LEU H    H N N 192 
LEU H2   H N N 193 
LEU HA   H N N 194 
LEU HB2  H N N 195 
LEU HB3  H N N 196 
LEU HG   H N N 197 
LEU HD11 H N N 198 
LEU HD12 H N N 199 
LEU HD13 H N N 200 
LEU HD21 H N N 201 
LEU HD22 H N N 202 
LEU HD23 H N N 203 
LEU HXT  H N N 204 
LYS N    N N N 205 
LYS CA   C N S 206 
LYS C    C N N 207 
LYS O    O N N 208 
LYS CB   C N N 209 
LYS CG   C N N 210 
LYS CD   C N N 211 
LYS CE   C N N 212 
LYS NZ   N N N 213 
LYS OXT  O N N 214 
LYS H    H N N 215 
LYS H2   H N N 216 
LYS HA   H N N 217 
LYS HB2  H N N 218 
LYS HB3  H N N 219 
LYS HG2  H N N 220 
LYS HG3  H N N 221 
LYS HD2  H N N 222 
LYS HD3  H N N 223 
LYS HE2  H N N 224 
LYS HE3  H N N 225 
LYS HZ1  H N N 226 
LYS HZ2  H N N 227 
LYS HZ3  H N N 228 
LYS HXT  H N N 229 
MET N    N N N 230 
MET CA   C N S 231 
MET C    C N N 232 
MET O    O N N 233 
MET CB   C N N 234 
MET CG   C N N 235 
MET SD   S N N 236 
MET CE   C N N 237 
MET OXT  O N N 238 
MET H    H N N 239 
MET H2   H N N 240 
MET HA   H N N 241 
MET HB2  H N N 242 
MET HB3  H N N 243 
MET HG2  H N N 244 
MET HG3  H N N 245 
MET HE1  H N N 246 
MET HE2  H N N 247 
MET HE3  H N N 248 
MET HXT  H N N 249 
PHE N    N N N 250 
PHE CA   C N S 251 
PHE C    C N N 252 
PHE O    O N N 253 
PHE CB   C N N 254 
PHE CG   C Y N 255 
PHE CD1  C Y N 256 
PHE CD2  C Y N 257 
PHE CE1  C Y N 258 
PHE CE2  C Y N 259 
PHE CZ   C Y N 260 
PHE OXT  O N N 261 
PHE H    H N N 262 
PHE H2   H N N 263 
PHE HA   H N N 264 
PHE HB2  H N N 265 
PHE HB3  H N N 266 
PHE HD1  H N N 267 
PHE HD2  H N N 268 
PHE HE1  H N N 269 
PHE HE2  H N N 270 
PHE HZ   H N N 271 
PHE HXT  H N N 272 
PRO N    N N N 273 
PRO CA   C N S 274 
PRO C    C N N 275 
PRO O    O N N 276 
PRO CB   C N N 277 
PRO CG   C N N 278 
PRO CD   C N N 279 
PRO OXT  O N N 280 
PRO H    H N N 281 
PRO HA   H N N 282 
PRO HB2  H N N 283 
PRO HB3  H N N 284 
PRO HG2  H N N 285 
PRO HG3  H N N 286 
PRO HD2  H N N 287 
PRO HD3  H N N 288 
PRO HXT  H N N 289 
SER N    N N N 290 
SER CA   C N S 291 
SER C    C N N 292 
SER O    O N N 293 
SER CB   C N N 294 
SER OG   O N N 295 
SER OXT  O N N 296 
SER H    H N N 297 
SER H2   H N N 298 
SER HA   H N N 299 
SER HB2  H N N 300 
SER HB3  H N N 301 
SER HG   H N N 302 
SER HXT  H N N 303 
SO4 S    S N N 304 
SO4 O1   O N N 305 
SO4 O2   O N N 306 
SO4 O3   O N N 307 
SO4 O4   O N N 308 
THR N    N N N 309 
THR CA   C N S 310 
THR C    C N N 311 
THR O    O N N 312 
THR CB   C N R 313 
THR OG1  O N N 314 
THR CG2  C N N 315 
THR OXT  O N N 316 
THR H    H N N 317 
THR H2   H N N 318 
THR HA   H N N 319 
THR HB   H N N 320 
THR HG1  H N N 321 
THR HG21 H N N 322 
THR HG22 H N N 323 
THR HG23 H N N 324 
THR HXT  H N N 325 
TRP N    N N N 326 
TRP CA   C N S 327 
TRP C    C N N 328 
TRP O    O N N 329 
TRP CB   C N N 330 
TRP CG   C Y N 331 
TRP CD1  C Y N 332 
TRP CD2  C Y N 333 
TRP NE1  N Y N 334 
TRP CE2  C Y N 335 
TRP CE3  C Y N 336 
TRP CZ2  C Y N 337 
TRP CZ3  C Y N 338 
TRP CH2  C Y N 339 
TRP OXT  O N N 340 
TRP H    H N N 341 
TRP H2   H N N 342 
TRP HA   H N N 343 
TRP HB2  H N N 344 
TRP HB3  H N N 345 
TRP HD1  H N N 346 
TRP HE1  H N N 347 
TRP HE3  H N N 348 
TRP HZ2  H N N 349 
TRP HZ3  H N N 350 
TRP HH2  H N N 351 
TRP HXT  H N N 352 
TYR N    N N N 353 
TYR CA   C N S 354 
TYR C    C N N 355 
TYR O    O N N 356 
TYR CB   C N N 357 
TYR CG   C Y N 358 
TYR CD1  C Y N 359 
TYR CD2  C Y N 360 
TYR CE1  C Y N 361 
TYR CE2  C Y N 362 
TYR CZ   C Y N 363 
TYR OH   O N N 364 
TYR OXT  O N N 365 
TYR H    H N N 366 
TYR H2   H N N 367 
TYR HA   H N N 368 
TYR HB2  H N N 369 
TYR HB3  H N N 370 
TYR HD1  H N N 371 
TYR HD2  H N N 372 
TYR HE1  H N N 373 
TYR HE2  H N N 374 
TYR HH   H N N 375 
TYR HXT  H N N 376 
VAL N    N N N 377 
VAL CA   C N S 378 
VAL C    C N N 379 
VAL O    O N N 380 
VAL CB   C N N 381 
VAL CG1  C N N 382 
VAL CG2  C N N 383 
VAL OXT  O N N 384 
VAL H    H N N 385 
VAL H2   H N N 386 
VAL HA   H N N 387 
VAL HB   H N N 388 
VAL HG11 H N N 389 
VAL HG12 H N N 390 
VAL HG13 H N N 391 
VAL HG21 H N N 392 
VAL HG22 H N N 393 
VAL HG23 H N N 394 
VAL HXT  H N N 395 
# 
loop_
_chem_comp_bond.comp_id 
_chem_comp_bond.atom_id_1 
_chem_comp_bond.atom_id_2 
_chem_comp_bond.value_order 
_chem_comp_bond.pdbx_aromatic_flag 
_chem_comp_bond.pdbx_stereo_config 
_chem_comp_bond.pdbx_ordinal 
ALA N   CA   sing N N 1   
ALA N   H    sing N N 2   
ALA N   H2   sing N N 3   
ALA CA  C    sing N N 4   
ALA CA  CB   sing N N 5   
ALA CA  HA   sing N N 6   
ALA C   O    doub N N 7   
ALA C   OXT  sing N N 8   
ALA CB  HB1  sing N N 9   
ALA CB  HB2  sing N N 10  
ALA CB  HB3  sing N N 11  
ALA OXT HXT  sing N N 12  
ARG N   CA   sing N N 13  
ARG N   H    sing N N 14  
ARG N   H2   sing N N 15  
ARG CA  C    sing N N 16  
ARG CA  CB   sing N N 17  
ARG CA  HA   sing N N 18  
ARG C   O    doub N N 19  
ARG C   OXT  sing N N 20  
ARG CB  CG   sing N N 21  
ARG CB  HB2  sing N N 22  
ARG CB  HB3  sing N N 23  
ARG CG  CD   sing N N 24  
ARG CG  HG2  sing N N 25  
ARG CG  HG3  sing N N 26  
ARG CD  NE   sing N N 27  
ARG CD  HD2  sing N N 28  
ARG CD  HD3  sing N N 29  
ARG NE  CZ   sing N N 30  
ARG NE  HE   sing N N 31  
ARG CZ  NH1  sing N N 32  
ARG CZ  NH2  doub N N 33  
ARG NH1 HH11 sing N N 34  
ARG NH1 HH12 sing N N 35  
ARG NH2 HH21 sing N N 36  
ARG NH2 HH22 sing N N 37  
ARG OXT HXT  sing N N 38  
ASN N   CA   sing N N 39  
ASN N   H    sing N N 40  
ASN N   H2   sing N N 41  
ASN CA  C    sing N N 42  
ASN CA  CB   sing N N 43  
ASN CA  HA   sing N N 44  
ASN C   O    doub N N 45  
ASN C   OXT  sing N N 46  
ASN CB  CG   sing N N 47  
ASN CB  HB2  sing N N 48  
ASN CB  HB3  sing N N 49  
ASN CG  OD1  doub N N 50  
ASN CG  ND2  sing N N 51  
ASN ND2 HD21 sing N N 52  
ASN ND2 HD22 sing N N 53  
ASN OXT HXT  sing N N 54  
ASP N   CA   sing N N 55  
ASP N   H    sing N N 56  
ASP N   H2   sing N N 57  
ASP CA  C    sing N N 58  
ASP CA  CB   sing N N 59  
ASP CA  HA   sing N N 60  
ASP C   O    doub N N 61  
ASP C   OXT  sing N N 62  
ASP CB  CG   sing N N 63  
ASP CB  HB2  sing N N 64  
ASP CB  HB3  sing N N 65  
ASP CG  OD1  doub N N 66  
ASP CG  OD2  sing N N 67  
ASP OD2 HD2  sing N N 68  
ASP OXT HXT  sing N N 69  
CYS N   CA   sing N N 70  
CYS N   H    sing N N 71  
CYS N   H2   sing N N 72  
CYS CA  C    sing N N 73  
CYS CA  CB   sing N N 74  
CYS CA  HA   sing N N 75  
CYS C   O    doub N N 76  
CYS C   OXT  sing N N 77  
CYS CB  SG   sing N N 78  
CYS CB  HB2  sing N N 79  
CYS CB  HB3  sing N N 80  
CYS SG  HG   sing N N 81  
CYS OXT HXT  sing N N 82  
GLN N   CA   sing N N 83  
GLN N   H    sing N N 84  
GLN N   H2   sing N N 85  
GLN CA  C    sing N N 86  
GLN CA  CB   sing N N 87  
GLN CA  HA   sing N N 88  
GLN C   O    doub N N 89  
GLN C   OXT  sing N N 90  
GLN CB  CG   sing N N 91  
GLN CB  HB2  sing N N 92  
GLN CB  HB3  sing N N 93  
GLN CG  CD   sing N N 94  
GLN CG  HG2  sing N N 95  
GLN CG  HG3  sing N N 96  
GLN CD  OE1  doub N N 97  
GLN CD  NE2  sing N N 98  
GLN NE2 HE21 sing N N 99  
GLN NE2 HE22 sing N N 100 
GLN OXT HXT  sing N N 101 
GLU N   CA   sing N N 102 
GLU N   H    sing N N 103 
GLU N   H2   sing N N 104 
GLU CA  C    sing N N 105 
GLU CA  CB   sing N N 106 
GLU CA  HA   sing N N 107 
GLU C   O    doub N N 108 
GLU C   OXT  sing N N 109 
GLU CB  CG   sing N N 110 
GLU CB  HB2  sing N N 111 
GLU CB  HB3  sing N N 112 
GLU CG  CD   sing N N 113 
GLU CG  HG2  sing N N 114 
GLU CG  HG3  sing N N 115 
GLU CD  OE1  doub N N 116 
GLU CD  OE2  sing N N 117 
GLU OE2 HE2  sing N N 118 
GLU OXT HXT  sing N N 119 
GLY N   CA   sing N N 120 
GLY N   H    sing N N 121 
GLY N   H2   sing N N 122 
GLY CA  C    sing N N 123 
GLY CA  HA2  sing N N 124 
GLY CA  HA3  sing N N 125 
GLY C   O    doub N N 126 
GLY C   OXT  sing N N 127 
GLY OXT HXT  sing N N 128 
HIS N   CA   sing N N 129 
HIS N   H    sing N N 130 
HIS N   H2   sing N N 131 
HIS CA  C    sing N N 132 
HIS CA  CB   sing N N 133 
HIS CA  HA   sing N N 134 
HIS C   O    doub N N 135 
HIS C   OXT  sing N N 136 
HIS CB  CG   sing N N 137 
HIS CB  HB2  sing N N 138 
HIS CB  HB3  sing N N 139 
HIS CG  ND1  sing Y N 140 
HIS CG  CD2  doub Y N 141 
HIS ND1 CE1  doub Y N 142 
HIS ND1 HD1  sing N N 143 
HIS CD2 NE2  sing Y N 144 
HIS CD2 HD2  sing N N 145 
HIS CE1 NE2  sing Y N 146 
HIS CE1 HE1  sing N N 147 
HIS NE2 HE2  sing N N 148 
HIS OXT HXT  sing N N 149 
HOH O   H1   sing N N 150 
HOH O   H2   sing N N 151 
ILE N   CA   sing N N 152 
ILE N   H    sing N N 153 
ILE N   H2   sing N N 154 
ILE CA  C    sing N N 155 
ILE CA  CB   sing N N 156 
ILE CA  HA   sing N N 157 
ILE C   O    doub N N 158 
ILE C   OXT  sing N N 159 
ILE CB  CG1  sing N N 160 
ILE CB  CG2  sing N N 161 
ILE CB  HB   sing N N 162 
ILE CG1 CD1  sing N N 163 
ILE CG1 HG12 sing N N 164 
ILE CG1 HG13 sing N N 165 
ILE CG2 HG21 sing N N 166 
ILE CG2 HG22 sing N N 167 
ILE CG2 HG23 sing N N 168 
ILE CD1 HD11 sing N N 169 
ILE CD1 HD12 sing N N 170 
ILE CD1 HD13 sing N N 171 
ILE OXT HXT  sing N N 172 
LEU N   CA   sing N N 173 
LEU N   H    sing N N 174 
LEU N   H2   sing N N 175 
LEU CA  C    sing N N 176 
LEU CA  CB   sing N N 177 
LEU CA  HA   sing N N 178 
LEU C   O    doub N N 179 
LEU C   OXT  sing N N 180 
LEU CB  CG   sing N N 181 
LEU CB  HB2  sing N N 182 
LEU CB  HB3  sing N N 183 
LEU CG  CD1  sing N N 184 
LEU CG  CD2  sing N N 185 
LEU CG  HG   sing N N 186 
LEU CD1 HD11 sing N N 187 
LEU CD1 HD12 sing N N 188 
LEU CD1 HD13 sing N N 189 
LEU CD2 HD21 sing N N 190 
LEU CD2 HD22 sing N N 191 
LEU CD2 HD23 sing N N 192 
LEU OXT HXT  sing N N 193 
LYS N   CA   sing N N 194 
LYS N   H    sing N N 195 
LYS N   H2   sing N N 196 
LYS CA  C    sing N N 197 
LYS CA  CB   sing N N 198 
LYS CA  HA   sing N N 199 
LYS C   O    doub N N 200 
LYS C   OXT  sing N N 201 
LYS CB  CG   sing N N 202 
LYS CB  HB2  sing N N 203 
LYS CB  HB3  sing N N 204 
LYS CG  CD   sing N N 205 
LYS CG  HG2  sing N N 206 
LYS CG  HG3  sing N N 207 
LYS CD  CE   sing N N 208 
LYS CD  HD2  sing N N 209 
LYS CD  HD3  sing N N 210 
LYS CE  NZ   sing N N 211 
LYS CE  HE2  sing N N 212 
LYS CE  HE3  sing N N 213 
LYS NZ  HZ1  sing N N 214 
LYS NZ  HZ2  sing N N 215 
LYS NZ  HZ3  sing N N 216 
LYS OXT HXT  sing N N 217 
MET N   CA   sing N N 218 
MET N   H    sing N N 219 
MET N   H2   sing N N 220 
MET CA  C    sing N N 221 
MET CA  CB   sing N N 222 
MET CA  HA   sing N N 223 
MET C   O    doub N N 224 
MET C   OXT  sing N N 225 
MET CB  CG   sing N N 226 
MET CB  HB2  sing N N 227 
MET CB  HB3  sing N N 228 
MET CG  SD   sing N N 229 
MET CG  HG2  sing N N 230 
MET CG  HG3  sing N N 231 
MET SD  CE   sing N N 232 
MET CE  HE1  sing N N 233 
MET CE  HE2  sing N N 234 
MET CE  HE3  sing N N 235 
MET OXT HXT  sing N N 236 
PHE N   CA   sing N N 237 
PHE N   H    sing N N 238 
PHE N   H2   sing N N 239 
PHE CA  C    sing N N 240 
PHE CA  CB   sing N N 241 
PHE CA  HA   sing N N 242 
PHE C   O    doub N N 243 
PHE C   OXT  sing N N 244 
PHE CB  CG   sing N N 245 
PHE CB  HB2  sing N N 246 
PHE CB  HB3  sing N N 247 
PHE CG  CD1  doub Y N 248 
PHE CG  CD2  sing Y N 249 
PHE CD1 CE1  sing Y N 250 
PHE CD1 HD1  sing N N 251 
PHE CD2 CE2  doub Y N 252 
PHE CD2 HD2  sing N N 253 
PHE CE1 CZ   doub Y N 254 
PHE CE1 HE1  sing N N 255 
PHE CE2 CZ   sing Y N 256 
PHE CE2 HE2  sing N N 257 
PHE CZ  HZ   sing N N 258 
PHE OXT HXT  sing N N 259 
PRO N   CA   sing N N 260 
PRO N   CD   sing N N 261 
PRO N   H    sing N N 262 
PRO CA  C    sing N N 263 
PRO CA  CB   sing N N 264 
PRO CA  HA   sing N N 265 
PRO C   O    doub N N 266 
PRO C   OXT  sing N N 267 
PRO CB  CG   sing N N 268 
PRO CB  HB2  sing N N 269 
PRO CB  HB3  sing N N 270 
PRO CG  CD   sing N N 271 
PRO CG  HG2  sing N N 272 
PRO CG  HG3  sing N N 273 
PRO CD  HD2  sing N N 274 
PRO CD  HD3  sing N N 275 
PRO OXT HXT  sing N N 276 
SER N   CA   sing N N 277 
SER N   H    sing N N 278 
SER N   H2   sing N N 279 
SER CA  C    sing N N 280 
SER CA  CB   sing N N 281 
SER CA  HA   sing N N 282 
SER C   O    doub N N 283 
SER C   OXT  sing N N 284 
SER CB  OG   sing N N 285 
SER CB  HB2  sing N N 286 
SER CB  HB3  sing N N 287 
SER OG  HG   sing N N 288 
SER OXT HXT  sing N N 289 
SO4 S   O1   doub N N 290 
SO4 S   O2   doub N N 291 
SO4 S   O3   sing N N 292 
SO4 S   O4   sing N N 293 
THR N   CA   sing N N 294 
THR N   H    sing N N 295 
THR N   H2   sing N N 296 
THR CA  C    sing N N 297 
THR CA  CB   sing N N 298 
THR CA  HA   sing N N 299 
THR C   O    doub N N 300 
THR C   OXT  sing N N 301 
THR CB  OG1  sing N N 302 
THR CB  CG2  sing N N 303 
THR CB  HB   sing N N 304 
THR OG1 HG1  sing N N 305 
THR CG2 HG21 sing N N 306 
THR CG2 HG22 sing N N 307 
THR CG2 HG23 sing N N 308 
THR OXT HXT  sing N N 309 
TRP N   CA   sing N N 310 
TRP N   H    sing N N 311 
TRP N   H2   sing N N 312 
TRP CA  C    sing N N 313 
TRP CA  CB   sing N N 314 
TRP CA  HA   sing N N 315 
TRP C   O    doub N N 316 
TRP C   OXT  sing N N 317 
TRP CB  CG   sing N N 318 
TRP CB  HB2  sing N N 319 
TRP CB  HB3  sing N N 320 
TRP CG  CD1  doub Y N 321 
TRP CG  CD2  sing Y N 322 
TRP CD1 NE1  sing Y N 323 
TRP CD1 HD1  sing N N 324 
TRP CD2 CE2  doub Y N 325 
TRP CD2 CE3  sing Y N 326 
TRP NE1 CE2  sing Y N 327 
TRP NE1 HE1  sing N N 328 
TRP CE2 CZ2  sing Y N 329 
TRP CE3 CZ3  doub Y N 330 
TRP CE3 HE3  sing N N 331 
TRP CZ2 CH2  doub Y N 332 
TRP CZ2 HZ2  sing N N 333 
TRP CZ3 CH2  sing Y N 334 
TRP CZ3 HZ3  sing N N 335 
TRP CH2 HH2  sing N N 336 
TRP OXT HXT  sing N N 337 
TYR N   CA   sing N N 338 
TYR N   H    sing N N 339 
TYR N   H2   sing N N 340 
TYR CA  C    sing N N 341 
TYR CA  CB   sing N N 342 
TYR CA  HA   sing N N 343 
TYR C   O    doub N N 344 
TYR C   OXT  sing N N 345 
TYR CB  CG   sing N N 346 
TYR CB  HB2  sing N N 347 
TYR CB  HB3  sing N N 348 
TYR CG  CD1  doub Y N 349 
TYR CG  CD2  sing Y N 350 
TYR CD1 CE1  sing Y N 351 
TYR CD1 HD1  sing N N 352 
TYR CD2 CE2  doub Y N 353 
TYR CD2 HD2  sing N N 354 
TYR CE1 CZ   doub Y N 355 
TYR CE1 HE1  sing N N 356 
TYR CE2 CZ   sing Y N 357 
TYR CE2 HE2  sing N N 358 
TYR CZ  OH   sing N N 359 
TYR OH  HH   sing N N 360 
TYR OXT HXT  sing N N 361 
VAL N   CA   sing N N 362 
VAL N   H    sing N N 363 
VAL N   H2   sing N N 364 
VAL CA  C    sing N N 365 
VAL CA  CB   sing N N 366 
VAL CA  HA   sing N N 367 
VAL C   O    doub N N 368 
VAL C   OXT  sing N N 369 
VAL CB  CG1  sing N N 370 
VAL CB  CG2  sing N N 371 
VAL CB  HB   sing N N 372 
VAL CG1 HG11 sing N N 373 
VAL CG1 HG12 sing N N 374 
VAL CG1 HG13 sing N N 375 
VAL CG2 HG21 sing N N 376 
VAL CG2 HG22 sing N N 377 
VAL CG2 HG23 sing N N 378 
VAL OXT HXT  sing N N 379 
# 
loop_
_pdbx_entity_nonpoly.entity_id 
_pdbx_entity_nonpoly.name 
_pdbx_entity_nonpoly.comp_id 
2 'SULFATE ION' SO4 
3 water         HOH 
# 
_pdbx_initial_refinement_model.id               1 
_pdbx_initial_refinement_model.entity_id_list   ? 
_pdbx_initial_refinement_model.type             'experimental model' 
_pdbx_initial_refinement_model.source_name      PDB 
_pdbx_initial_refinement_model.accession_code   2E6L 
_pdbx_initial_refinement_model.details          ? 
# 
